data_1JNI
# 
_entry.id   1JNI 
# 
_audit_conform.dict_name       mmcif_pdbx.dic 
_audit_conform.dict_version    5.398 
_audit_conform.dict_location   http://mmcif.pdb.org/dictionaries/ascii/mmcif_pdbx.dic 
# 
loop_
_database_2.database_id 
_database_2.database_code 
_database_2.pdbx_database_accession 
_database_2.pdbx_DOI 
PDB   1JNI         pdb_00001jni 10.2210/pdb1jni/pdb 
RCSB  RCSB013973   ?            ?                   
WWPDB D_1000013973 ?            ?                   
# 
loop_
_pdbx_audit_revision_history.ordinal 
_pdbx_audit_revision_history.data_content_type 
_pdbx_audit_revision_history.major_revision 
_pdbx_audit_revision_history.minor_revision 
_pdbx_audit_revision_history.revision_date 
1 'Structure model' 1 0 2002-05-17 
2 'Structure model' 1 1 2007-10-16 
3 'Structure model' 1 2 2011-07-13 
4 'Structure model' 2 0 2021-03-03 
5 'Structure model' 2 1 2024-11-06 
# 
_pdbx_audit_revision_details.ordinal             1 
_pdbx_audit_revision_details.revision_ordinal    1 
_pdbx_audit_revision_details.data_content_type   'Structure model' 
_pdbx_audit_revision_details.provider            repository 
_pdbx_audit_revision_details.type                'Initial release' 
_pdbx_audit_revision_details.description         ? 
_pdbx_audit_revision_details.details             ? 
# 
loop_
_pdbx_audit_revision_group.ordinal 
_pdbx_audit_revision_group.revision_ordinal 
_pdbx_audit_revision_group.data_content_type 
_pdbx_audit_revision_group.group 
1  2 'Structure model' 'Version format compliance' 
2  3 'Structure model' 'Version format compliance' 
3  4 'Structure model' Advisory                    
4  4 'Structure model' 'Atomic model'              
5  4 'Structure model' 'Data collection'           
6  4 'Structure model' 'Derived calculations'      
7  4 'Structure model' 'Non-polymer description'   
8  4 'Structure model' 'Structure summary'         
9  5 'Structure model' 'Data collection'           
10 5 'Structure model' 'Database references'       
11 5 'Structure model' 'Structure summary'         
# 
loop_
_pdbx_audit_revision_category.ordinal 
_pdbx_audit_revision_category.revision_ordinal 
_pdbx_audit_revision_category.data_content_type 
_pdbx_audit_revision_category.category 
1  4 'Structure model' atom_site                  
2  4 'Structure model' atom_site_anisotrop        
3  4 'Structure model' chem_comp                  
4  4 'Structure model' entity                     
5  4 'Structure model' pdbx_distant_solvent_atoms 
6  4 'Structure model' pdbx_entity_nonpoly        
7  4 'Structure model' pdbx_nonpoly_scheme        
8  4 'Structure model' pdbx_struct_conn_angle     
9  4 'Structure model' struct_conn                
10 4 'Structure model' struct_conn_type           
11 4 'Structure model' struct_site                
12 5 'Structure model' chem_comp_atom             
13 5 'Structure model' chem_comp_bond             
14 5 'Structure model' database_2                 
15 5 'Structure model' pdbx_entry_details         
16 5 'Structure model' pdbx_modification_feature  
# 
loop_
_pdbx_audit_revision_item.ordinal 
_pdbx_audit_revision_item.revision_ordinal 
_pdbx_audit_revision_item.data_content_type 
_pdbx_audit_revision_item.item 
1  4 'Structure model' '_atom_site.B_iso_or_equiv'                   
2  4 'Structure model' '_atom_site.Cartn_x'                          
3  4 'Structure model' '_atom_site.Cartn_y'                          
4  4 'Structure model' '_atom_site.Cartn_z'                          
5  4 'Structure model' '_atom_site.auth_atom_id'                     
6  4 'Structure model' '_atom_site.auth_comp_id'                     
7  4 'Structure model' '_atom_site.label_atom_id'                    
8  4 'Structure model' '_atom_site.label_comp_id'                    
9  4 'Structure model' '_atom_site.type_symbol'                      
10 4 'Structure model' '_atom_site_anisotrop.U[1][1]'                
11 4 'Structure model' '_atom_site_anisotrop.U[1][2]'                
12 4 'Structure model' '_atom_site_anisotrop.U[1][3]'                
13 4 'Structure model' '_atom_site_anisotrop.U[2][2]'                
14 4 'Structure model' '_atom_site_anisotrop.U[2][3]'                
15 4 'Structure model' '_atom_site_anisotrop.U[3][3]'                
16 4 'Structure model' '_atom_site_anisotrop.pdbx_auth_atom_id'      
17 4 'Structure model' '_atom_site_anisotrop.pdbx_auth_comp_id'      
18 4 'Structure model' '_atom_site_anisotrop.pdbx_label_atom_id'     
19 4 'Structure model' '_atom_site_anisotrop.pdbx_label_comp_id'     
20 4 'Structure model' '_atom_site_anisotrop.type_symbol'            
21 4 'Structure model' '_chem_comp.formula'                          
22 4 'Structure model' '_chem_comp.formula_weight'                   
23 4 'Structure model' '_chem_comp.id'                               
24 4 'Structure model' '_chem_comp.name'                             
25 4 'Structure model' '_chem_comp.pdbx_synonyms'                    
26 4 'Structure model' '_entity.formula_weight'                      
27 4 'Structure model' '_entity.pdbx_description'                    
28 4 'Structure model' '_pdbx_entity_nonpoly.comp_id'                
29 4 'Structure model' '_pdbx_entity_nonpoly.name'                   
30 4 'Structure model' '_pdbx_nonpoly_scheme.mon_id'                 
31 4 'Structure model' '_pdbx_nonpoly_scheme.pdb_mon_id'             
32 4 'Structure model' '_pdbx_struct_conn_angle.ptnr1_auth_comp_id'  
33 4 'Structure model' '_pdbx_struct_conn_angle.ptnr1_label_comp_id' 
34 4 'Structure model' '_pdbx_struct_conn_angle.ptnr2_auth_comp_id'  
35 4 'Structure model' '_pdbx_struct_conn_angle.ptnr2_label_comp_id' 
36 4 'Structure model' '_pdbx_struct_conn_angle.ptnr3_auth_comp_id'  
37 4 'Structure model' '_pdbx_struct_conn_angle.ptnr3_label_comp_id' 
38 4 'Structure model' '_struct_conn.conn_type_id'                   
39 4 'Structure model' '_struct_conn.id'                             
40 4 'Structure model' '_struct_conn.pdbx_dist_value'                
41 4 'Structure model' '_struct_conn.pdbx_leaving_atom_flag'         
42 4 'Structure model' '_struct_conn.ptnr1_auth_comp_id'             
43 4 'Structure model' '_struct_conn.ptnr1_auth_seq_id'              
44 4 'Structure model' '_struct_conn.ptnr1_label_atom_id'            
45 4 'Structure model' '_struct_conn.ptnr1_label_comp_id'            
46 4 'Structure model' '_struct_conn.ptnr1_label_seq_id'             
47 4 'Structure model' '_struct_conn.ptnr2_auth_comp_id'             
48 4 'Structure model' '_struct_conn.ptnr2_label_atom_id'            
49 4 'Structure model' '_struct_conn.ptnr2_label_comp_id'            
50 4 'Structure model' '_struct_conn_type.id'                        
51 4 'Structure model' '_struct_site.details'                        
52 4 'Structure model' '_struct_site.pdbx_auth_asym_id'              
53 4 'Structure model' '_struct_site.pdbx_auth_comp_id'              
54 4 'Structure model' '_struct_site.pdbx_auth_seq_id'               
55 5 'Structure model' '_database_2.pdbx_DOI'                        
56 5 'Structure model' '_database_2.pdbx_database_accession'         
# 
_pdbx_database_status.status_code                     REL 
_pdbx_database_status.entry_id                        1JNI 
_pdbx_database_status.recvd_initial_deposition_date   2001-07-24 
_pdbx_database_status.deposit_site                    RCSB 
_pdbx_database_status.process_site                    RCSB 
_pdbx_database_status.SG_entry                        . 
_pdbx_database_status.pdb_format_compatible           Y 
_pdbx_database_status.status_code_mr                  ? 
_pdbx_database_status.status_code_sf                  ? 
_pdbx_database_status.status_code_cs                  ? 
_pdbx_database_status.status_code_nmr_data            ? 
_pdbx_database_status.methods_development_category    ? 
# 
loop_
_audit_author.name 
_audit_author.pdbx_ordinal 
'Brige, A.'         1 
'Leys, D.'          2 
'Meyer, T.E.'       3 
'Cusanovich, M.A.'  4 
'Van Beeumen, J.J.' 5 
# 
_citation.id                        primary 
_citation.title                     
;The 1.25 A resolution structure of the diheme NapB subunit of soluble nitrate reductase reveals a novel cytochrome c fold with a stacked heme arrangement.
;
_citation.journal_abbrev            Biochemistry 
_citation.journal_volume            41 
_citation.page_first                4827 
_citation.page_last                 4836 
_citation.year                      2002 
_citation.journal_id_ASTM           BICHAW 
_citation.country                   US 
_citation.journal_id_ISSN           0006-2960 
_citation.journal_id_CSD            0033 
_citation.book_publisher            ? 
_citation.pdbx_database_id_PubMed   11939777 
_citation.pdbx_database_id_DOI      10.1021/bi012144b 
# 
loop_
_citation_author.citation_id 
_citation_author.name 
_citation_author.ordinal 
_citation_author.identifier_ORCID 
primary 'Brige, A.'         1 ? 
primary 'Leys, D.'          2 ? 
primary 'Meyer, T.E.'       3 ? 
primary 'Cusanovich, M.A.'  4 ? 
primary 'Van Beeumen, J.J.' 5 ? 
# 
loop_
_entity.id 
_entity.type 
_entity.src_method 
_entity.pdbx_description 
_entity.formula_weight 
_entity.pdbx_number_of_molecules 
_entity.pdbx_ec 
_entity.pdbx_mutation 
_entity.pdbx_fragment 
_entity.details 
1 polymer     man 'DIHEME CYTOCHROME C NAPB' 13444.035 1   ? ? 'SMALL SUBUNIT OF THE PERIPLASMIC NITRATE REDUCTASE' ? 
2 non-polymer syn 'HEME C'                   618.503   2   ? ? ?                                                    ? 
3 water       nat water                      18.015    128 ? ? ?                                                    ? 
# 
_entity_name_com.entity_id   1 
_entity_name_com.name        'periplasmic nitrate reductase; napB' 
# 
_entity_poly.entity_id                      1 
_entity_poly.type                           'polypeptide(L)' 
_entity_poly.nstd_linkage                   no 
_entity_poly.nstd_monomer                   no 
_entity_poly.pdbx_seq_one_letter_code       
;DAPAVGKDLTQAAENIPPAFHNAPRQGELPALNYVNQPPMVPHSVANYQVTKNVNQCLNCHSPENSRLSGATRISPTHFM
DRDGKVGSSSSPRRYFCLQCHVSQANVDPIVPNDFKPMKGYGN
;
_entity_poly.pdbx_seq_one_letter_code_can   
;DAPAVGKDLTQAAENIPPAFHNAPRQGELPALNYVNQPPMVPHSVANYQVTKNVNQCLNCHSPENSRLSGATRISPTHFM
DRDGKVGSSSSPRRYFCLQCHVSQANVDPIVPNDFKPMKGYGN
;
_entity_poly.pdbx_strand_id                 A 
_entity_poly.pdbx_target_identifier         ? 
# 
loop_
_pdbx_entity_nonpoly.entity_id 
_pdbx_entity_nonpoly.name 
_pdbx_entity_nonpoly.comp_id 
2 'HEME C' HEC 
3 water    HOH 
# 
loop_
_entity_poly_seq.entity_id 
_entity_poly_seq.num 
_entity_poly_seq.mon_id 
_entity_poly_seq.hetero 
1 1   ASP n 
1 2   ALA n 
1 3   PRO n 
1 4   ALA n 
1 5   VAL n 
1 6   GLY n 
1 7   LYS n 
1 8   ASP n 
1 9   LEU n 
1 10  THR n 
1 11  GLN n 
1 12  ALA n 
1 13  ALA n 
1 14  GLU n 
1 15  ASN n 
1 16  ILE n 
1 17  PRO n 
1 18  PRO n 
1 19  ALA n 
1 20  PHE n 
1 21  HIS n 
1 22  ASN n 
1 23  ALA n 
1 24  PRO n 
1 25  ARG n 
1 26  GLN n 
1 27  GLY n 
1 28  GLU n 
1 29  LEU n 
1 30  PRO n 
1 31  ALA n 
1 32  LEU n 
1 33  ASN n 
1 34  TYR n 
1 35  VAL n 
1 36  ASN n 
1 37  GLN n 
1 38  PRO n 
1 39  PRO n 
1 40  MET n 
1 41  VAL n 
1 42  PRO n 
1 43  HIS n 
1 44  SER n 
1 45  VAL n 
1 46  ALA n 
1 47  ASN n 
1 48  TYR n 
1 49  GLN n 
1 50  VAL n 
1 51  THR n 
1 52  LYS n 
1 53  ASN n 
1 54  VAL n 
1 55  ASN n 
1 56  GLN n 
1 57  CYS n 
1 58  LEU n 
1 59  ASN n 
1 60  CYS n 
1 61  HIS n 
1 62  SER n 
1 63  PRO n 
1 64  GLU n 
1 65  ASN n 
1 66  SER n 
1 67  ARG n 
1 68  LEU n 
1 69  SER n 
1 70  GLY n 
1 71  ALA n 
1 72  THR n 
1 73  ARG n 
1 74  ILE n 
1 75  SER n 
1 76  PRO n 
1 77  THR n 
1 78  HIS n 
1 79  PHE n 
1 80  MET n 
1 81  ASP n 
1 82  ARG n 
1 83  ASP n 
1 84  GLY n 
1 85  LYS n 
1 86  VAL n 
1 87  GLY n 
1 88  SER n 
1 89  SER n 
1 90  SER n 
1 91  SER n 
1 92  PRO n 
1 93  ARG n 
1 94  ARG n 
1 95  TYR n 
1 96  PHE n 
1 97  CYS n 
1 98  LEU n 
1 99  GLN n 
1 100 CYS n 
1 101 HIS n 
1 102 VAL n 
1 103 SER n 
1 104 GLN n 
1 105 ALA n 
1 106 ASN n 
1 107 VAL n 
1 108 ASP n 
1 109 PRO n 
1 110 ILE n 
1 111 VAL n 
1 112 PRO n 
1 113 ASN n 
1 114 ASP n 
1 115 PHE n 
1 116 LYS n 
1 117 PRO n 
1 118 MET n 
1 119 LYS n 
1 120 GLY n 
1 121 TYR n 
1 122 GLY n 
1 123 ASN n 
# 
_entity_src_gen.entity_id                          1 
_entity_src_gen.pdbx_src_id                        1 
_entity_src_gen.pdbx_alt_source_flag               sample 
_entity_src_gen.pdbx_seq_type                      ? 
_entity_src_gen.pdbx_beg_seq_num                   ? 
_entity_src_gen.pdbx_end_seq_num                   ? 
_entity_src_gen.gene_src_common_name               ? 
_entity_src_gen.gene_src_genus                     Haemophilus 
_entity_src_gen.pdbx_gene_src_gene                 ? 
_entity_src_gen.gene_src_species                   ? 
_entity_src_gen.gene_src_strain                    ? 
_entity_src_gen.gene_src_tissue                    ? 
_entity_src_gen.gene_src_tissue_fraction           ? 
_entity_src_gen.gene_src_details                   ? 
_entity_src_gen.pdbx_gene_src_fragment             ? 
_entity_src_gen.pdbx_gene_src_scientific_name      'Haemophilus influenzae' 
_entity_src_gen.pdbx_gene_src_ncbi_taxonomy_id     727 
_entity_src_gen.pdbx_gene_src_variant              ? 
_entity_src_gen.pdbx_gene_src_cell_line            ? 
_entity_src_gen.pdbx_gene_src_atcc                 ? 
_entity_src_gen.pdbx_gene_src_organ                ? 
_entity_src_gen.pdbx_gene_src_organelle            ? 
_entity_src_gen.pdbx_gene_src_cell                 ? 
_entity_src_gen.pdbx_gene_src_cellular_location    ? 
_entity_src_gen.host_org_common_name               ? 
_entity_src_gen.pdbx_host_org_scientific_name      'Escherichia coli' 
_entity_src_gen.pdbx_host_org_ncbi_taxonomy_id     562 
_entity_src_gen.host_org_genus                     Escherichia 
_entity_src_gen.pdbx_host_org_gene                 ? 
_entity_src_gen.pdbx_host_org_organ                ? 
_entity_src_gen.host_org_species                   ? 
_entity_src_gen.pdbx_host_org_tissue               ? 
_entity_src_gen.pdbx_host_org_tissue_fraction      ? 
_entity_src_gen.pdbx_host_org_strain               ? 
_entity_src_gen.pdbx_host_org_variant              ? 
_entity_src_gen.pdbx_host_org_cell_line            ? 
_entity_src_gen.pdbx_host_org_atcc                 ? 
_entity_src_gen.pdbx_host_org_culture_collection   ? 
_entity_src_gen.pdbx_host_org_cell                 ? 
_entity_src_gen.pdbx_host_org_organelle            ? 
_entity_src_gen.pdbx_host_org_cellular_location    ? 
_entity_src_gen.pdbx_host_org_vector_type          ? 
_entity_src_gen.pdbx_host_org_vector               ? 
_entity_src_gen.host_org_details                   ? 
_entity_src_gen.expression_system_id               ? 
_entity_src_gen.plasmid_name                       ? 
_entity_src_gen.plasmid_details                    ? 
_entity_src_gen.pdbx_description                   ? 
# 
loop_
_chem_comp.id 
_chem_comp.type 
_chem_comp.mon_nstd_flag 
_chem_comp.name 
_chem_comp.pdbx_synonyms 
_chem_comp.formula 
_chem_comp.formula_weight 
ALA 'L-peptide linking' y ALANINE         ? 'C3 H7 N O2'       89.093  
ARG 'L-peptide linking' y ARGININE        ? 'C6 H15 N4 O2 1'   175.209 
ASN 'L-peptide linking' y ASPARAGINE      ? 'C4 H8 N2 O3'      132.118 
ASP 'L-peptide linking' y 'ASPARTIC ACID' ? 'C4 H7 N O4'       133.103 
CYS 'L-peptide linking' y CYSTEINE        ? 'C3 H7 N O2 S'     121.158 
GLN 'L-peptide linking' y GLUTAMINE       ? 'C5 H10 N2 O3'     146.144 
GLU 'L-peptide linking' y 'GLUTAMIC ACID' ? 'C5 H9 N O4'       147.129 
GLY 'peptide linking'   y GLYCINE         ? 'C2 H5 N O2'       75.067  
HEC non-polymer         . 'HEME C'        ? 'C34 H34 Fe N4 O4' 618.503 
HIS 'L-peptide linking' y HISTIDINE       ? 'C6 H10 N3 O2 1'   156.162 
HOH non-polymer         . WATER           ? 'H2 O'             18.015  
ILE 'L-peptide linking' y ISOLEUCINE      ? 'C6 H13 N O2'      131.173 
LEU 'L-peptide linking' y LEUCINE         ? 'C6 H13 N O2'      131.173 
LYS 'L-peptide linking' y LYSINE          ? 'C6 H15 N2 O2 1'   147.195 
MET 'L-peptide linking' y METHIONINE      ? 'C5 H11 N O2 S'    149.211 
PHE 'L-peptide linking' y PHENYLALANINE   ? 'C9 H11 N O2'      165.189 
PRO 'L-peptide linking' y PROLINE         ? 'C5 H9 N O2'       115.130 
SER 'L-peptide linking' y SERINE          ? 'C3 H7 N O3'       105.093 
THR 'L-peptide linking' y THREONINE       ? 'C4 H9 N O3'       119.119 
TYR 'L-peptide linking' y TYROSINE        ? 'C9 H11 N O3'      181.189 
VAL 'L-peptide linking' y VALINE          ? 'C5 H11 N O2'      117.146 
# 
loop_
_pdbx_poly_seq_scheme.asym_id 
_pdbx_poly_seq_scheme.entity_id 
_pdbx_poly_seq_scheme.seq_id 
_pdbx_poly_seq_scheme.mon_id 
_pdbx_poly_seq_scheme.ndb_seq_num 
_pdbx_poly_seq_scheme.pdb_seq_num 
_pdbx_poly_seq_scheme.auth_seq_num 
_pdbx_poly_seq_scheme.pdb_mon_id 
_pdbx_poly_seq_scheme.auth_mon_id 
_pdbx_poly_seq_scheme.pdb_strand_id 
_pdbx_poly_seq_scheme.pdb_ins_code 
_pdbx_poly_seq_scheme.hetero 
A 1 1   ASP 1   2   ?   ?   ?   A . n 
A 1 2   ALA 2   3   ?   ?   ?   A . n 
A 1 3   PRO 3   4   ?   ?   ?   A . n 
A 1 4   ALA 4   5   ?   ?   ?   A . n 
A 1 5   VAL 5   6   ?   ?   ?   A . n 
A 1 6   GLY 6   7   ?   ?   ?   A . n 
A 1 7   LYS 7   8   ?   ?   ?   A . n 
A 1 8   ASP 8   9   ?   ?   ?   A . n 
A 1 9   LEU 9   10  ?   ?   ?   A . n 
A 1 10  THR 10  11  ?   ?   ?   A . n 
A 1 11  GLN 11  12  ?   ?   ?   A . n 
A 1 12  ALA 12  13  ?   ?   ?   A . n 
A 1 13  ALA 13  14  ?   ?   ?   A . n 
A 1 14  GLU 14  15  ?   ?   ?   A . n 
A 1 15  ASN 15  16  ?   ?   ?   A . n 
A 1 16  ILE 16  17  ?   ?   ?   A . n 
A 1 17  PRO 17  18  ?   ?   ?   A . n 
A 1 18  PRO 18  19  ?   ?   ?   A . n 
A 1 19  ALA 19  20  ?   ?   ?   A . n 
A 1 20  PHE 20  21  ?   ?   ?   A . n 
A 1 21  HIS 21  22  ?   ?   ?   A . n 
A 1 22  ASN 22  23  ?   ?   ?   A . n 
A 1 23  ALA 23  24  ?   ?   ?   A . n 
A 1 24  PRO 24  25  ?   ?   ?   A . n 
A 1 25  ARG 25  26  ?   ?   ?   A . n 
A 1 26  GLN 26  27  ?   ?   ?   A . n 
A 1 27  GLY 27  28  ?   ?   ?   A . n 
A 1 28  GLU 28  29  ?   ?   ?   A . n 
A 1 29  LEU 29  30  ?   ?   ?   A . n 
A 1 30  PRO 30  31  ?   ?   ?   A . n 
A 1 31  ALA 31  32  ?   ?   ?   A . n 
A 1 32  LEU 32  33  ?   ?   ?   A . n 
A 1 33  ASN 33  34  ?   ?   ?   A . n 
A 1 34  TYR 34  35  ?   ?   ?   A . n 
A 1 35  VAL 35  36  ?   ?   ?   A . n 
A 1 36  ASN 36  37  37  ASN ASN A . n 
A 1 37  GLN 37  38  38  GLN GLN A . n 
A 1 38  PRO 38  39  39  PRO PRO A . n 
A 1 39  PRO 39  40  40  PRO PRO A . n 
A 1 40  MET 40  41  41  MET MET A . n 
A 1 41  VAL 41  42  42  VAL VAL A . n 
A 1 42  PRO 42  43  43  PRO PRO A . n 
A 1 43  HIS 43  44  44  HIS HIS A . n 
A 1 44  SER 44  45  45  SER SER A . n 
A 1 45  VAL 45  46  46  VAL VAL A . n 
A 1 46  ALA 46  47  47  ALA ALA A . n 
A 1 47  ASN 47  48  48  ASN ASN A . n 
A 1 48  TYR 48  49  49  TYR TYR A . n 
A 1 49  GLN 49  50  50  GLN GLN A . n 
A 1 50  VAL 50  51  51  VAL VAL A . n 
A 1 51  THR 51  52  52  THR THR A . n 
A 1 52  LYS 52  53  53  LYS LYS A . n 
A 1 53  ASN 53  54  54  ASN ASN A . n 
A 1 54  VAL 54  55  55  VAL VAL A . n 
A 1 55  ASN 55  56  56  ASN ASN A . n 
A 1 56  GLN 56  57  57  GLN GLN A . n 
A 1 57  CYS 57  58  58  CYS CYS A . n 
A 1 58  LEU 58  59  59  LEU LEU A . n 
A 1 59  ASN 59  60  60  ASN ASN A . n 
A 1 60  CYS 60  61  61  CYS CYS A . n 
A 1 61  HIS 61  62  62  HIS HIS A . n 
A 1 62  SER 62  63  63  SER SER A . n 
A 1 63  PRO 63  64  64  PRO PRO A . n 
A 1 64  GLU 64  65  65  GLU GLU A . n 
A 1 65  ASN 65  66  66  ASN ASN A . n 
A 1 66  SER 66  67  67  SER SER A . n 
A 1 67  ARG 67  68  68  ARG ARG A . n 
A 1 68  LEU 68  69  69  LEU LEU A . n 
A 1 69  SER 69  70  70  SER SER A . n 
A 1 70  GLY 70  71  71  GLY GLY A . n 
A 1 71  ALA 71  72  72  ALA ALA A . n 
A 1 72  THR 72  73  73  THR THR A . n 
A 1 73  ARG 73  74  74  ARG ARG A . n 
A 1 74  ILE 74  75  75  ILE ILE A . n 
A 1 75  SER 75  76  76  SER SER A . n 
A 1 76  PRO 76  77  77  PRO PRO A . n 
A 1 77  THR 77  78  78  THR THR A . n 
A 1 78  HIS 78  79  79  HIS HIS A . n 
A 1 79  PHE 79  80  80  PHE PHE A . n 
A 1 80  MET 80  81  81  MET MET A . n 
A 1 81  ASP 81  82  82  ASP ASP A . n 
A 1 82  ARG 82  83  83  ARG ARG A . n 
A 1 83  ASP 83  84  84  ASP ASP A . n 
A 1 84  GLY 84  85  85  GLY GLY A . n 
A 1 85  LYS 85  86  86  LYS LYS A . n 
A 1 86  VAL 86  87  87  VAL VAL A . n 
A 1 87  GLY 87  88  ?   ?   ?   A . n 
A 1 88  SER 88  89  ?   ?   ?   A . n 
A 1 89  SER 89  90  ?   ?   ?   A . n 
A 1 90  SER 90  91  ?   ?   ?   A . n 
A 1 91  SER 91  92  92  SER SER A . n 
A 1 92  PRO 92  93  93  PRO PRO A . n 
A 1 93  ARG 93  94  94  ARG ARG A . n 
A 1 94  ARG 94  95  95  ARG ARG A . n 
A 1 95  TYR 95  96  96  TYR TYR A . n 
A 1 96  PHE 96  97  97  PHE PHE A . n 
A 1 97  CYS 97  98  98  CYS CYS A . n 
A 1 98  LEU 98  99  99  LEU LEU A . n 
A 1 99  GLN 99  100 100 GLN GLN A . n 
A 1 100 CYS 100 101 101 CYS CYS A . n 
A 1 101 HIS 101 102 102 HIS HIS A . n 
A 1 102 VAL 102 103 103 VAL VAL A . n 
A 1 103 SER 103 104 104 SER SER A . n 
A 1 104 GLN 104 105 ?   ?   ?   A . n 
A 1 105 ALA 105 106 ?   ?   ?   A . n 
A 1 106 ASN 106 107 ?   ?   ?   A . n 
A 1 107 VAL 107 108 ?   ?   ?   A . n 
A 1 108 ASP 108 109 ?   ?   ?   A . n 
A 1 109 PRO 109 110 ?   ?   ?   A . n 
A 1 110 ILE 110 111 ?   ?   ?   A . n 
A 1 111 VAL 111 112 ?   ?   ?   A . n 
A 1 112 PRO 112 113 ?   ?   ?   A . n 
A 1 113 ASN 113 114 ?   ?   ?   A . n 
A 1 114 ASP 114 115 ?   ?   ?   A . n 
A 1 115 PHE 115 116 ?   ?   ?   A . n 
A 1 116 LYS 116 117 ?   ?   ?   A . n 
A 1 117 PRO 117 118 ?   ?   ?   A . n 
A 1 118 MET 118 119 ?   ?   ?   A . n 
A 1 119 LYS 119 120 ?   ?   ?   A . n 
A 1 120 GLY 120 121 ?   ?   ?   A . n 
A 1 121 TYR 121 122 ?   ?   ?   A . n 
A 1 122 GLY 122 123 ?   ?   ?   A . n 
A 1 123 ASN 123 124 ?   ?   ?   A . n 
# 
loop_
_pdbx_nonpoly_scheme.asym_id 
_pdbx_nonpoly_scheme.entity_id 
_pdbx_nonpoly_scheme.mon_id 
_pdbx_nonpoly_scheme.ndb_seq_num 
_pdbx_nonpoly_scheme.pdb_seq_num 
_pdbx_nonpoly_scheme.auth_seq_num 
_pdbx_nonpoly_scheme.pdb_mon_id 
_pdbx_nonpoly_scheme.auth_mon_id 
_pdbx_nonpoly_scheme.pdb_strand_id 
_pdbx_nonpoly_scheme.pdb_ins_code 
B 2 HEC 1   125 110 HEC HEM A . 
C 2 HEC 1   126 111 HEC HEM A . 
D 3 HOH 1   127 1   HOH HOH A . 
D 3 HOH 2   128 2   HOH HOH A . 
D 3 HOH 3   129 3   HOH HOH A . 
D 3 HOH 4   130 4   HOH HOH A . 
D 3 HOH 5   131 5   HOH HOH A . 
D 3 HOH 6   132 6   HOH HOH A . 
D 3 HOH 7   133 7   HOH HOH A . 
D 3 HOH 8   134 8   HOH HOH A . 
D 3 HOH 9   135 9   HOH HOH A . 
D 3 HOH 10  136 10  HOH HOH A . 
D 3 HOH 11  137 11  HOH HOH A . 
D 3 HOH 12  138 12  HOH HOH A . 
D 3 HOH 13  139 13  HOH HOH A . 
D 3 HOH 14  140 14  HOH HOH A . 
D 3 HOH 15  141 15  HOH HOH A . 
D 3 HOH 16  142 16  HOH HOH A . 
D 3 HOH 17  143 17  HOH HOH A . 
D 3 HOH 18  144 18  HOH HOH A . 
D 3 HOH 19  145 19  HOH HOH A . 
D 3 HOH 20  146 20  HOH HOH A . 
D 3 HOH 21  147 21  HOH HOH A . 
D 3 HOH 22  148 22  HOH HOH A . 
D 3 HOH 23  149 23  HOH HOH A . 
D 3 HOH 24  150 24  HOH HOH A . 
D 3 HOH 25  151 25  HOH HOH A . 
D 3 HOH 26  152 26  HOH HOH A . 
D 3 HOH 27  153 27  HOH HOH A . 
D 3 HOH 28  154 28  HOH HOH A . 
D 3 HOH 29  155 29  HOH HOH A . 
D 3 HOH 30  156 30  HOH HOH A . 
D 3 HOH 31  157 31  HOH HOH A . 
D 3 HOH 32  158 32  HOH HOH A . 
D 3 HOH 33  159 33  HOH HOH A . 
D 3 HOH 34  160 34  HOH HOH A . 
D 3 HOH 35  161 35  HOH HOH A . 
D 3 HOH 36  162 36  HOH HOH A . 
D 3 HOH 37  163 37  HOH HOH A . 
D 3 HOH 38  164 38  HOH HOH A . 
D 3 HOH 39  165 39  HOH HOH A . 
D 3 HOH 40  166 40  HOH HOH A . 
D 3 HOH 41  167 41  HOH HOH A . 
D 3 HOH 42  168 42  HOH HOH A . 
D 3 HOH 43  169 43  HOH HOH A . 
D 3 HOH 44  170 44  HOH HOH A . 
D 3 HOH 45  171 45  HOH HOH A . 
D 3 HOH 46  172 46  HOH HOH A . 
D 3 HOH 47  173 47  HOH HOH A . 
D 3 HOH 48  174 48  HOH HOH A . 
D 3 HOH 49  175 49  HOH HOH A . 
D 3 HOH 50  176 50  HOH HOH A . 
D 3 HOH 51  177 51  HOH HOH A . 
D 3 HOH 52  178 52  HOH HOH A . 
D 3 HOH 53  179 53  HOH HOH A . 
D 3 HOH 54  180 54  HOH HOH A . 
D 3 HOH 55  181 55  HOH HOH A . 
D 3 HOH 56  182 56  HOH HOH A . 
D 3 HOH 57  183 57  HOH HOH A . 
D 3 HOH 58  184 58  HOH HOH A . 
D 3 HOH 59  185 59  HOH HOH A . 
D 3 HOH 60  186 60  HOH HOH A . 
D 3 HOH 61  187 61  HOH HOH A . 
D 3 HOH 62  188 62  HOH HOH A . 
D 3 HOH 63  189 63  HOH HOH A . 
D 3 HOH 64  190 64  HOH HOH A . 
D 3 HOH 65  191 65  HOH HOH A . 
D 3 HOH 66  192 66  HOH HOH A . 
D 3 HOH 67  193 67  HOH HOH A . 
D 3 HOH 68  194 68  HOH HOH A . 
D 3 HOH 69  195 69  HOH HOH A . 
D 3 HOH 70  196 70  HOH HOH A . 
D 3 HOH 71  197 71  HOH HOH A . 
D 3 HOH 72  198 72  HOH HOH A . 
D 3 HOH 73  199 73  HOH HOH A . 
D 3 HOH 74  200 74  HOH HOH A . 
D 3 HOH 75  201 75  HOH HOH A . 
D 3 HOH 76  202 76  HOH HOH A . 
D 3 HOH 77  203 77  HOH HOH A . 
D 3 HOH 78  204 78  HOH HOH A . 
D 3 HOH 79  205 79  HOH HOH A . 
D 3 HOH 80  206 80  HOH HOH A . 
D 3 HOH 81  207 81  HOH HOH A . 
D 3 HOH 82  208 82  HOH HOH A . 
D 3 HOH 83  209 83  HOH HOH A . 
D 3 HOH 84  210 84  HOH HOH A . 
D 3 HOH 85  211 85  HOH HOH A . 
D 3 HOH 86  212 87  HOH HOH A . 
D 3 HOH 87  213 88  HOH HOH A . 
D 3 HOH 88  214 89  HOH HOH A . 
D 3 HOH 89  215 90  HOH HOH A . 
D 3 HOH 90  216 91  HOH HOH A . 
D 3 HOH 91  217 92  HOH HOH A . 
D 3 HOH 92  218 93  HOH HOH A . 
D 3 HOH 93  219 94  HOH HOH A . 
D 3 HOH 94  220 95  HOH HOH A . 
D 3 HOH 95  221 96  HOH HOH A . 
D 3 HOH 96  222 97  HOH HOH A . 
D 3 HOH 97  223 98  HOH HOH A . 
D 3 HOH 98  224 99  HOH HOH A . 
D 3 HOH 99  225 100 HOH HOH A . 
D 3 HOH 100 226 101 HOH HOH A . 
D 3 HOH 101 227 102 HOH HOH A . 
D 3 HOH 102 228 103 HOH HOH A . 
D 3 HOH 103 229 104 HOH HOH A . 
D 3 HOH 104 230 105 HOH HOH A . 
D 3 HOH 105 231 106 HOH HOH A . 
D 3 HOH 106 232 107 HOH HOH A . 
D 3 HOH 107 233 108 HOH HOH A . 
D 3 HOH 108 234 109 HOH HOH A . 
D 3 HOH 109 235 110 HOH HOH A . 
D 3 HOH 110 236 111 HOH HOH A . 
D 3 HOH 111 237 112 HOH HOH A . 
D 3 HOH 112 238 113 HOH HOH A . 
D 3 HOH 113 239 114 HOH HOH A . 
D 3 HOH 114 240 115 HOH HOH A . 
D 3 HOH 115 241 116 HOH HOH A . 
D 3 HOH 116 242 117 HOH HOH A . 
D 3 HOH 117 243 118 HOH HOH A . 
D 3 HOH 118 244 119 HOH HOH A . 
D 3 HOH 119 245 120 HOH HOH A . 
D 3 HOH 120 246 121 HOH HOH A . 
D 3 HOH 121 247 122 HOH HOH A . 
D 3 HOH 122 248 123 HOH HOH A . 
D 3 HOH 123 249 124 HOH HOH A . 
D 3 HOH 124 250 125 HOH HOH A . 
D 3 HOH 125 251 126 HOH HOH A . 
D 3 HOH 126 252 127 HOH HOH A . 
D 3 HOH 127 253 128 HOH HOH A . 
D 3 HOH 128 254 129 HOH HOH A . 
# 
loop_
_pdbx_unobs_or_zero_occ_atoms.id 
_pdbx_unobs_or_zero_occ_atoms.PDB_model_num 
_pdbx_unobs_or_zero_occ_atoms.polymer_flag 
_pdbx_unobs_or_zero_occ_atoms.occupancy_flag 
_pdbx_unobs_or_zero_occ_atoms.auth_asym_id 
_pdbx_unobs_or_zero_occ_atoms.auth_comp_id 
_pdbx_unobs_or_zero_occ_atoms.auth_seq_id 
_pdbx_unobs_or_zero_occ_atoms.PDB_ins_code 
_pdbx_unobs_or_zero_occ_atoms.auth_atom_id 
_pdbx_unobs_or_zero_occ_atoms.label_alt_id 
_pdbx_unobs_or_zero_occ_atoms.label_asym_id 
_pdbx_unobs_or_zero_occ_atoms.label_comp_id 
_pdbx_unobs_or_zero_occ_atoms.label_seq_id 
_pdbx_unobs_or_zero_occ_atoms.label_atom_id 
1  1 Y 1 A ASN 37 ? N   ? A ASN 36 N   
2  1 Y 1 A ASN 37 ? CA  ? A ASN 36 CA  
3  1 Y 1 A ASN 37 ? CB  ? A ASN 36 CB  
4  1 Y 1 A ASN 37 ? CG  ? A ASN 36 CG  
5  1 Y 1 A ASN 37 ? OD1 ? A ASN 36 OD1 
6  1 Y 1 A ASN 37 ? ND2 ? A ASN 36 ND2 
7  1 Y 1 A LYS 53 ? CG  ? A LYS 52 CG  
8  1 Y 1 A LYS 53 ? CD  ? A LYS 52 CD  
9  1 Y 1 A LYS 53 ? CE  ? A LYS 52 CE  
10 1 Y 1 A LYS 53 ? NZ  ? A LYS 52 NZ  
11 1 Y 1 A ARG 68 ? CG  ? A ARG 67 CG  
12 1 Y 1 A ARG 68 ? CD  ? A ARG 67 CD  
13 1 Y 1 A ARG 68 ? NE  ? A ARG 67 NE  
14 1 Y 1 A ARG 68 ? CZ  ? A ARG 67 CZ  
15 1 Y 1 A ARG 68 ? NH1 ? A ARG 67 NH1 
16 1 Y 1 A ARG 68 ? NH2 ? A ARG 67 NH2 
17 1 Y 1 A ARG 83 ? CG  ? A ARG 82 CG  
18 1 Y 1 A ARG 83 ? CD  ? A ARG 82 CD  
19 1 Y 1 A ARG 83 ? NE  ? A ARG 82 NE  
20 1 Y 1 A ARG 83 ? CZ  ? A ARG 82 CZ  
21 1 Y 1 A ARG 83 ? NH1 ? A ARG 82 NH1 
22 1 Y 1 A ARG 83 ? NH2 ? A ARG 82 NH2 
23 1 Y 1 A LYS 86 ? CG  ? A LYS 85 CG  
24 1 Y 1 A LYS 86 ? CD  ? A LYS 85 CD  
25 1 Y 1 A LYS 86 ? CE  ? A LYS 85 CE  
26 1 Y 1 A LYS 86 ? NZ  ? A LYS 85 NZ  
27 1 Y 1 A SER 92 ? N   ? A SER 91 N   
28 1 Y 1 A SER 92 ? CA  ? A SER 91 CA  
29 1 Y 1 A SER 92 ? CB  ? A SER 91 CB  
30 1 Y 1 A SER 92 ? OG  ? A SER 91 OG  
31 1 Y 1 A ARG 94 ? CG  ? A ARG 93 CG  
32 1 Y 1 A ARG 94 ? CD  ? A ARG 93 CD  
33 1 Y 1 A ARG 94 ? NE  ? A ARG 93 NE  
34 1 Y 1 A ARG 94 ? CZ  ? A ARG 93 CZ  
35 1 Y 1 A ARG 94 ? NH1 ? A ARG 93 NH1 
36 1 Y 1 A ARG 94 ? NH2 ? A ARG 93 NH2 
# 
loop_
_software.name 
_software.classification 
_software.version 
_software.citation_id 
_software.pdbx_ordinal 
MLPHARE   phasing          . ? 1 
SHELXL-97 refinement       . ? 2 
DENZO     'data reduction' . ? 3 
SCALEPACK 'data scaling'   . ? 4 
# 
_cell.entry_id           1JNI 
_cell.length_a           78.752 
_cell.length_b           78.752 
_cell.length_c           29.047 
_cell.angle_alpha        90.00 
_cell.angle_beta         90.00 
_cell.angle_gamma        90.00 
_cell.Z_PDB              8 
_cell.pdbx_unique_axis   ? 
# 
_symmetry.entry_id                         1JNI 
_symmetry.space_group_name_H-M             'P 4 21 2' 
_symmetry.pdbx_full_space_group_name_H-M   ? 
_symmetry.cell_setting                     tetragonal 
_symmetry.Int_Tables_number                90 
# 
_exptl.entry_id          1JNI 
_exptl.method            'X-RAY DIFFRACTION' 
_exptl.crystals_number   1 
# 
_exptl_crystal.id                    1 
_exptl_crystal.density_meas          ? 
_exptl_crystal.density_percent_sol   26.57 
_exptl_crystal.density_Matthews      1.67 
_exptl_crystal.description           ? 
# 
_exptl_crystal_grow.crystal_id      1 
_exptl_crystal_grow.method          'VAPOR DIFFUSION, HANGING DROP' 
_exptl_crystal_grow.temp            296 
_exptl_crystal_grow.temp_details    ? 
_exptl_crystal_grow.pH              5.5 
_exptl_crystal_grow.pdbx_details    'ammonium sulphate, pH 5.5, VAPOR DIFFUSION, HANGING DROP at 296K' 
_exptl_crystal_grow.pdbx_pH_range   . 
# 
_diffrn.id                     1 
_diffrn.ambient_temp           173 
_diffrn.ambient_temp_details   ? 
_diffrn.crystal_id             1 
# 
_diffrn_detector.diffrn_id              1 
_diffrn_detector.detector               CCD 
_diffrn_detector.type                   MARRESEARCH 
_diffrn_detector.pdbx_collection_date   2000-08-14 
_diffrn_detector.details                ? 
# 
_diffrn_radiation.diffrn_id                        1 
_diffrn_radiation.wavelength_id                    1 
_diffrn_radiation.pdbx_monochromatic_or_laue_m_l   M 
_diffrn_radiation.monochromator                    'SAGITALLY FOCUSED Si(111)' 
_diffrn_radiation.pdbx_diffrn_protocol             MAD 
_diffrn_radiation.pdbx_scattering_type             x-ray 
# 
_diffrn_radiation_wavelength.id           1 
_diffrn_radiation_wavelength.wavelength   0.9640 
_diffrn_radiation_wavelength.wt           1.0 
# 
_diffrn_source.diffrn_id                   1 
_diffrn_source.source                      SYNCHROTRON 
_diffrn_source.type                        'ESRF BEAMLINE ID13' 
_diffrn_source.pdbx_synchrotron_site       ESRF 
_diffrn_source.pdbx_synchrotron_beamline   ID13 
_diffrn_source.pdbx_wavelength             ? 
_diffrn_source.pdbx_wavelength_list        0.9640 
# 
_reflns.entry_id                     1JNI 
_reflns.observed_criterion_sigma_I   0 
_reflns.observed_criterion_sigma_F   0 
_reflns.d_resolution_low             10 
_reflns.d_resolution_high            1.24 
_reflns.number_obs                   22337 
_reflns.number_all                   ? 
_reflns.percent_possible_obs         84.4 
_reflns.pdbx_Rmerge_I_obs            0.0890000 
_reflns.pdbx_Rsym_value              ? 
_reflns.pdbx_netI_over_sigmaI        17.0 
_reflns.B_iso_Wilson_estimate        28 
_reflns.pdbx_redundancy              ? 
_reflns.R_free_details               ? 
_reflns.limit_h_max                  ? 
_reflns.limit_h_min                  ? 
_reflns.limit_k_max                  ? 
_reflns.limit_k_min                  ? 
_reflns.limit_l_max                  ? 
_reflns.limit_l_min                  ? 
_reflns.observed_criterion_F_max     ? 
_reflns.observed_criterion_F_min     ? 
_reflns.pdbx_diffrn_id               1 
_reflns.pdbx_ordinal                 1 
# 
_reflns_shell.d_res_high             1.24 
_reflns_shell.d_res_low              1.30 
_reflns_shell.percent_possible_all   65.5 
_reflns_shell.Rmerge_I_obs           0.3160000 
_reflns_shell.pdbx_Rsym_value        ? 
_reflns_shell.meanI_over_sigI_obs    1.37 
_reflns_shell.pdbx_redundancy        ? 
_reflns_shell.percent_possible_obs   ? 
_reflns_shell.number_unique_all      ? 
_reflns_shell.pdbx_diffrn_id         ? 
_reflns_shell.pdbx_ordinal           1 
# 
_refine.entry_id                                 1JNI 
_refine.ls_number_reflns_obs                     20831 
_refine.ls_number_reflns_all                     20831 
_refine.pdbx_ls_sigma_I                          0 
_refine.pdbx_ls_sigma_F                          0 
_refine.pdbx_data_cutoff_high_absF               ? 
_refine.pdbx_data_cutoff_low_absF                ? 
_refine.ls_d_res_low                             10 
_refine.ls_d_res_high                            1.25 
_refine.ls_percent_reflns_obs                    ? 
_refine.ls_R_factor_obs                          0.1596000 
_refine.ls_R_factor_all                          0.1596000 
_refine.ls_R_factor_R_work                       0.1702000 
_refine.ls_R_factor_R_free                       0.2141000 
_refine.ls_R_factor_R_free_error                 ? 
_refine.ls_R_factor_R_free_error_details         ? 
_refine.ls_percent_reflns_R_free                 5. 
_refine.ls_number_reflns_R_free                  1092 
_refine.ls_number_parameters                     ? 
_refine.ls_number_restraints                     ? 
_refine.occupancy_min                            ? 
_refine.occupancy_max                            ? 
_refine.B_iso_mean                               26.855 
_refine.aniso_B[1][1]                            ? 
_refine.aniso_B[2][2]                            ? 
_refine.aniso_B[3][3]                            ? 
_refine.aniso_B[1][2]                            ? 
_refine.aniso_B[1][3]                            ? 
_refine.aniso_B[2][3]                            ? 
_refine.solvent_model_details                    ? 
_refine.solvent_model_param_ksol                 ? 
_refine.solvent_model_param_bsol                 ? 
_refine.pdbx_ls_cross_valid_method               ? 
_refine.details                                  ? 
_refine.pdbx_starting_model                      ? 
_refine.pdbx_method_to_determine_struct          MAD 
_refine.pdbx_isotropic_thermal_model             'anisotropic model' 
_refine.pdbx_stereochemistry_target_values       'Engh & Huber' 
_refine.pdbx_stereochem_target_val_spec_case     ? 
_refine.pdbx_R_Free_selection_details            RANDOM 
_refine.pdbx_overall_ESU_R_Free                  ? 
_refine.overall_SU_B                             ? 
_refine.ls_redundancy_reflns_obs                 ? 
_refine.B_iso_min                                ? 
_refine.B_iso_max                                ? 
_refine.correlation_coeff_Fo_to_Fc               ? 
_refine.overall_SU_R_Cruickshank_DPI             ? 
_refine.overall_SU_R_free                        ? 
_refine.overall_SU_ML                            ? 
_refine.pdbx_overall_ESU_R                       ? 
_refine.pdbx_data_cutoff_high_rms_absF           ? 
_refine.correlation_coeff_Fo_to_Fc_free          ? 
_refine.pdbx_solvent_vdw_probe_radii             ? 
_refine.pdbx_solvent_ion_probe_radii             ? 
_refine.pdbx_solvent_shrinkage_radii             ? 
_refine.pdbx_refine_id                           'X-RAY DIFFRACTION' 
_refine.pdbx_diffrn_id                           1 
_refine.pdbx_TLS_residual_ADP_flag               ? 
_refine.pdbx_overall_phase_error                 ? 
_refine.pdbx_overall_SU_R_free_Cruickshank_DPI   ? 
_refine.pdbx_overall_SU_R_Blow_DPI               ? 
_refine.pdbx_overall_SU_R_free_Blow_DPI          ? 
# 
_refine_hist.pdbx_refine_id                   'X-RAY DIFFRACTION' 
_refine_hist.cycle_id                         LAST 
_refine_hist.pdbx_number_atoms_protein        473 
_refine_hist.pdbx_number_atoms_nucleic_acid   0 
_refine_hist.pdbx_number_atoms_ligand         86 
_refine_hist.number_atoms_solvent             128 
_refine_hist.number_atoms_total               687 
_refine_hist.d_res_high                       1.25 
_refine_hist.d_res_low                        10 
# 
loop_
_refine_ls_restr.type 
_refine_ls_restr.dev_ideal 
_refine_ls_restr.dev_ideal_target 
_refine_ls_restr.weight 
_refine_ls_restr.number 
_refine_ls_restr.pdbx_refine_id 
_refine_ls_restr.pdbx_restraint_function 
s_bond_d              0.015  ? ? ? 'X-RAY DIFFRACTION' ? 
s_angle_d             0.033  ? ? ? 'X-RAY DIFFRACTION' ? 
s_from_restr_planes   0.0264 ? ? ? 'X-RAY DIFFRACTION' ? 
s_non_zero_chiral_vol 0.071  ? ? ? 'X-RAY DIFFRACTION' ? 
s_zero_chiral_vol     0.077  ? ? ? 'X-RAY DIFFRACTION' ? 
# 
_struct.entry_id                  1JNI 
_struct.title                     'Structure of the NapB subunit of the periplasmic nitrate reductase from Haemophilus influenzae.' 
_struct.pdbx_model_details        ? 
_struct.pdbx_CASP_flag            ? 
_struct.pdbx_model_type_details   ? 
# 
_struct_keywords.entry_id        1JNI 
_struct_keywords.pdbx_keywords   OXIDOREDUCTASE 
_struct_keywords.text            'dihaem cytochrome c, proteolytic fragment, nitrate reductase subunit, OXIDOREDUCTASE' 
# 
loop_
_struct_asym.id 
_struct_asym.pdbx_blank_PDB_chainid_flag 
_struct_asym.pdbx_modified 
_struct_asym.entity_id 
_struct_asym.details 
A N N 1 ? 
B N N 2 ? 
C N N 2 ? 
D N N 3 ? 
# 
_struct_ref.id                         1 
_struct_ref.entity_id                  1 
_struct_ref.db_name                    UNP 
_struct_ref.db_code                    NAPB_HAEIN 
_struct_ref.pdbx_db_accession          P44654 
_struct_ref.pdbx_align_begin           28 
_struct_ref.pdbx_seq_one_letter_code   
;DAPAVGKDLTQAAENIPPAFHNAPRQGELPALNYVNQPPMVPHSVANYQVTKNVNQCLNCHSPENSRLSGATRISPTHFM
DRDGKVGSSSSPRRYFCLQCHVSQANVDPIVPNDFKPMKGYGN
;
_struct_ref.pdbx_db_isoform            ? 
# 
_struct_ref_seq.align_id                      1 
_struct_ref_seq.ref_id                        1 
_struct_ref_seq.pdbx_PDB_id_code              1JNI 
_struct_ref_seq.pdbx_strand_id                A 
_struct_ref_seq.seq_align_beg                 1 
_struct_ref_seq.pdbx_seq_align_beg_ins_code   ? 
_struct_ref_seq.seq_align_end                 123 
_struct_ref_seq.pdbx_seq_align_end_ins_code   ? 
_struct_ref_seq.pdbx_db_accession             P44654 
_struct_ref_seq.db_align_beg                  28 
_struct_ref_seq.pdbx_db_align_beg_ins_code    ? 
_struct_ref_seq.db_align_end                  150 
_struct_ref_seq.pdbx_db_align_end_ins_code    ? 
_struct_ref_seq.pdbx_auth_seq_align_beg       2 
_struct_ref_seq.pdbx_auth_seq_align_end       124 
# 
_pdbx_struct_assembly.id                   1 
_pdbx_struct_assembly.details              author_defined_assembly 
_pdbx_struct_assembly.method_details       ? 
_pdbx_struct_assembly.oligomeric_details   monomeric 
_pdbx_struct_assembly.oligomeric_count     1 
# 
_pdbx_struct_assembly_gen.assembly_id       1 
_pdbx_struct_assembly_gen.oper_expression   1 
_pdbx_struct_assembly_gen.asym_id_list      A,B,C,D 
# 
_pdbx_struct_oper_list.id                   1 
_pdbx_struct_oper_list.type                 'identity operation' 
_pdbx_struct_oper_list.name                 1_555 
_pdbx_struct_oper_list.symmetry_operation   x,y,z 
_pdbx_struct_oper_list.matrix[1][1]         1.0000000000 
_pdbx_struct_oper_list.matrix[1][2]         0.0000000000 
_pdbx_struct_oper_list.matrix[1][3]         0.0000000000 
_pdbx_struct_oper_list.vector[1]            0.0000000000 
_pdbx_struct_oper_list.matrix[2][1]         0.0000000000 
_pdbx_struct_oper_list.matrix[2][2]         1.0000000000 
_pdbx_struct_oper_list.matrix[2][3]         0.0000000000 
_pdbx_struct_oper_list.vector[2]            0.0000000000 
_pdbx_struct_oper_list.matrix[3][1]         0.0000000000 
_pdbx_struct_oper_list.matrix[3][2]         0.0000000000 
_pdbx_struct_oper_list.matrix[3][3]         1.0000000000 
_pdbx_struct_oper_list.vector[3]            0.0000000000 
# 
_struct_biol.id                    1 
_struct_biol.pdbx_parent_biol_id   ? 
_struct_biol.details               ? 
# 
loop_
_struct_conf.conf_type_id 
_struct_conf.id 
_struct_conf.pdbx_PDB_helix_id 
_struct_conf.beg_label_comp_id 
_struct_conf.beg_label_asym_id 
_struct_conf.beg_label_seq_id 
_struct_conf.pdbx_beg_PDB_ins_code 
_struct_conf.end_label_comp_id 
_struct_conf.end_label_asym_id 
_struct_conf.end_label_seq_id 
_struct_conf.pdbx_end_PDB_ins_code 
_struct_conf.beg_auth_comp_id 
_struct_conf.beg_auth_asym_id 
_struct_conf.beg_auth_seq_id 
_struct_conf.end_auth_comp_id 
_struct_conf.end_auth_asym_id 
_struct_conf.end_auth_seq_id 
_struct_conf.pdbx_PDB_helix_class 
_struct_conf.details 
_struct_conf.pdbx_PDB_helix_length 
HELX_P HELX_P1 1 CYS A 57 ? SER A 62  ? CYS A 58 SER A 63  1 ? 6 
HELX_P HELX_P2 2 ASN A 65 ? GLY A 70  ? ASN A 66 GLY A 71  1 ? 6 
HELX_P HELX_P3 3 SER A 75 ? PHE A 79  ? SER A 76 PHE A 80  5 ? 5 
HELX_P HELX_P4 4 PHE A 96 ? CYS A 100 ? PHE A 97 CYS A 101 5 ? 5 
# 
_struct_conf_type.id          HELX_P 
_struct_conf_type.criteria    ? 
_struct_conf_type.reference   ? 
# 
loop_
_struct_conn.id 
_struct_conn.conn_type_id 
_struct_conn.pdbx_leaving_atom_flag 
_struct_conn.pdbx_PDB_id 
_struct_conn.ptnr1_label_asym_id 
_struct_conn.ptnr1_label_comp_id 
_struct_conn.ptnr1_label_seq_id 
_struct_conn.ptnr1_label_atom_id 
_struct_conn.pdbx_ptnr1_label_alt_id 
_struct_conn.pdbx_ptnr1_PDB_ins_code 
_struct_conn.pdbx_ptnr1_standard_comp_id 
_struct_conn.ptnr1_symmetry 
_struct_conn.ptnr2_label_asym_id 
_struct_conn.ptnr2_label_comp_id 
_struct_conn.ptnr2_label_seq_id 
_struct_conn.ptnr2_label_atom_id 
_struct_conn.pdbx_ptnr2_label_alt_id 
_struct_conn.pdbx_ptnr2_PDB_ins_code 
_struct_conn.ptnr1_auth_asym_id 
_struct_conn.ptnr1_auth_comp_id 
_struct_conn.ptnr1_auth_seq_id 
_struct_conn.ptnr2_auth_asym_id 
_struct_conn.ptnr2_auth_comp_id 
_struct_conn.ptnr2_auth_seq_id 
_struct_conn.ptnr2_symmetry 
_struct_conn.pdbx_ptnr3_label_atom_id 
_struct_conn.pdbx_ptnr3_label_seq_id 
_struct_conn.pdbx_ptnr3_label_comp_id 
_struct_conn.pdbx_ptnr3_label_asym_id 
_struct_conn.pdbx_ptnr3_label_alt_id 
_struct_conn.pdbx_ptnr3_PDB_ins_code 
_struct_conn.details 
_struct_conn.pdbx_dist_value 
_struct_conn.pdbx_value_order 
_struct_conn.pdbx_role 
covale1 covale none ? A CYS 57  SG  ? ? ? 1_555 C HEC . CAB ? ? A CYS 58  A HEC 126 1_555 ? ? ? ? ? ? ? 1.979 ? ? 
covale2 covale none ? A CYS 60  SG  ? ? ? 1_555 C HEC . CAC ? ? A CYS 61  A HEC 126 1_555 ? ? ? ? ? ? ? 1.851 ? ? 
covale3 covale none ? A CYS 97  SG  ? ? ? 1_555 B HEC . CAB ? ? A CYS 98  A HEC 125 1_555 ? ? ? ? ? ? ? 1.932 ? ? 
covale4 covale none ? A CYS 100 SG  ? ? ? 1_555 B HEC . CAC ? ? A CYS 101 A HEC 125 1_555 ? ? ? ? ? ? ? 1.906 ? ? 
metalc1 metalc ?    ? A HIS 43  NE2 ? ? ? 1_555 C HEC . FE  ? ? A HIS 44  A HEC 126 1_555 ? ? ? ? ? ? ? 2.073 ? ? 
metalc2 metalc ?    ? A HIS 61  NE2 ? ? ? 1_555 C HEC . FE  ? ? A HIS 62  A HEC 126 1_555 ? ? ? ? ? ? ? 2.003 ? ? 
metalc3 metalc ?    ? A HIS 78  NE2 ? ? ? 1_555 B HEC . FE  ? ? A HIS 79  A HEC 125 1_555 ? ? ? ? ? ? ? 2.007 ? ? 
metalc4 metalc ?    ? A HIS 101 NE2 ? ? ? 1_555 B HEC . FE  ? ? A HIS 102 A HEC 125 1_555 ? ? ? ? ? ? ? 2.051 ? ? 
# 
loop_
_struct_conn_type.id 
_struct_conn_type.criteria 
_struct_conn_type.reference 
covale ? ? 
metalc ? ? 
# 
loop_
_pdbx_struct_conn_angle.id 
_pdbx_struct_conn_angle.ptnr1_label_atom_id 
_pdbx_struct_conn_angle.ptnr1_label_alt_id 
_pdbx_struct_conn_angle.ptnr1_label_asym_id 
_pdbx_struct_conn_angle.ptnr1_label_comp_id 
_pdbx_struct_conn_angle.ptnr1_label_seq_id 
_pdbx_struct_conn_angle.ptnr1_auth_atom_id 
_pdbx_struct_conn_angle.ptnr1_auth_asym_id 
_pdbx_struct_conn_angle.ptnr1_auth_comp_id 
_pdbx_struct_conn_angle.ptnr1_auth_seq_id 
_pdbx_struct_conn_angle.ptnr1_PDB_ins_code 
_pdbx_struct_conn_angle.ptnr1_symmetry 
_pdbx_struct_conn_angle.ptnr2_label_atom_id 
_pdbx_struct_conn_angle.ptnr2_label_alt_id 
_pdbx_struct_conn_angle.ptnr2_label_asym_id 
_pdbx_struct_conn_angle.ptnr2_label_comp_id 
_pdbx_struct_conn_angle.ptnr2_label_seq_id 
_pdbx_struct_conn_angle.ptnr2_auth_atom_id 
_pdbx_struct_conn_angle.ptnr2_auth_asym_id 
_pdbx_struct_conn_angle.ptnr2_auth_comp_id 
_pdbx_struct_conn_angle.ptnr2_auth_seq_id 
_pdbx_struct_conn_angle.ptnr2_PDB_ins_code 
_pdbx_struct_conn_angle.ptnr2_symmetry 
_pdbx_struct_conn_angle.ptnr3_label_atom_id 
_pdbx_struct_conn_angle.ptnr3_label_alt_id 
_pdbx_struct_conn_angle.ptnr3_label_asym_id 
_pdbx_struct_conn_angle.ptnr3_label_comp_id 
_pdbx_struct_conn_angle.ptnr3_label_seq_id 
_pdbx_struct_conn_angle.ptnr3_auth_atom_id 
_pdbx_struct_conn_angle.ptnr3_auth_asym_id 
_pdbx_struct_conn_angle.ptnr3_auth_comp_id 
_pdbx_struct_conn_angle.ptnr3_auth_seq_id 
_pdbx_struct_conn_angle.ptnr3_PDB_ins_code 
_pdbx_struct_conn_angle.ptnr3_symmetry 
_pdbx_struct_conn_angle.value 
_pdbx_struct_conn_angle.value_esd 
1  NE2 ? A HIS 43 ? A HIS 44  ? 1_555 FE ? C HEC . ? A HEC 126 ? 1_555 NA  ? C HEC .   ? A HEC 126 ? 1_555 97.8  ? 
2  NE2 ? A HIS 43 ? A HIS 44  ? 1_555 FE ? C HEC . ? A HEC 126 ? 1_555 NB  ? C HEC .   ? A HEC 126 ? 1_555 93.4  ? 
3  NA  ? C HEC .  ? A HEC 126 ? 1_555 FE ? C HEC . ? A HEC 126 ? 1_555 NB  ? C HEC .   ? A HEC 126 ? 1_555 89.9  ? 
4  NE2 ? A HIS 43 ? A HIS 44  ? 1_555 FE ? C HEC . ? A HEC 126 ? 1_555 NC  ? C HEC .   ? A HEC 126 ? 1_555 86.5  ? 
5  NA  ? C HEC .  ? A HEC 126 ? 1_555 FE ? C HEC . ? A HEC 126 ? 1_555 NC  ? C HEC .   ? A HEC 126 ? 1_555 175.8 ? 
6  NB  ? C HEC .  ? A HEC 126 ? 1_555 FE ? C HEC . ? A HEC 126 ? 1_555 NC  ? C HEC .   ? A HEC 126 ? 1_555 90.0  ? 
7  NE2 ? A HIS 43 ? A HIS 44  ? 1_555 FE ? C HEC . ? A HEC 126 ? 1_555 ND  ? C HEC .   ? A HEC 126 ? 1_555 85.9  ? 
8  NA  ? C HEC .  ? A HEC 126 ? 1_555 FE ? C HEC . ? A HEC 126 ? 1_555 ND  ? C HEC .   ? A HEC 126 ? 1_555 89.1  ? 
9  NB  ? C HEC .  ? A HEC 126 ? 1_555 FE ? C HEC . ? A HEC 126 ? 1_555 ND  ? C HEC .   ? A HEC 126 ? 1_555 178.7 ? 
10 NC  ? C HEC .  ? A HEC 126 ? 1_555 FE ? C HEC . ? A HEC 126 ? 1_555 ND  ? C HEC .   ? A HEC 126 ? 1_555 91.1  ? 
11 NE2 ? A HIS 43 ? A HIS 44  ? 1_555 FE ? C HEC . ? A HEC 126 ? 1_555 NE2 ? A HIS 61  ? A HIS 62  ? 1_555 176.3 ? 
12 NA  ? C HEC .  ? A HEC 126 ? 1_555 FE ? C HEC . ? A HEC 126 ? 1_555 NE2 ? A HIS 61  ? A HIS 62  ? 1_555 85.4  ? 
13 NB  ? C HEC .  ? A HEC 126 ? 1_555 FE ? C HEC . ? A HEC 126 ? 1_555 NE2 ? A HIS 61  ? A HIS 62  ? 1_555 88.5  ? 
14 NC  ? C HEC .  ? A HEC 126 ? 1_555 FE ? C HEC . ? A HEC 126 ? 1_555 NE2 ? A HIS 61  ? A HIS 62  ? 1_555 90.3  ? 
15 ND  ? C HEC .  ? A HEC 126 ? 1_555 FE ? C HEC . ? A HEC 126 ? 1_555 NE2 ? A HIS 61  ? A HIS 62  ? 1_555 92.3  ? 
16 NE2 ? A HIS 78 ? A HIS 79  ? 1_555 FE ? B HEC . ? A HEC 125 ? 1_555 NA  ? B HEC .   ? A HEC 125 ? 1_555 91.2  ? 
17 NE2 ? A HIS 78 ? A HIS 79  ? 1_555 FE ? B HEC . ? A HEC 125 ? 1_555 NB  ? B HEC .   ? A HEC 125 ? 1_555 88.0  ? 
18 NA  ? B HEC .  ? A HEC 125 ? 1_555 FE ? B HEC . ? A HEC 125 ? 1_555 NB  ? B HEC .   ? A HEC 125 ? 1_555 90.2  ? 
19 NE2 ? A HIS 78 ? A HIS 79  ? 1_555 FE ? B HEC . ? A HEC 125 ? 1_555 NC  ? B HEC .   ? A HEC 125 ? 1_555 91.0  ? 
20 NA  ? B HEC .  ? A HEC 125 ? 1_555 FE ? B HEC . ? A HEC 125 ? 1_555 NC  ? B HEC .   ? A HEC 125 ? 1_555 177.7 ? 
21 NB  ? B HEC .  ? A HEC 125 ? 1_555 FE ? B HEC . ? A HEC 125 ? 1_555 NC  ? B HEC .   ? A HEC 125 ? 1_555 89.4  ? 
22 NE2 ? A HIS 78 ? A HIS 79  ? 1_555 FE ? B HEC . ? A HEC 125 ? 1_555 ND  ? B HEC .   ? A HEC 125 ? 1_555 92.4  ? 
23 NA  ? B HEC .  ? A HEC 125 ? 1_555 FE ? B HEC . ? A HEC 125 ? 1_555 ND  ? B HEC .   ? A HEC 125 ? 1_555 90.9  ? 
24 NB  ? B HEC .  ? A HEC 125 ? 1_555 FE ? B HEC . ? A HEC 125 ? 1_555 ND  ? B HEC .   ? A HEC 125 ? 1_555 178.8 ? 
25 NC  ? B HEC .  ? A HEC 125 ? 1_555 FE ? B HEC . ? A HEC 125 ? 1_555 ND  ? B HEC .   ? A HEC 125 ? 1_555 89.4  ? 
26 NE2 ? A HIS 78 ? A HIS 79  ? 1_555 FE ? B HEC . ? A HEC 125 ? 1_555 NE2 ? A HIS 101 ? A HIS 102 ? 1_555 176.6 ? 
27 NA  ? B HEC .  ? A HEC 125 ? 1_555 FE ? B HEC . ? A HEC 125 ? 1_555 NE2 ? A HIS 101 ? A HIS 102 ? 1_555 85.9  ? 
28 NB  ? B HEC .  ? A HEC 125 ? 1_555 FE ? B HEC . ? A HEC 125 ? 1_555 NE2 ? A HIS 101 ? A HIS 102 ? 1_555 90.1  ? 
29 NC  ? B HEC .  ? A HEC 125 ? 1_555 FE ? B HEC . ? A HEC 125 ? 1_555 NE2 ? A HIS 101 ? A HIS 102 ? 1_555 91.8  ? 
30 ND  ? B HEC .  ? A HEC 125 ? 1_555 FE ? B HEC . ? A HEC 125 ? 1_555 NE2 ? A HIS 101 ? A HIS 102 ? 1_555 89.6  ? 
# 
loop_
_pdbx_modification_feature.ordinal 
_pdbx_modification_feature.label_comp_id 
_pdbx_modification_feature.label_asym_id 
_pdbx_modification_feature.label_seq_id 
_pdbx_modification_feature.label_alt_id 
_pdbx_modification_feature.modified_residue_label_comp_id 
_pdbx_modification_feature.modified_residue_label_asym_id 
_pdbx_modification_feature.modified_residue_label_seq_id 
_pdbx_modification_feature.modified_residue_label_alt_id 
_pdbx_modification_feature.auth_comp_id 
_pdbx_modification_feature.auth_asym_id 
_pdbx_modification_feature.auth_seq_id 
_pdbx_modification_feature.PDB_ins_code 
_pdbx_modification_feature.symmetry 
_pdbx_modification_feature.modified_residue_auth_comp_id 
_pdbx_modification_feature.modified_residue_auth_asym_id 
_pdbx_modification_feature.modified_residue_auth_seq_id 
_pdbx_modification_feature.modified_residue_PDB_ins_code 
_pdbx_modification_feature.modified_residue_symmetry 
_pdbx_modification_feature.comp_id_linking_atom 
_pdbx_modification_feature.modified_residue_id_linking_atom 
_pdbx_modification_feature.modified_residue_id 
_pdbx_modification_feature.ref_pcm_id 
_pdbx_modification_feature.ref_comp_id 
_pdbx_modification_feature.type 
_pdbx_modification_feature.category 
1 HEC B . ? CYS A 97  ? HEC A 125 ? 1_555 CYS A 98  ? 1_555 CAB SG CYS 2 HEC None Heme/heme-like 
2 HEC B . ? CYS A 100 ? HEC A 125 ? 1_555 CYS A 101 ? 1_555 CAC SG CYS 3 HEC None Heme/heme-like 
3 HEC C . ? CYS A 57  ? HEC A 126 ? 1_555 CYS A 58  ? 1_555 CAB SG CYS 2 HEC None Heme/heme-like 
4 HEC C . ? CYS A 60  ? HEC A 126 ? 1_555 CYS A 61  ? 1_555 CAC SG CYS 3 HEC None Heme/heme-like 
# 
_struct_sheet.id               A 
_struct_sheet.type             ? 
_struct_sheet.number_strands   2 
_struct_sheet.details          ? 
# 
_struct_sheet_order.sheet_id     A 
_struct_sheet_order.range_id_1   1 
_struct_sheet_order.range_id_2   2 
_struct_sheet_order.offset       ? 
_struct_sheet_order.sense        anti-parallel 
# 
loop_
_struct_sheet_range.sheet_id 
_struct_sheet_range.id 
_struct_sheet_range.beg_label_comp_id 
_struct_sheet_range.beg_label_asym_id 
_struct_sheet_range.beg_label_seq_id 
_struct_sheet_range.pdbx_beg_PDB_ins_code 
_struct_sheet_range.end_label_comp_id 
_struct_sheet_range.end_label_asym_id 
_struct_sheet_range.end_label_seq_id 
_struct_sheet_range.pdbx_end_PDB_ins_code 
_struct_sheet_range.beg_auth_comp_id 
_struct_sheet_range.beg_auth_asym_id 
_struct_sheet_range.beg_auth_seq_id 
_struct_sheet_range.end_auth_comp_id 
_struct_sheet_range.end_auth_asym_id 
_struct_sheet_range.end_auth_seq_id 
A 1 VAL A 50 ? THR A 51 ? VAL A 51 THR A 52 
A 2 VAL A 54 ? ASN A 55 ? VAL A 55 ASN A 56 
# 
_pdbx_struct_sheet_hbond.sheet_id                A 
_pdbx_struct_sheet_hbond.range_id_1              1 
_pdbx_struct_sheet_hbond.range_id_2              2 
_pdbx_struct_sheet_hbond.range_1_label_atom_id   N 
_pdbx_struct_sheet_hbond.range_1_label_comp_id   THR 
_pdbx_struct_sheet_hbond.range_1_label_asym_id   A 
_pdbx_struct_sheet_hbond.range_1_label_seq_id    51 
_pdbx_struct_sheet_hbond.range_1_PDB_ins_code    ? 
_pdbx_struct_sheet_hbond.range_1_auth_atom_id    N 
_pdbx_struct_sheet_hbond.range_1_auth_comp_id    THR 
_pdbx_struct_sheet_hbond.range_1_auth_asym_id    A 
_pdbx_struct_sheet_hbond.range_1_auth_seq_id     52 
_pdbx_struct_sheet_hbond.range_2_label_atom_id   O 
_pdbx_struct_sheet_hbond.range_2_label_comp_id   VAL 
_pdbx_struct_sheet_hbond.range_2_label_asym_id   A 
_pdbx_struct_sheet_hbond.range_2_label_seq_id    54 
_pdbx_struct_sheet_hbond.range_2_PDB_ins_code    ? 
_pdbx_struct_sheet_hbond.range_2_auth_atom_id    O 
_pdbx_struct_sheet_hbond.range_2_auth_comp_id    VAL 
_pdbx_struct_sheet_hbond.range_2_auth_asym_id    A 
_pdbx_struct_sheet_hbond.range_2_auth_seq_id     55 
# 
loop_
_struct_site.id 
_struct_site.pdbx_evidence_code 
_struct_site.pdbx_auth_asym_id 
_struct_site.pdbx_auth_comp_id 
_struct_site.pdbx_auth_seq_id 
_struct_site.pdbx_auth_ins_code 
_struct_site.pdbx_num_residues 
_struct_site.details 
AC1 Software A HEC 125 ? 14 'BINDING SITE FOR RESIDUE HEC A 125' 
AC2 Software A HEC 126 ? 18 'BINDING SITE FOR RESIDUE HEC A 126' 
# 
loop_
_struct_site_gen.id 
_struct_site_gen.site_id 
_struct_site_gen.pdbx_num_res 
_struct_site_gen.label_comp_id 
_struct_site_gen.label_asym_id 
_struct_site_gen.label_seq_id 
_struct_site_gen.pdbx_auth_ins_code 
_struct_site_gen.auth_comp_id 
_struct_site_gen.auth_asym_id 
_struct_site_gen.auth_seq_id 
_struct_site_gen.label_atom_id 
_struct_site_gen.label_alt_id 
_struct_site_gen.symmetry 
_struct_site_gen.details 
1  AC1 14 PRO A 38  ? PRO A 39  . ? 1_555 ? 
2  AC1 14 HIS A 61  ? HIS A 62  . ? 1_555 ? 
3  AC1 14 THR A 72  ? THR A 73  . ? 1_555 ? 
4  AC1 14 ILE A 74  ? ILE A 75  . ? 1_555 ? 
5  AC1 14 SER A 75  ? SER A 76  . ? 1_555 ? 
6  AC1 14 THR A 77  ? THR A 78  . ? 1_555 ? 
7  AC1 14 HIS A 78  ? HIS A 79  . ? 1_555 ? 
8  AC1 14 ARG A 94  ? ARG A 95  . ? 1_555 ? 
9  AC1 14 TYR A 95  ? TYR A 96  . ? 1_555 ? 
10 AC1 14 PHE A 96  ? PHE A 97  . ? 1_555 ? 
11 AC1 14 CYS A 97  ? CYS A 98  . ? 1_555 ? 
12 AC1 14 CYS A 100 ? CYS A 101 . ? 1_555 ? 
13 AC1 14 HIS A 101 ? HIS A 102 . ? 1_555 ? 
14 AC1 14 HOH D .   ? HOH A 186 . ? 1_555 ? 
15 AC2 18 PRO A 39  ? PRO A 40  . ? 1_555 ? 
16 AC2 18 VAL A 41  ? VAL A 42  . ? 1_555 ? 
17 AC2 18 PRO A 42  ? PRO A 43  . ? 1_555 ? 
18 AC2 18 HIS A 43  ? HIS A 44  . ? 1_555 ? 
19 AC2 18 TYR A 48  ? TYR A 49  . ? 1_555 ? 
20 AC2 18 GLN A 56  ? GLN A 57  . ? 1_555 ? 
21 AC2 18 CYS A 57  ? CYS A 58  . ? 1_555 ? 
22 AC2 18 CYS A 60  ? CYS A 61  . ? 1_555 ? 
23 AC2 18 HIS A 61  ? HIS A 62  . ? 1_555 ? 
24 AC2 18 GLY A 70  ? GLY A 71  . ? 1_555 ? 
25 AC2 18 ALA A 71  ? ALA A 72  . ? 1_555 ? 
26 AC2 18 THR A 72  ? THR A 73  . ? 1_555 ? 
27 AC2 18 THR A 77  ? THR A 78  . ? 3_555 ? 
28 AC2 18 GLY A 84  ? GLY A 85  . ? 3_555 ? 
29 AC2 18 CYS A 97  ? CYS A 98  . ? 1_555 ? 
30 AC2 18 HIS A 101 ? HIS A 102 . ? 1_555 ? 
31 AC2 18 HOH D .   ? HOH A 182 . ? 1_555 ? 
32 AC2 18 HOH D .   ? HOH A 203 . ? 1_555 ? 
# 
_pdbx_entry_details.entry_id                   1JNI 
_pdbx_entry_details.compound_details           ? 
_pdbx_entry_details.source_details             ? 
_pdbx_entry_details.nonpolymer_details         ? 
_pdbx_entry_details.sequence_details           ? 
_pdbx_entry_details.has_ligand_of_interest     ? 
_pdbx_entry_details.has_protein_modification   Y 
# 
_pdbx_validate_rmsd_angle.id                         1 
_pdbx_validate_rmsd_angle.PDB_model_num              1 
_pdbx_validate_rmsd_angle.auth_atom_id_1             CB 
_pdbx_validate_rmsd_angle.auth_asym_id_1             A 
_pdbx_validate_rmsd_angle.auth_comp_id_1             TYR 
_pdbx_validate_rmsd_angle.auth_seq_id_1              49 
_pdbx_validate_rmsd_angle.PDB_ins_code_1             ? 
_pdbx_validate_rmsd_angle.label_alt_id_1             ? 
_pdbx_validate_rmsd_angle.auth_atom_id_2             CG 
_pdbx_validate_rmsd_angle.auth_asym_id_2             A 
_pdbx_validate_rmsd_angle.auth_comp_id_2             TYR 
_pdbx_validate_rmsd_angle.auth_seq_id_2              49 
_pdbx_validate_rmsd_angle.PDB_ins_code_2             ? 
_pdbx_validate_rmsd_angle.label_alt_id_2             ? 
_pdbx_validate_rmsd_angle.auth_atom_id_3             CD1 
_pdbx_validate_rmsd_angle.auth_asym_id_3             A 
_pdbx_validate_rmsd_angle.auth_comp_id_3             TYR 
_pdbx_validate_rmsd_angle.auth_seq_id_3              49 
_pdbx_validate_rmsd_angle.PDB_ins_code_3             ? 
_pdbx_validate_rmsd_angle.label_alt_id_3             ? 
_pdbx_validate_rmsd_angle.angle_value                124.90 
_pdbx_validate_rmsd_angle.angle_target_value         121.00 
_pdbx_validate_rmsd_angle.angle_deviation            3.90 
_pdbx_validate_rmsd_angle.angle_standard_deviation   0.60 
_pdbx_validate_rmsd_angle.linker_flag                N 
# 
loop_
_pdbx_struct_special_symmetry.id 
_pdbx_struct_special_symmetry.PDB_model_num 
_pdbx_struct_special_symmetry.auth_asym_id 
_pdbx_struct_special_symmetry.auth_comp_id 
_pdbx_struct_special_symmetry.auth_seq_id 
_pdbx_struct_special_symmetry.PDB_ins_code 
_pdbx_struct_special_symmetry.label_asym_id 
_pdbx_struct_special_symmetry.label_comp_id 
_pdbx_struct_special_symmetry.label_seq_id 
1 1 A HOH 136 ? D HOH . 
2 1 A HOH 145 ? D HOH . 
3 1 A HOH 160 ? D HOH . 
# 
loop_
_pdbx_distant_solvent_atoms.id 
_pdbx_distant_solvent_atoms.PDB_model_num 
_pdbx_distant_solvent_atoms.auth_atom_id 
_pdbx_distant_solvent_atoms.label_alt_id 
_pdbx_distant_solvent_atoms.auth_asym_id 
_pdbx_distant_solvent_atoms.auth_comp_id 
_pdbx_distant_solvent_atoms.auth_seq_id 
_pdbx_distant_solvent_atoms.PDB_ins_code 
_pdbx_distant_solvent_atoms.neighbor_macromolecule_distance 
_pdbx_distant_solvent_atoms.neighbor_ligand_distance 
1 1 O ? A HOH 204 ? 8.32  . 
2 1 O ? A HOH 211 ? 6.64  . 
3 1 O ? A HOH 216 ? 8.49  . 
4 1 O ? A HOH 234 ? 6.91  . 
5 1 O ? A HOH 240 ? 8.22  . 
6 1 O ? A HOH 254 ? 10.80 . 
# 
loop_
_pdbx_unobs_or_zero_occ_residues.id 
_pdbx_unobs_or_zero_occ_residues.PDB_model_num 
_pdbx_unobs_or_zero_occ_residues.polymer_flag 
_pdbx_unobs_or_zero_occ_residues.occupancy_flag 
_pdbx_unobs_or_zero_occ_residues.auth_asym_id 
_pdbx_unobs_or_zero_occ_residues.auth_comp_id 
_pdbx_unobs_or_zero_occ_residues.auth_seq_id 
_pdbx_unobs_or_zero_occ_residues.PDB_ins_code 
_pdbx_unobs_or_zero_occ_residues.label_asym_id 
_pdbx_unobs_or_zero_occ_residues.label_comp_id 
_pdbx_unobs_or_zero_occ_residues.label_seq_id 
1  1 Y 1 A ASP 2   ? A ASP 1   
2  1 Y 1 A ALA 3   ? A ALA 2   
3  1 Y 1 A PRO 4   ? A PRO 3   
4  1 Y 1 A ALA 5   ? A ALA 4   
5  1 Y 1 A VAL 6   ? A VAL 5   
6  1 Y 1 A GLY 7   ? A GLY 6   
7  1 Y 1 A LYS 8   ? A LYS 7   
8  1 Y 1 A ASP 9   ? A ASP 8   
9  1 Y 1 A LEU 10  ? A LEU 9   
10 1 Y 1 A THR 11  ? A THR 10  
11 1 Y 1 A GLN 12  ? A GLN 11  
12 1 Y 1 A ALA 13  ? A ALA 12  
13 1 Y 1 A ALA 14  ? A ALA 13  
14 1 Y 1 A GLU 15  ? A GLU 14  
15 1 Y 1 A ASN 16  ? A ASN 15  
16 1 Y 1 A ILE 17  ? A ILE 16  
17 1 Y 1 A PRO 18  ? A PRO 17  
18 1 Y 1 A PRO 19  ? A PRO 18  
19 1 Y 1 A ALA 20  ? A ALA 19  
20 1 Y 1 A PHE 21  ? A PHE 20  
21 1 Y 1 A HIS 22  ? A HIS 21  
22 1 Y 1 A ASN 23  ? A ASN 22  
23 1 Y 1 A ALA 24  ? A ALA 23  
24 1 Y 1 A PRO 25  ? A PRO 24  
25 1 Y 1 A ARG 26  ? A ARG 25  
26 1 Y 1 A GLN 27  ? A GLN 26  
27 1 Y 1 A GLY 28  ? A GLY 27  
28 1 Y 1 A GLU 29  ? A GLU 28  
29 1 Y 1 A LEU 30  ? A LEU 29  
30 1 Y 1 A PRO 31  ? A PRO 30  
31 1 Y 1 A ALA 32  ? A ALA 31  
32 1 Y 1 A LEU 33  ? A LEU 32  
33 1 Y 1 A ASN 34  ? A ASN 33  
34 1 Y 1 A TYR 35  ? A TYR 34  
35 1 Y 1 A VAL 36  ? A VAL 35  
36 1 Y 1 A GLY 88  ? A GLY 87  
37 1 Y 1 A SER 89  ? A SER 88  
38 1 Y 1 A SER 90  ? A SER 89  
39 1 Y 1 A SER 91  ? A SER 90  
40 1 Y 1 A GLN 105 ? A GLN 104 
41 1 Y 1 A ALA 106 ? A ALA 105 
42 1 Y 1 A ASN 107 ? A ASN 106 
43 1 Y 1 A VAL 108 ? A VAL 107 
44 1 Y 1 A ASP 109 ? A ASP 108 
45 1 Y 1 A PRO 110 ? A PRO 109 
46 1 Y 1 A ILE 111 ? A ILE 110 
47 1 Y 1 A VAL 112 ? A VAL 111 
48 1 Y 1 A PRO 113 ? A PRO 112 
49 1 Y 1 A ASN 114 ? A ASN 113 
50 1 Y 1 A ASP 115 ? A ASP 114 
51 1 Y 1 A PHE 116 ? A PHE 115 
52 1 Y 1 A LYS 117 ? A LYS 116 
53 1 Y 1 A PRO 118 ? A PRO 117 
54 1 Y 1 A MET 119 ? A MET 118 
55 1 Y 1 A LYS 120 ? A LYS 119 
56 1 Y 1 A GLY 121 ? A GLY 120 
57 1 Y 1 A TYR 122 ? A TYR 121 
58 1 Y 1 A GLY 123 ? A GLY 122 
59 1 Y 1 A ASN 124 ? A ASN 123 
# 
loop_
_chem_comp_atom.comp_id 
_chem_comp_atom.atom_id 
_chem_comp_atom.type_symbol 
_chem_comp_atom.pdbx_aromatic_flag 
_chem_comp_atom.pdbx_stereo_config 
_chem_comp_atom.pdbx_ordinal 
ALA N    N  N N 1   
ALA CA   C  N S 2   
ALA C    C  N N 3   
ALA O    O  N N 4   
ALA CB   C  N N 5   
ALA OXT  O  N N 6   
ALA H    H  N N 7   
ALA H2   H  N N 8   
ALA HA   H  N N 9   
ALA HB1  H  N N 10  
ALA HB2  H  N N 11  
ALA HB3  H  N N 12  
ALA HXT  H  N N 13  
ARG N    N  N N 14  
ARG CA   C  N S 15  
ARG C    C  N N 16  
ARG O    O  N N 17  
ARG CB   C  N N 18  
ARG CG   C  N N 19  
ARG CD   C  N N 20  
ARG NE   N  N N 21  
ARG CZ   C  N N 22  
ARG NH1  N  N N 23  
ARG NH2  N  N N 24  
ARG OXT  O  N N 25  
ARG H    H  N N 26  
ARG H2   H  N N 27  
ARG HA   H  N N 28  
ARG HB2  H  N N 29  
ARG HB3  H  N N 30  
ARG HG2  H  N N 31  
ARG HG3  H  N N 32  
ARG HD2  H  N N 33  
ARG HD3  H  N N 34  
ARG HE   H  N N 35  
ARG HH11 H  N N 36  
ARG HH12 H  N N 37  
ARG HH21 H  N N 38  
ARG HH22 H  N N 39  
ARG HXT  H  N N 40  
ASN N    N  N N 41  
ASN CA   C  N S 42  
ASN C    C  N N 43  
ASN O    O  N N 44  
ASN CB   C  N N 45  
ASN CG   C  N N 46  
ASN OD1  O  N N 47  
ASN ND2  N  N N 48  
ASN OXT  O  N N 49  
ASN H    H  N N 50  
ASN H2   H  N N 51  
ASN HA   H  N N 52  
ASN HB2  H  N N 53  
ASN HB3  H  N N 54  
ASN HD21 H  N N 55  
ASN HD22 H  N N 56  
ASN HXT  H  N N 57  
ASP N    N  N N 58  
ASP CA   C  N S 59  
ASP C    C  N N 60  
ASP O    O  N N 61  
ASP CB   C  N N 62  
ASP CG   C  N N 63  
ASP OD1  O  N N 64  
ASP OD2  O  N N 65  
ASP OXT  O  N N 66  
ASP H    H  N N 67  
ASP H2   H  N N 68  
ASP HA   H  N N 69  
ASP HB2  H  N N 70  
ASP HB3  H  N N 71  
ASP HD2  H  N N 72  
ASP HXT  H  N N 73  
CYS N    N  N N 74  
CYS CA   C  N R 75  
CYS C    C  N N 76  
CYS O    O  N N 77  
CYS CB   C  N N 78  
CYS SG   S  N N 79  
CYS OXT  O  N N 80  
CYS H    H  N N 81  
CYS H2   H  N N 82  
CYS HA   H  N N 83  
CYS HB2  H  N N 84  
CYS HB3  H  N N 85  
CYS HG   H  N N 86  
CYS HXT  H  N N 87  
GLN N    N  N N 88  
GLN CA   C  N S 89  
GLN C    C  N N 90  
GLN O    O  N N 91  
GLN CB   C  N N 92  
GLN CG   C  N N 93  
GLN CD   C  N N 94  
GLN OE1  O  N N 95  
GLN NE2  N  N N 96  
GLN OXT  O  N N 97  
GLN H    H  N N 98  
GLN H2   H  N N 99  
GLN HA   H  N N 100 
GLN HB2  H  N N 101 
GLN HB3  H  N N 102 
GLN HG2  H  N N 103 
GLN HG3  H  N N 104 
GLN HE21 H  N N 105 
GLN HE22 H  N N 106 
GLN HXT  H  N N 107 
GLU N    N  N N 108 
GLU CA   C  N S 109 
GLU C    C  N N 110 
GLU O    O  N N 111 
GLU CB   C  N N 112 
GLU CG   C  N N 113 
GLU CD   C  N N 114 
GLU OE1  O  N N 115 
GLU OE2  O  N N 116 
GLU OXT  O  N N 117 
GLU H    H  N N 118 
GLU H2   H  N N 119 
GLU HA   H  N N 120 
GLU HB2  H  N N 121 
GLU HB3  H  N N 122 
GLU HG2  H  N N 123 
GLU HG3  H  N N 124 
GLU HE2  H  N N 125 
GLU HXT  H  N N 126 
GLY N    N  N N 127 
GLY CA   C  N N 128 
GLY C    C  N N 129 
GLY O    O  N N 130 
GLY OXT  O  N N 131 
GLY H    H  N N 132 
GLY H2   H  N N 133 
GLY HA2  H  N N 134 
GLY HA3  H  N N 135 
GLY HXT  H  N N 136 
HEC FE   FE N N 137 
HEC CHA  C  N N 138 
HEC CHB  C  N N 139 
HEC CHC  C  N N 140 
HEC CHD  C  N N 141 
HEC NA   N  Y N 142 
HEC C1A  C  Y N 143 
HEC C2A  C  Y N 144 
HEC C3A  C  Y N 145 
HEC C4A  C  Y N 146 
HEC CMA  C  N N 147 
HEC CAA  C  N N 148 
HEC CBA  C  N N 149 
HEC CGA  C  N N 150 
HEC O1A  O  N N 151 
HEC O2A  O  N N 152 
HEC NB   N  Y N 153 
HEC C1B  C  Y N 154 
HEC C2B  C  Y N 155 
HEC C3B  C  Y N 156 
HEC C4B  C  Y N 157 
HEC CMB  C  N N 158 
HEC CAB  C  N N 159 
HEC CBB  C  N N 160 
HEC NC   N  Y N 161 
HEC C1C  C  Y N 162 
HEC C2C  C  Y N 163 
HEC C3C  C  Y N 164 
HEC C4C  C  Y N 165 
HEC CMC  C  N N 166 
HEC CAC  C  N N 167 
HEC CBC  C  N N 168 
HEC ND   N  Y N 169 
HEC C1D  C  Y N 170 
HEC C2D  C  Y N 171 
HEC C3D  C  Y N 172 
HEC C4D  C  Y N 173 
HEC CMD  C  N N 174 
HEC CAD  C  N N 175 
HEC CBD  C  N N 176 
HEC CGD  C  N N 177 
HEC O1D  O  N N 178 
HEC O2D  O  N N 179 
HEC HHA  H  N N 180 
HEC HHB  H  N N 181 
HEC HHC  H  N N 182 
HEC HHD  H  N N 183 
HEC HMA1 H  N N 184 
HEC HMA2 H  N N 185 
HEC HMA3 H  N N 186 
HEC HAA1 H  N N 187 
HEC HAA2 H  N N 188 
HEC HBA1 H  N N 189 
HEC HBA2 H  N N 190 
HEC H2A  H  N N 191 
HEC HMB1 H  N N 192 
HEC HMB2 H  N N 193 
HEC HMB3 H  N N 194 
HEC HAB  H  N N 195 
HEC HBB1 H  N N 196 
HEC HBB2 H  N N 197 
HEC HBB3 H  N N 198 
HEC HMC1 H  N N 199 
HEC HMC2 H  N N 200 
HEC HMC3 H  N N 201 
HEC HAC  H  N N 202 
HEC HBC1 H  N N 203 
HEC HBC2 H  N N 204 
HEC HBC3 H  N N 205 
HEC HMD1 H  N N 206 
HEC HMD2 H  N N 207 
HEC HMD3 H  N N 208 
HEC HAD1 H  N N 209 
HEC HAD2 H  N N 210 
HEC HBD1 H  N N 211 
HEC HBD2 H  N N 212 
HEC H2D  H  N N 213 
HIS N    N  N N 214 
HIS CA   C  N S 215 
HIS C    C  N N 216 
HIS O    O  N N 217 
HIS CB   C  N N 218 
HIS CG   C  Y N 219 
HIS ND1  N  Y N 220 
HIS CD2  C  Y N 221 
HIS CE1  C  Y N 222 
HIS NE2  N  Y N 223 
HIS OXT  O  N N 224 
HIS H    H  N N 225 
HIS H2   H  N N 226 
HIS HA   H  N N 227 
HIS HB2  H  N N 228 
HIS HB3  H  N N 229 
HIS HD1  H  N N 230 
HIS HD2  H  N N 231 
HIS HE1  H  N N 232 
HIS HE2  H  N N 233 
HIS HXT  H  N N 234 
HOH O    O  N N 235 
HOH H1   H  N N 236 
HOH H2   H  N N 237 
ILE N    N  N N 238 
ILE CA   C  N S 239 
ILE C    C  N N 240 
ILE O    O  N N 241 
ILE CB   C  N S 242 
ILE CG1  C  N N 243 
ILE CG2  C  N N 244 
ILE CD1  C  N N 245 
ILE OXT  O  N N 246 
ILE H    H  N N 247 
ILE H2   H  N N 248 
ILE HA   H  N N 249 
ILE HB   H  N N 250 
ILE HG12 H  N N 251 
ILE HG13 H  N N 252 
ILE HG21 H  N N 253 
ILE HG22 H  N N 254 
ILE HG23 H  N N 255 
ILE HD11 H  N N 256 
ILE HD12 H  N N 257 
ILE HD13 H  N N 258 
ILE HXT  H  N N 259 
LEU N    N  N N 260 
LEU CA   C  N S 261 
LEU C    C  N N 262 
LEU O    O  N N 263 
LEU CB   C  N N 264 
LEU CG   C  N N 265 
LEU CD1  C  N N 266 
LEU CD2  C  N N 267 
LEU OXT  O  N N 268 
LEU H    H  N N 269 
LEU H2   H  N N 270 
LEU HA   H  N N 271 
LEU HB2  H  N N 272 
LEU HB3  H  N N 273 
LEU HG   H  N N 274 
LEU HD11 H  N N 275 
LEU HD12 H  N N 276 
LEU HD13 H  N N 277 
LEU HD21 H  N N 278 
LEU HD22 H  N N 279 
LEU HD23 H  N N 280 
LEU HXT  H  N N 281 
LYS N    N  N N 282 
LYS CA   C  N S 283 
LYS C    C  N N 284 
LYS O    O  N N 285 
LYS CB   C  N N 286 
LYS CG   C  N N 287 
LYS CD   C  N N 288 
LYS CE   C  N N 289 
LYS NZ   N  N N 290 
LYS OXT  O  N N 291 
LYS H    H  N N 292 
LYS H2   H  N N 293 
LYS HA   H  N N 294 
LYS HB2  H  N N 295 
LYS HB3  H  N N 296 
LYS HG2  H  N N 297 
LYS HG3  H  N N 298 
LYS HD2  H  N N 299 
LYS HD3  H  N N 300 
LYS HE2  H  N N 301 
LYS HE3  H  N N 302 
LYS HZ1  H  N N 303 
LYS HZ2  H  N N 304 
LYS HZ3  H  N N 305 
LYS HXT  H  N N 306 
MET N    N  N N 307 
MET CA   C  N S 308 
MET C    C  N N 309 
MET O    O  N N 310 
MET CB   C  N N 311 
MET CG   C  N N 312 
MET SD   S  N N 313 
MET CE   C  N N 314 
MET OXT  O  N N 315 
MET H    H  N N 316 
MET H2   H  N N 317 
MET HA   H  N N 318 
MET HB2  H  N N 319 
MET HB3  H  N N 320 
MET HG2  H  N N 321 
MET HG3  H  N N 322 
MET HE1  H  N N 323 
MET HE2  H  N N 324 
MET HE3  H  N N 325 
MET HXT  H  N N 326 
PHE N    N  N N 327 
PHE CA   C  N S 328 
PHE C    C  N N 329 
PHE O    O  N N 330 
PHE CB   C  N N 331 
PHE CG   C  Y N 332 
PHE CD1  C  Y N 333 
PHE CD2  C  Y N 334 
PHE CE1  C  Y N 335 
PHE CE2  C  Y N 336 
PHE CZ   C  Y N 337 
PHE OXT  O  N N 338 
PHE H    H  N N 339 
PHE H2   H  N N 340 
PHE HA   H  N N 341 
PHE HB2  H  N N 342 
PHE HB3  H  N N 343 
PHE HD1  H  N N 344 
PHE HD2  H  N N 345 
PHE HE1  H  N N 346 
PHE HE2  H  N N 347 
PHE HZ   H  N N 348 
PHE HXT  H  N N 349 
PRO N    N  N N 350 
PRO CA   C  N S 351 
PRO C    C  N N 352 
PRO O    O  N N 353 
PRO CB   C  N N 354 
PRO CG   C  N N 355 
PRO CD   C  N N 356 
PRO OXT  O  N N 357 
PRO H    H  N N 358 
PRO HA   H  N N 359 
PRO HB2  H  N N 360 
PRO HB3  H  N N 361 
PRO HG2  H  N N 362 
PRO HG3  H  N N 363 
PRO HD2  H  N N 364 
PRO HD3  H  N N 365 
PRO HXT  H  N N 366 
SER N    N  N N 367 
SER CA   C  N S 368 
SER C    C  N N 369 
SER O    O  N N 370 
SER CB   C  N N 371 
SER OG   O  N N 372 
SER OXT  O  N N 373 
SER H    H  N N 374 
SER H2   H  N N 375 
SER HA   H  N N 376 
SER HB2  H  N N 377 
SER HB3  H  N N 378 
SER HG   H  N N 379 
SER HXT  H  N N 380 
THR N    N  N N 381 
THR CA   C  N S 382 
THR C    C  N N 383 
THR O    O  N N 384 
THR CB   C  N R 385 
THR OG1  O  N N 386 
THR CG2  C  N N 387 
THR OXT  O  N N 388 
THR H    H  N N 389 
THR H2   H  N N 390 
THR HA   H  N N 391 
THR HB   H  N N 392 
THR HG1  H  N N 393 
THR HG21 H  N N 394 
THR HG22 H  N N 395 
THR HG23 H  N N 396 
THR HXT  H  N N 397 
TYR N    N  N N 398 
TYR CA   C  N S 399 
TYR C    C  N N 400 
TYR O    O  N N 401 
TYR CB   C  N N 402 
TYR CG   C  Y N 403 
TYR CD1  C  Y N 404 
TYR CD2  C  Y N 405 
TYR CE1  C  Y N 406 
TYR CE2  C  Y N 407 
TYR CZ   C  Y N 408 
TYR OH   O  N N 409 
TYR OXT  O  N N 410 
TYR H    H  N N 411 
TYR H2   H  N N 412 
TYR HA   H  N N 413 
TYR HB2  H  N N 414 
TYR HB3  H  N N 415 
TYR HD1  H  N N 416 
TYR HD2  H  N N 417 
TYR HE1  H  N N 418 
TYR HE2  H  N N 419 
TYR HH   H  N N 420 
TYR HXT  H  N N 421 
VAL N    N  N N 422 
VAL CA   C  N S 423 
VAL C    C  N N 424 
VAL O    O  N N 425 
VAL CB   C  N N 426 
VAL CG1  C  N N 427 
VAL CG2  C  N N 428 
VAL OXT  O  N N 429 
VAL H    H  N N 430 
VAL H2   H  N N 431 
VAL HA   H  N N 432 
VAL HB   H  N N 433 
VAL HG11 H  N N 434 
VAL HG12 H  N N 435 
VAL HG13 H  N N 436 
VAL HG21 H  N N 437 
VAL HG22 H  N N 438 
VAL HG23 H  N N 439 
VAL HXT  H  N N 440 
# 
loop_
_chem_comp_bond.comp_id 
_chem_comp_bond.atom_id_1 
_chem_comp_bond.atom_id_2 
_chem_comp_bond.value_order 
_chem_comp_bond.pdbx_aromatic_flag 
_chem_comp_bond.pdbx_stereo_config 
_chem_comp_bond.pdbx_ordinal 
ALA N   CA   sing N N 1   
ALA N   H    sing N N 2   
ALA N   H2   sing N N 3   
ALA CA  C    sing N N 4   
ALA CA  CB   sing N N 5   
ALA CA  HA   sing N N 6   
ALA C   O    doub N N 7   
ALA C   OXT  sing N N 8   
ALA CB  HB1  sing N N 9   
ALA CB  HB2  sing N N 10  
ALA CB  HB3  sing N N 11  
ALA OXT HXT  sing N N 12  
ARG N   CA   sing N N 13  
ARG N   H    sing N N 14  
ARG N   H2   sing N N 15  
ARG CA  C    sing N N 16  
ARG CA  CB   sing N N 17  
ARG CA  HA   sing N N 18  
ARG C   O    doub N N 19  
ARG C   OXT  sing N N 20  
ARG CB  CG   sing N N 21  
ARG CB  HB2  sing N N 22  
ARG CB  HB3  sing N N 23  
ARG CG  CD   sing N N 24  
ARG CG  HG2  sing N N 25  
ARG CG  HG3  sing N N 26  
ARG CD  NE   sing N N 27  
ARG CD  HD2  sing N N 28  
ARG CD  HD3  sing N N 29  
ARG NE  CZ   sing N N 30  
ARG NE  HE   sing N N 31  
ARG CZ  NH1  sing N N 32  
ARG CZ  NH2  doub N N 33  
ARG NH1 HH11 sing N N 34  
ARG NH1 HH12 sing N N 35  
ARG NH2 HH21 sing N N 36  
ARG NH2 HH22 sing N N 37  
ARG OXT HXT  sing N N 38  
ASN N   CA   sing N N 39  
ASN N   H    sing N N 40  
ASN N   H2   sing N N 41  
ASN CA  C    sing N N 42  
ASN CA  CB   sing N N 43  
ASN CA  HA   sing N N 44  
ASN C   O    doub N N 45  
ASN C   OXT  sing N N 46  
ASN CB  CG   sing N N 47  
ASN CB  HB2  sing N N 48  
ASN CB  HB3  sing N N 49  
ASN CG  OD1  doub N N 50  
ASN CG  ND2  sing N N 51  
ASN ND2 HD21 sing N N 52  
ASN ND2 HD22 sing N N 53  
ASN OXT HXT  sing N N 54  
ASP N   CA   sing N N 55  
ASP N   H    sing N N 56  
ASP N   H2   sing N N 57  
ASP CA  C    sing N N 58  
ASP CA  CB   sing N N 59  
ASP CA  HA   sing N N 60  
ASP C   O    doub N N 61  
ASP C   OXT  sing N N 62  
ASP CB  CG   sing N N 63  
ASP CB  HB2  sing N N 64  
ASP CB  HB3  sing N N 65  
ASP CG  OD1  doub N N 66  
ASP CG  OD2  sing N N 67  
ASP OD2 HD2  sing N N 68  
ASP OXT HXT  sing N N 69  
CYS N   CA   sing N N 70  
CYS N   H    sing N N 71  
CYS N   H2   sing N N 72  
CYS CA  C    sing N N 73  
CYS CA  CB   sing N N 74  
CYS CA  HA   sing N N 75  
CYS C   O    doub N N 76  
CYS C   OXT  sing N N 77  
CYS CB  SG   sing N N 78  
CYS CB  HB2  sing N N 79  
CYS CB  HB3  sing N N 80  
CYS SG  HG   sing N N 81  
CYS OXT HXT  sing N N 82  
GLN N   CA   sing N N 83  
GLN N   H    sing N N 84  
GLN N   H2   sing N N 85  
GLN CA  C    sing N N 86  
GLN CA  CB   sing N N 87  
GLN CA  HA   sing N N 88  
GLN C   O    doub N N 89  
GLN C   OXT  sing N N 90  
GLN CB  CG   sing N N 91  
GLN CB  HB2  sing N N 92  
GLN CB  HB3  sing N N 93  
GLN CG  CD   sing N N 94  
GLN CG  HG2  sing N N 95  
GLN CG  HG3  sing N N 96  
GLN CD  OE1  doub N N 97  
GLN CD  NE2  sing N N 98  
GLN NE2 HE21 sing N N 99  
GLN NE2 HE22 sing N N 100 
GLN OXT HXT  sing N N 101 
GLU N   CA   sing N N 102 
GLU N   H    sing N N 103 
GLU N   H2   sing N N 104 
GLU CA  C    sing N N 105 
GLU CA  CB   sing N N 106 
GLU CA  HA   sing N N 107 
GLU C   O    doub N N 108 
GLU C   OXT  sing N N 109 
GLU CB  CG   sing N N 110 
GLU CB  HB2  sing N N 111 
GLU CB  HB3  sing N N 112 
GLU CG  CD   sing N N 113 
GLU CG  HG2  sing N N 114 
GLU CG  HG3  sing N N 115 
GLU CD  OE1  doub N N 116 
GLU CD  OE2  sing N N 117 
GLU OE2 HE2  sing N N 118 
GLU OXT HXT  sing N N 119 
GLY N   CA   sing N N 120 
GLY N   H    sing N N 121 
GLY N   H2   sing N N 122 
GLY CA  C    sing N N 123 
GLY CA  HA2  sing N N 124 
GLY CA  HA3  sing N N 125 
GLY C   O    doub N N 126 
GLY C   OXT  sing N N 127 
GLY OXT HXT  sing N N 128 
HEC FE  NA   sing N N 129 
HEC FE  NB   sing N N 130 
HEC FE  NC   sing N N 131 
HEC FE  ND   sing N N 132 
HEC CHA C1A  doub N N 133 
HEC CHA C4D  sing N N 134 
HEC CHA HHA  sing N N 135 
HEC CHB C4A  doub N N 136 
HEC CHB C1B  sing N N 137 
HEC CHB HHB  sing N N 138 
HEC CHC C4B  doub N N 139 
HEC CHC C1C  sing N N 140 
HEC CHC HHC  sing N N 141 
HEC CHD C4C  doub N N 142 
HEC CHD C1D  sing N N 143 
HEC CHD HHD  sing N N 144 
HEC NA  C1A  sing Y N 145 
HEC NA  C4A  sing Y N 146 
HEC C1A C2A  sing Y N 147 
HEC C2A C3A  doub Y N 148 
HEC C2A CAA  sing N N 149 
HEC C3A C4A  sing Y N 150 
HEC C3A CMA  sing N N 151 
HEC CMA HMA1 sing N N 152 
HEC CMA HMA2 sing N N 153 
HEC CMA HMA3 sing N N 154 
HEC CAA CBA  sing N N 155 
HEC CAA HAA1 sing N N 156 
HEC CAA HAA2 sing N N 157 
HEC CBA CGA  sing N N 158 
HEC CBA HBA1 sing N N 159 
HEC CBA HBA2 sing N N 160 
HEC CGA O1A  doub N N 161 
HEC CGA O2A  sing N N 162 
HEC O2A H2A  sing N N 163 
HEC NB  C1B  sing Y N 164 
HEC NB  C4B  sing Y N 165 
HEC C1B C2B  doub Y N 166 
HEC C2B C3B  sing Y N 167 
HEC C2B CMB  sing N N 168 
HEC C3B C4B  sing Y N 169 
HEC C3B CAB  doub N E 170 
HEC CMB HMB1 sing N N 171 
HEC CMB HMB2 sing N N 172 
HEC CMB HMB3 sing N N 173 
HEC CAB CBB  sing N N 174 
HEC CAB HAB  sing N N 175 
HEC CBB HBB1 sing N N 176 
HEC CBB HBB2 sing N N 177 
HEC CBB HBB3 sing N N 178 
HEC NC  C1C  sing Y N 179 
HEC NC  C4C  sing Y N 180 
HEC C1C C2C  doub Y N 181 
HEC C2C C3C  sing Y N 182 
HEC C2C CMC  sing N N 183 
HEC C3C C4C  sing Y N 184 
HEC C3C CAC  doub N E 185 
HEC CMC HMC1 sing N N 186 
HEC CMC HMC2 sing N N 187 
HEC CMC HMC3 sing N N 188 
HEC CAC CBC  sing N N 189 
HEC CAC HAC  sing N N 190 
HEC CBC HBC1 sing N N 191 
HEC CBC HBC2 sing N N 192 
HEC CBC HBC3 sing N N 193 
HEC ND  C1D  sing Y N 194 
HEC ND  C4D  sing Y N 195 
HEC C1D C2D  doub Y N 196 
HEC C2D C3D  sing Y N 197 
HEC C2D CMD  sing N N 198 
HEC C3D C4D  doub Y N 199 
HEC C3D CAD  sing N N 200 
HEC CMD HMD1 sing N N 201 
HEC CMD HMD2 sing N N 202 
HEC CMD HMD3 sing N N 203 
HEC CAD CBD  sing N N 204 
HEC CAD HAD1 sing N N 205 
HEC CAD HAD2 sing N N 206 
HEC CBD CGD  sing N N 207 
HEC CBD HBD1 sing N N 208 
HEC CBD HBD2 sing N N 209 
HEC CGD O1D  doub N N 210 
HEC CGD O2D  sing N N 211 
HEC O2D H2D  sing N N 212 
HIS N   CA   sing N N 213 
HIS N   H    sing N N 214 
HIS N   H2   sing N N 215 
HIS CA  C    sing N N 216 
HIS CA  CB   sing N N 217 
HIS CA  HA   sing N N 218 
HIS C   O    doub N N 219 
HIS C   OXT  sing N N 220 
HIS CB  CG   sing N N 221 
HIS CB  HB2  sing N N 222 
HIS CB  HB3  sing N N 223 
HIS CG  ND1  sing Y N 224 
HIS CG  CD2  doub Y N 225 
HIS ND1 CE1  doub Y N 226 
HIS ND1 HD1  sing N N 227 
HIS CD2 NE2  sing Y N 228 
HIS CD2 HD2  sing N N 229 
HIS CE1 NE2  sing Y N 230 
HIS CE1 HE1  sing N N 231 
HIS NE2 HE2  sing N N 232 
HIS OXT HXT  sing N N 233 
HOH O   H1   sing N N 234 
HOH O   H2   sing N N 235 
ILE N   CA   sing N N 236 
ILE N   H    sing N N 237 
ILE N   H2   sing N N 238 
ILE CA  C    sing N N 239 
ILE CA  CB   sing N N 240 
ILE CA  HA   sing N N 241 
ILE C   O    doub N N 242 
ILE C   OXT  sing N N 243 
ILE CB  CG1  sing N N 244 
ILE CB  CG2  sing N N 245 
ILE CB  HB   sing N N 246 
ILE CG1 CD1  sing N N 247 
ILE CG1 HG12 sing N N 248 
ILE CG1 HG13 sing N N 249 
ILE CG2 HG21 sing N N 250 
ILE CG2 HG22 sing N N 251 
ILE CG2 HG23 sing N N 252 
ILE CD1 HD11 sing N N 253 
ILE CD1 HD12 sing N N 254 
ILE CD1 HD13 sing N N 255 
ILE OXT HXT  sing N N 256 
LEU N   CA   sing N N 257 
LEU N   H    sing N N 258 
LEU N   H2   sing N N 259 
LEU CA  C    sing N N 260 
LEU CA  CB   sing N N 261 
LEU CA  HA   sing N N 262 
LEU C   O    doub N N 263 
LEU C   OXT  sing N N 264 
LEU CB  CG   sing N N 265 
LEU CB  HB2  sing N N 266 
LEU CB  HB3  sing N N 267 
LEU CG  CD1  sing N N 268 
LEU CG  CD2  sing N N 269 
LEU CG  HG   sing N N 270 
LEU CD1 HD11 sing N N 271 
LEU CD1 HD12 sing N N 272 
LEU CD1 HD13 sing N N 273 
LEU CD2 HD21 sing N N 274 
LEU CD2 HD22 sing N N 275 
LEU CD2 HD23 sing N N 276 
LEU OXT HXT  sing N N 277 
LYS N   CA   sing N N 278 
LYS N   H    sing N N 279 
LYS N   H2   sing N N 280 
LYS CA  C    sing N N 281 
LYS CA  CB   sing N N 282 
LYS CA  HA   sing N N 283 
LYS C   O    doub N N 284 
LYS C   OXT  sing N N 285 
LYS CB  CG   sing N N 286 
LYS CB  HB2  sing N N 287 
LYS CB  HB3  sing N N 288 
LYS CG  CD   sing N N 289 
LYS CG  HG2  sing N N 290 
LYS CG  HG3  sing N N 291 
LYS CD  CE   sing N N 292 
LYS CD  HD2  sing N N 293 
LYS CD  HD3  sing N N 294 
LYS CE  NZ   sing N N 295 
LYS CE  HE2  sing N N 296 
LYS CE  HE3  sing N N 297 
LYS NZ  HZ1  sing N N 298 
LYS NZ  HZ2  sing N N 299 
LYS NZ  HZ3  sing N N 300 
LYS OXT HXT  sing N N 301 
MET N   CA   sing N N 302 
MET N   H    sing N N 303 
MET N   H2   sing N N 304 
MET CA  C    sing N N 305 
MET CA  CB   sing N N 306 
MET CA  HA   sing N N 307 
MET C   O    doub N N 308 
MET C   OXT  sing N N 309 
MET CB  CG   sing N N 310 
MET CB  HB2  sing N N 311 
MET CB  HB3  sing N N 312 
MET CG  SD   sing N N 313 
MET CG  HG2  sing N N 314 
MET CG  HG3  sing N N 315 
MET SD  CE   sing N N 316 
MET CE  HE1  sing N N 317 
MET CE  HE2  sing N N 318 
MET CE  HE3  sing N N 319 
MET OXT HXT  sing N N 320 
PHE N   CA   sing N N 321 
PHE N   H    sing N N 322 
PHE N   H2   sing N N 323 
PHE CA  C    sing N N 324 
PHE CA  CB   sing N N 325 
PHE CA  HA   sing N N 326 
PHE C   O    doub N N 327 
PHE C   OXT  sing N N 328 
PHE CB  CG   sing N N 329 
PHE CB  HB2  sing N N 330 
PHE CB  HB3  sing N N 331 
PHE CG  CD1  doub Y N 332 
PHE CG  CD2  sing Y N 333 
PHE CD1 CE1  sing Y N 334 
PHE CD1 HD1  sing N N 335 
PHE CD2 CE2  doub Y N 336 
PHE CD2 HD2  sing N N 337 
PHE CE1 CZ   doub Y N 338 
PHE CE1 HE1  sing N N 339 
PHE CE2 CZ   sing Y N 340 
PHE CE2 HE2  sing N N 341 
PHE CZ  HZ   sing N N 342 
PHE OXT HXT  sing N N 343 
PRO N   CA   sing N N 344 
PRO N   CD   sing N N 345 
PRO N   H    sing N N 346 
PRO CA  C    sing N N 347 
PRO CA  CB   sing N N 348 
PRO CA  HA   sing N N 349 
PRO C   O    doub N N 350 
PRO C   OXT  sing N N 351 
PRO CB  CG   sing N N 352 
PRO CB  HB2  sing N N 353 
PRO CB  HB3  sing N N 354 
PRO CG  CD   sing N N 355 
PRO CG  HG2  sing N N 356 
PRO CG  HG3  sing N N 357 
PRO CD  HD2  sing N N 358 
PRO CD  HD3  sing N N 359 
PRO OXT HXT  sing N N 360 
SER N   CA   sing N N 361 
SER N   H    sing N N 362 
SER N   H2   sing N N 363 
SER CA  C    sing N N 364 
SER CA  CB   sing N N 365 
SER CA  HA   sing N N 366 
SER C   O    doub N N 367 
SER C   OXT  sing N N 368 
SER CB  OG   sing N N 369 
SER CB  HB2  sing N N 370 
SER CB  HB3  sing N N 371 
SER OG  HG   sing N N 372 
SER OXT HXT  sing N N 373 
THR N   CA   sing N N 374 
THR N   H    sing N N 375 
THR N   H2   sing N N 376 
THR CA  C    sing N N 377 
THR CA  CB   sing N N 378 
THR CA  HA   sing N N 379 
THR C   O    doub N N 380 
THR C   OXT  sing N N 381 
THR CB  OG1  sing N N 382 
THR CB  CG2  sing N N 383 
THR CB  HB   sing N N 384 
THR OG1 HG1  sing N N 385 
THR CG2 HG21 sing N N 386 
THR CG2 HG22 sing N N 387 
THR CG2 HG23 sing N N 388 
THR OXT HXT  sing N N 389 
TYR N   CA   sing N N 390 
TYR N   H    sing N N 391 
TYR N   H2   sing N N 392 
TYR CA  C    sing N N 393 
TYR CA  CB   sing N N 394 
TYR CA  HA   sing N N 395 
TYR C   O    doub N N 396 
TYR C   OXT  sing N N 397 
TYR CB  CG   sing N N 398 
TYR CB  HB2  sing N N 399 
TYR CB  HB3  sing N N 400 
TYR CG  CD1  doub Y N 401 
TYR CG  CD2  sing Y N 402 
TYR CD1 CE1  sing Y N 403 
TYR CD1 HD1  sing N N 404 
TYR CD2 CE2  doub Y N 405 
TYR CD2 HD2  sing N N 406 
TYR CE1 CZ   doub Y N 407 
TYR CE1 HE1  sing N N 408 
TYR CE2 CZ   sing Y N 409 
TYR CE2 HE2  sing N N 410 
TYR CZ  OH   sing N N 411 
TYR OH  HH   sing N N 412 
TYR OXT HXT  sing N N 413 
VAL N   CA   sing N N 414 
VAL N   H    sing N N 415 
VAL N   H2   sing N N 416 
VAL CA  C    sing N N 417 
VAL CA  CB   sing N N 418 
VAL CA  HA   sing N N 419 
VAL C   O    doub N N 420 
VAL C   OXT  sing N N 421 
VAL CB  CG1  sing N N 422 
VAL CB  CG2  sing N N 423 
VAL CB  HB   sing N N 424 
VAL CG1 HG11 sing N N 425 
VAL CG1 HG12 sing N N 426 
VAL CG1 HG13 sing N N 427 
VAL CG2 HG21 sing N N 428 
VAL CG2 HG22 sing N N 429 
VAL CG2 HG23 sing N N 430 
VAL OXT HXT  sing N N 431 
# 
_atom_sites.entry_id                    1JNI 
_atom_sites.fract_transf_matrix[1][1]   -0.01088798 
_atom_sites.fract_transf_matrix[1][2]   -0.00424138 
_atom_sites.fract_transf_matrix[1][3]   -0.00497009 
_atom_sites.fract_transf_matrix[2][1]   0.00057072 
_atom_sites.fract_transf_matrix[2][2]   -0.01023942 
_atom_sites.fract_transf_matrix[2][3]   0.00748784 
_atom_sites.fract_transf_matrix[3][1]   -0.01764693 
_atom_sites.fract_transf_matrix[3][2]   0.01680170 
_atom_sites.fract_transf_matrix[3][3]   0.02432092 
_atom_sites.fract_transf_vector[1]      0.163159 
_atom_sites.fract_transf_vector[2]      0.322138 
_atom_sites.fract_transf_vector[3]      0.269477 
# 
loop_
_atom_type.symbol 
C  
FE 
N  
O  
S  
# 
loop_
_atom_site.group_PDB 
_atom_site.id 
_atom_site.type_symbol 
_atom_site.label_atom_id 
_atom_site.label_alt_id 
_atom_site.label_comp_id 
_atom_site.label_asym_id 
_atom_site.label_entity_id 
_atom_site.label_seq_id 
_atom_site.pdbx_PDB_ins_code 
_atom_site.Cartn_x 
_atom_site.Cartn_y 
_atom_site.Cartn_z 
_atom_site.occupancy 
_atom_site.B_iso_or_equiv 
_atom_site.pdbx_formal_charge 
_atom_site.auth_seq_id 
_atom_site.auth_comp_id 
_atom_site.auth_asym_id 
_atom_site.auth_atom_id 
_atom_site.pdbx_PDB_model_num 
ATOM   1   C  C   . ASN A 1 36  ? 14.200  -6.238  -3.900  1.00 37.81  ? 37  ASN A C   1 
ATOM   2   O  O   . ASN A 1 36  ? 13.589  -5.155  -3.811  1.00 40.43  ? 37  ASN A O   1 
ATOM   3   N  N   . GLN A 1 37  ? 13.596  -7.357  -4.301  1.00 31.21  ? 38  GLN A N   1 
ATOM   4   C  CA  . GLN A 1 37  ? 12.181  -7.212  -4.647  1.00 26.39  ? 38  GLN A CA  1 
ATOM   5   C  C   . GLN A 1 37  ? 11.329  -6.859  -3.436  1.00 21.99  ? 38  GLN A C   1 
ATOM   6   O  O   . GLN A 1 37  ? 11.609  -7.244  -2.293  1.00 25.67  ? 38  GLN A O   1 
ATOM   7   C  CB  . GLN A 1 37  ? 11.711  -8.542  -5.227  1.00 22.31  ? 38  GLN A CB  1 
ATOM   8   C  CG  . GLN A 1 37  ? 12.202  -8.810  -6.635  1.00 22.19  ? 38  GLN A CG  1 
ATOM   9   C  CD  . GLN A 1 37  ? 11.658  -7.847  -7.682  1.00 20.92  ? 38  GLN A CD  1 
ATOM   10  O  OE1 . GLN A 1 37  ? 12.441  -7.299  -8.495  1.00 27.83  ? 38  GLN A OE1 1 
ATOM   11  N  NE2 . GLN A 1 37  ? 10.341  -7.656  -7.705  1.00 19.39  ? 38  GLN A NE2 1 
ATOM   12  N  N   . PRO A 1 38  ? 10.235  -6.124  -3.659  1.00 18.43  ? 39  PRO A N   1 
ATOM   13  C  CA  . PRO A 1 38  ? 9.216   -5.876  -2.631  1.00 18.91  ? 39  PRO A CA  1 
ATOM   14  C  C   . PRO A 1 38  ? 8.571   -7.187  -2.202  1.00 19.57  ? 39  PRO A C   1 
ATOM   15  O  O   . PRO A 1 38  ? 8.550   -8.110  -3.005  1.00 19.84  ? 39  PRO A O   1 
ATOM   16  C  CB  . PRO A 1 38  ? 8.169   -4.978  -3.293  1.00 22.21  ? 39  PRO A CB  1 
ATOM   17  C  CG  . PRO A 1 38  ? 8.730   -4.577  -4.589  1.00 21.80  ? 39  PRO A CG  1 
ATOM   18  C  CD  . PRO A 1 38  ? 9.870   -5.506  -4.942  1.00 20.32  ? 39  PRO A CD  1 
ATOM   19  N  N   . PRO A 1 39  ? 8.119   -7.297  -0.948  1.00 17.63  ? 40  PRO A N   1 
ATOM   20  C  CA  . PRO A 1 39  ? 7.456   -8.548  -0.543  1.00 18.02  ? 40  PRO A CA  1 
ATOM   21  C  C   . PRO A 1 39  ? 6.261   -8.864  -1.439  1.00 16.73  ? 40  PRO A C   1 
ATOM   22  O  O   . PRO A 1 39  ? 5.497   -7.994  -1.832  1.00 18.24  ? 40  PRO A O   1 
ATOM   23  C  CB  . PRO A 1 39  ? 7.053   -8.336  0.924   1.00 19.72  ? 40  PRO A CB  1 
ATOM   24  C  CG  . PRO A 1 39  ? 7.158   -6.866  1.108   1.00 20.80  ? 40  PRO A CG  1 
ATOM   25  C  CD  . PRO A 1 39  ? 8.232   -6.365  0.173   1.00 18.71  ? 40  PRO A CD  1 
ATOM   26  N  N   . MET A 1 40  ? 6.112   -10.169 -1.681  1.00 18.38  ? 41  MET A N   1 
ATOM   27  C  CA  . MET A 1 40  ? 4.929   -10.636 -2.415  1.00 17.67  ? 41  MET A CA  1 
ATOM   28  C  C   . MET A 1 40  ? 3.686   -10.474 -1.556  1.00 19.71  ? 41  MET A C   1 
ATOM   29  O  O   . MET A 1 40  ? 3.703   -10.459 -0.328  1.00 18.67  ? 41  MET A O   1 
ATOM   30  C  CB  . MET A 1 40  ? 5.088   -12.094 -2.856  1.00 17.80  ? 41  MET A CB  1 
ATOM   31  C  CG  . MET A 1 40  ? 6.165   -12.206 -3.941  1.00 24.47  ? 41  MET A CG  1 
ATOM   32  S  SD  . MET A 1 40  ? 6.213   -13.822 -4.737  1.00 31.09  ? 41  MET A SD  1 
ATOM   33  C  CE  . MET A 1 40  ? 7.023   -14.729 -3.437  1.00 42.65  ? 41  MET A CE  1 
ATOM   34  N  N   . VAL A 1 41  ? 2.549   -10.355 -2.218  1.00 17.53  ? 42  VAL A N   1 
ATOM   35  C  CA  . VAL A 1 41  ? 1.252   -10.271 -1.524  1.00 16.90  ? 42  VAL A CA  1 
ATOM   36  C  C   . VAL A 1 41  ? 0.735   -11.681 -1.213  1.00 17.44  ? 42  VAL A C   1 
ATOM   37  O  O   . VAL A 1 41  ? 0.568   -12.457 -2.176  1.00 19.39  ? 42  VAL A O   1 
ATOM   38  C  CB  . VAL A 1 41  ? 0.219   -9.532  -2.367  1.00 18.12  ? 42  VAL A CB  1 
ATOM   39  C  CG1 . VAL A 1 41  ? -1.069  -9.237  -1.575  1.00 18.07  ? 42  VAL A CG1 1 
ATOM   40  C  CG2 . VAL A 1 41  ? 0.807   -8.246  -2.976  1.00 17.83  ? 42  VAL A CG2 1 
ATOM   41  N  N   . PRO A 1 42  ? 0.584   -12.062 0.065   1.00 18.40  ? 43  PRO A N   1 
ATOM   42  C  CA  . PRO A 1 42  ? 0.238   -13.442 0.386   1.00 18.94  ? 43  PRO A CA  1 
ATOM   43  C  C   . PRO A 1 42  ? -1.249  -13.708 0.311   1.00 19.80  ? 43  PRO A C   1 
ATOM   44  O  O   . PRO A 1 42  ? -1.739  -14.709 0.831   1.00 31.39  ? 43  PRO A O   1 
ATOM   45  C  CB  . PRO A 1 42  ? 0.668   -13.569 1.845   1.00 19.09  ? 43  PRO A CB  1 
ATOM   46  C  CG  . PRO A 1 42  ? 0.407   -12.190 2.406   1.00 20.96  ? 43  PRO A CG  1 
ATOM   47  C  CD  . PRO A 1 42  ? 0.817   -11.236 1.295   1.00 18.16  ? 43  PRO A CD  1 
ATOM   48  N  N   . HIS A 1 43  ? -1.975  -12.854 -0.354  1.00 20.27  ? 44  HIS A N   1 
ATOM   49  C  CA  . HIS A 1 43  ? -3.409  -13.022 -0.486  1.00 19.11  ? 44  HIS A CA  1 
ATOM   50  C  C   . HIS A 1 43  ? -3.825  -12.595 -1.884  1.00 19.44  ? 44  HIS A C   1 
ATOM   51  O  O   . HIS A 1 43  ? -2.999  -12.052 -2.598  1.00 20.88  ? 44  HIS A O   1 
ATOM   52  C  CB  . HIS A 1 43  ? -4.153  -12.215 0.591   1.00 19.91  ? 44  HIS A CB  1 
ATOM   53  C  CG  . HIS A 1 43  ? -3.915  -10.724 0.560   1.00 17.84  ? 44  HIS A CG  1 
ATOM   54  N  ND1 . HIS A 1 43  ? -4.414  -9.841  -0.374  1.00 17.35  ? 44  HIS A ND1 1 
ATOM   55  C  CD2 . HIS A 1 43  ? -3.227  -9.940  1.422   1.00 16.67  ? 44  HIS A CD2 1 
ATOM   56  C  CE1 . HIS A 1 43  ? -4.033  -8.586  -0.084  1.00 15.84  ? 44  HIS A CE1 1 
ATOM   57  N  NE2 . HIS A 1 43  ? -3.295  -8.629  1.001   1.00 15.28  ? 44  HIS A NE2 1 
ATOM   58  N  N   . SER A 1 44  ? -5.054  -12.834 -2.270  1.00 21.96  ? 45  SER A N   1 
ATOM   59  C  CA  . SER A 1 44  ? -5.545  -12.418 -3.596  1.00 25.62  ? 45  SER A CA  1 
ATOM   60  C  C   . SER A 1 44  ? -5.709  -10.906 -3.729  1.00 24.89  ? 45  SER A C   1 
ATOM   61  O  O   . SER A 1 44  ? -6.084  -10.243 -2.746  1.00 22.94  ? 45  SER A O   1 
ATOM   62  C  CB  . SER A 1 44  ? -6.898  -13.070 -3.871  1.00 28.57  ? 45  SER A CB  1 
ATOM   63  O  OG  . SER A 1 44  ? -7.339  -12.610 -5.151  1.00 32.90  ? 45  SER A OG  1 
ATOM   64  N  N   . VAL A 1 45  ? -5.468  -10.377 -4.937  1.00 23.21  ? 46  VAL A N   1 
ATOM   65  C  CA  . VAL A 1 45  ? -5.634  -8.949  -5.193  1.00 24.51  ? 46  VAL A CA  1 
ATOM   66  C  C   . VAL A 1 45  ? -6.755  -8.673  -6.205  1.00 27.31  ? 46  VAL A C   1 
ATOM   67  O  O   . VAL A 1 45  ? -7.008  -7.509  -6.615  1.00 26.40  ? 46  VAL A O   1 
ATOM   68  C  CB  . VAL A 1 45  ? -4.305  -8.278  -5.624  1.00 22.26  ? 46  VAL A CB  1 
ATOM   69  C  CG1 . VAL A 1 45  ? -3.333  -8.407  -4.481  1.00 24.18  ? 46  VAL A CG1 1 
ATOM   70  C  CG2 . VAL A 1 45  ? -3.713  -8.795  -6.918  1.00 27.24  ? 46  VAL A CG2 1 
ATOM   71  N  N   . ALA A 1 46  ? -7.460  -9.730  -6.597  1.00 28.45  ? 47  ALA A N   1 
ATOM   72  C  CA  . ALA A 1 46  ? -8.506  -9.703  -7.614  1.00 30.34  ? 47  ALA A CA  1 
ATOM   73  C  C   . ALA A 1 46  ? -9.625  -8.706  -7.367  1.00 33.85  ? 47  ALA A C   1 
ATOM   74  O  O   . ALA A 1 46  ? -10.219 -8.140  -8.308  1.00 34.90  ? 47  ALA A O   1 
ATOM   75  C  CB  . ALA A 1 46  ? -9.094  -11.116 -7.718  1.00 30.63  ? 47  ALA A CB  1 
ATOM   76  N  N   . ASN A 1 47  ? -10.007 -8.436  -6.118  1.00 30.46  ? 48  ASN A N   1 
ATOM   77  C  CA  . ASN A 1 47  ? -11.099 -7.572  -5.748  1.00 32.10  ? 48  ASN A CA  1 
ATOM   78  C  C   . ASN A 1 47  ? -10.740 -6.102  -5.472  1.00 29.13  ? 48  ASN A C   1 
ATOM   79  O  O   . ASN A 1 47  ? -11.638 -5.326  -5.104  1.00 26.94  ? 48  ASN A O   1 
ATOM   80  C  CB  . ASN A 1 47  ? -11.788 -8.097  -4.464  1.00 38.87  ? 48  ASN A CB  1 
ATOM   81  C  CG  . ASN A 1 47  ? -12.314 -9.505  -4.605  1.00 42.01  ? 48  ASN A CG  1 
ATOM   82  O  OD1 . ASN A 1 47  ? -12.425 -10.014 -5.728  1.00 56.06  ? 48  ASN A OD1 1 
ATOM   83  N  ND2 . ASN A 1 47  ? -12.630 -10.139 -3.470  1.00 49.05  ? 48  ASN A ND2 1 
ATOM   84  N  N   . TYR A 1 48  ? -9.481  -5.691  -5.622  1.00 23.73  ? 49  TYR A N   1 
ATOM   85  C  CA  . TYR A 1 48  ? -9.092  -4.375  -5.161  1.00 20.30  ? 49  TYR A CA  1 
ATOM   86  C  C   . TYR A 1 48  ? -8.568  -3.446  -6.267  1.00 20.19  ? 49  TYR A C   1 
ATOM   87  O  O   . TYR A 1 48  ? -7.535  -3.635  -6.893  1.00 25.03  ? 49  TYR A O   1 
ATOM   88  C  CB  . TYR A 1 48  ? -8.010  -4.569  -4.093  1.00 20.85  ? 49  TYR A CB  1 
ATOM   89  C  CG  . TYR A 1 48  ? -8.366  -5.477  -2.945  1.00 19.88  ? 49  TYR A CG  1 
ATOM   90  C  CD1 . TYR A 1 48  ? -7.566  -6.506  -2.469  1.00 20.26  ? 49  TYR A CD1 1 
ATOM   91  C  CD2 . TYR A 1 48  ? -9.601  -5.303  -2.299  1.00 21.45  ? 49  TYR A CD2 1 
ATOM   92  C  CE1 . TYR A 1 48  ? -7.917  -7.339  -1.411  1.00 21.14  ? 49  TYR A CE1 1 
ATOM   93  C  CE2 . TYR A 1 48  ? -9.969  -6.099  -1.254  1.00 22.36  ? 49  TYR A CE2 1 
ATOM   94  C  CZ  . TYR A 1 48  ? -9.147  -7.118  -0.795  1.00 23.12  ? 49  TYR A CZ  1 
ATOM   95  O  OH  . TYR A 1 48  ? -9.575  -7.899  0.268   1.00 24.36  ? 49  TYR A OH  1 
ATOM   96  N  N   . GLN A 1 49  ? -9.373  -2.393  -6.494  1.00 19.19  ? 50  GLN A N   1 
ATOM   97  C  CA  . GLN A 1 49  ? -9.094  -1.380  -7.483  1.00 19.53  ? 50  GLN A CA  1 
ATOM   98  C  C   . GLN A 1 49  ? -8.102  -0.336  -7.007  1.00 19.36  ? 50  GLN A C   1 
ATOM   99  O  O   . GLN A 1 49  ? -8.167  0.102   -5.825  1.00 19.51  ? 50  GLN A O   1 
ATOM   100 C  CB  . GLN A 1 49  ? -10.432 -0.651  -7.765  1.00 19.05  ? 50  GLN A CB  1 
ATOM   101 C  CG  . GLN A 1 49  ? -10.281 0.532   -8.699  1.00 18.93  ? 50  GLN A CG  1 
ATOM   102 C  CD  . GLN A 1 49  ? -11.646 1.141   -9.047  1.00 20.34  ? 50  GLN A CD  1 
ATOM   103 O  OE1 . GLN A 1 49  ? -12.699 0.491   -8.989  1.00 22.25  ? 50  GLN A OE1 1 
ATOM   104 N  NE2 . GLN A 1 49  ? -11.514 2.396   -9.497  1.00 23.07  ? 50  GLN A NE2 1 
ATOM   105 N  N   . VAL A 1 50  ? -7.190  0.084   -7.871  1.00 20.69  ? 51  VAL A N   1 
ATOM   106 C  CA  . VAL A 1 50  ? -6.303  1.215   -7.634  1.00 20.18  ? 51  VAL A CA  1 
ATOM   107 C  C   . VAL A 1 50  ? -6.213  2.173   -8.851  1.00 19.17  ? 51  VAL A C   1 
ATOM   108 O  O   . VAL A 1 50  ? -5.507  1.880   -9.845  1.00 21.32  ? 51  VAL A O   1 
ATOM   109 C  CB  . VAL A 1 50  ? -4.884  0.743   -7.284  1.00 23.88  ? 51  VAL A CB  1 
ATOM   110 C  CG1 . VAL A 1 50  ? -4.016  1.915   -6.824  1.00 35.37  ? 51  VAL A CG1 1 
ATOM   111 C  CG2 . VAL A 1 50  ? -4.928  -0.332  -6.183  1.00 28.28  ? 51  VAL A CG2 1 
ATOM   112 N  N   . THR A 1 51  ? -6.900  3.312   -8.786  1.00 22.46  ? 52  THR A N   1 
ATOM   113 C  CA  . THR A 1 51  ? -7.042  4.310   -9.843  1.00 20.95  ? 52  THR A CA  1 
ATOM   114 C  C   . THR A 1 51  ? -6.830  5.659   -9.171  1.00 21.80  ? 52  THR A C   1 
ATOM   115 O  O   . THR A 1 51  ? -6.474  5.672   -7.991  1.00 23.55  ? 52  THR A O   1 
ATOM   116 C  CB  . THR A 1 51  ? -8.387  4.174   -10.534 1.00 24.50  ? 52  THR A CB  1 
ATOM   117 O  OG1 . THR A 1 51  ? -9.467  4.326   -9.581  1.00 23.67  ? 52  THR A OG1 1 
ATOM   118 C  CG2 . THR A 1 51  ? -8.541  2.757   -11.126 1.00 28.28  ? 52  THR A CG2 1 
ATOM   119 N  N   . LYS A 1 52  ? -7.040  6.714   -9.956  1.00 22.28  ? 53  LYS A N   1 
ATOM   120 C  CA  . LYS A 1 52  ? -6.708  8.029   -9.497  1.00 23.09  ? 53  LYS A CA  1 
ATOM   121 C  C   . LYS A 1 52  ? -7.358  8.384   -8.160  1.00 22.64  ? 53  LYS A C   1 
ATOM   122 O  O   . LYS A 1 52  ? -6.656  8.950   -7.294  1.00 24.91  ? 53  LYS A O   1 
ATOM   123 C  CB  . LYS A 1 52  ? -7.098  9.038   -10.602 1.00 35.41  ? 53  LYS A CB  1 
ATOM   124 N  N   . ASN A 1 53  ? -8.645  8.075   -7.980  1.00 21.38  ? 54  ASN A N   1 
ATOM   125 C  CA  . ASN A 1 53  ? -9.401  8.453   -6.814  1.00 20.25  ? 54  ASN A CA  1 
ATOM   126 C  C   . ASN A 1 53  ? -9.808  7.308   -5.885  1.00 19.76  ? 54  ASN A C   1 
ATOM   127 O  O   . ASN A 1 53  ? -10.532 7.575   -4.927  1.00 24.00  ? 54  ASN A O   1 
ATOM   128 C  CB  . ASN A 1 53  ? -10.686 9.178   -7.252  1.00 20.78  ? 54  ASN A CB  1 
ATOM   129 C  CG  . ASN A 1 53  ? -10.442 10.487  -7.965  1.00 21.73  ? 54  ASN A CG  1 
ATOM   130 O  OD1 . ASN A 1 53  ? -9.870  11.411  -7.393  1.00 32.41  ? 54  ASN A OD1 1 
ATOM   131 N  ND2 . ASN A 1 53  ? -10.857 10.639  -9.218  1.00 25.16  ? 54  ASN A ND2 1 
ATOM   132 N  N   . VAL A 1 54  ? -9.384  6.086   -6.178  1.00 19.00  ? 55  VAL A N   1 
ATOM   133 C  CA  . VAL A 1 54  ? -9.740  4.885   -5.413  1.00 20.43  ? 55  VAL A CA  1 
ATOM   134 C  C   . VAL A 1 54  ? -8.504  4.062   -5.119  1.00 18.64  ? 55  VAL A C   1 
ATOM   135 O  O   . VAL A 1 54  ? -7.795  3.750   -6.104  1.00 21.73  ? 55  VAL A O   1 
ATOM   136 C  CB  . VAL A 1 54  ? -10.764 4.008   -6.160  1.00 21.54  ? 55  VAL A CB  1 
ATOM   137 C  CG1 . VAL A 1 54  ? -11.031 2.706   -5.447  1.00 23.82  ? 55  VAL A CG1 1 
ATOM   138 C  CG2 . VAL A 1 54  ? -12.081 4.729   -6.309  1.00 23.74  ? 55  VAL A CG2 1 
ATOM   139 N  N   . ASN A 1 55  ? -8.246  3.740   -3.851  1.00 18.66  ? 56  ASN A N   1 
ATOM   140 C  CA  . ASN A 1 55  ? -7.131  2.777   -3.562  1.00 16.85  ? 56  ASN A CA  1 
ATOM   141 C  C   . ASN A 1 55  ? -7.615  1.807   -2.474  1.00 16.00  ? 56  ASN A C   1 
ATOM   142 O  O   . ASN A 1 55  ? -7.548  2.084   -1.303  1.00 16.42  ? 56  ASN A O   1 
ATOM   143 C  CB  . ASN A 1 55  ? -5.846  3.451   -3.142  1.00 18.85  ? 56  ASN A CB  1 
ATOM   144 C  CG  . ASN A 1 55  ? -4.674  2.498   -3.105  1.00 19.07  ? 56  ASN A CG  1 
ATOM   145 O  OD1 . ASN A 1 55  ? -4.846  1.360   -2.635  1.00 20.04  ? 56  ASN A OD1 1 
ATOM   146 N  ND2 . ASN A 1 55  ? -3.509  2.922   -3.597  1.00 19.88  ? 56  ASN A ND2 1 
ATOM   147 N  N   . GLN A 1 56  ? -8.120  0.662   -2.886  1.00 16.37  ? 57  GLN A N   1 
ATOM   148 C  CA  . GLN A 1 56  ? -8.754  -0.244  -1.933  1.00 16.80  ? 57  GLN A CA  1 
ATOM   149 C  C   . GLN A 1 56  ? -7.718  -0.992  -1.101  1.00 16.33  ? 57  GLN A C   1 
ATOM   150 O  O   . GLN A 1 56  ? -8.028  -1.449  0.015   1.00 17.36  ? 57  GLN A O   1 
ATOM   151 C  CB  . GLN A 1 56  ? -9.735  -1.153  -2.665  1.00 17.27  ? 57  GLN A CB  1 
ATOM   152 C  CG  . GLN A 1 56  ? -10.959 -0.439  -3.244  1.00 17.30  ? 57  GLN A CG  1 
ATOM   153 C  CD  . GLN A 1 56  ? -11.923 -1.462  -3.801  1.00 25.31  ? 57  GLN A CD  1 
ATOM   154 O  OE1 . GLN A 1 56  ? -11.668 -2.227  -4.720  1.00 21.46  ? 57  GLN A OE1 1 
ATOM   155 N  NE2 . GLN A 1 56  ? -13.109 -1.543  -3.202  1.00 37.42  ? 57  GLN A NE2 1 
ATOM   156 N  N   . CYS A 1 57  ? -6.454  -1.043  -1.508  1.00 14.75  ? 58  CYS A N   1 
ATOM   157 C  CA  . CYS A 1 57  ? -5.420  -1.603  -0.660  1.00 15.64  ? 58  CYS A CA  1 
ATOM   158 C  C   . CYS A 1 57  ? -5.287  -0.850  0.694   1.00 14.32  ? 58  CYS A C   1 
ATOM   159 O  O   . CYS A 1 57  ? -5.010  -1.449  1.739   1.00 15.36  ? 58  CYS A O   1 
ATOM   160 C  CB  . CYS A 1 57  ? -4.070  -1.591  -1.351  1.00 15.89  ? 58  CYS A CB  1 
ATOM   161 S  SG  . CYS A 1 57  ? -4.023  -2.251  -3.031  1.00 16.86  ? 58  CYS A SG  1 
ATOM   162 N  N   . LEU A 1 58  ? -5.525  0.473   0.646   1.00 15.65  ? 59  LEU A N   1 
ATOM   163 C  CA  . LEU A 1 58  ? -5.362  1.278   1.831   1.00 15.82  ? 59  LEU A CA  1 
ATOM   164 C  C   . LEU A 1 58  ? -6.507  1.103   2.822   1.00 14.49  ? 59  LEU A C   1 
ATOM   165 O  O   . LEU A 1 58  ? -6.419  1.596   3.943   1.00 17.22  ? 59  LEU A O   1 
ATOM   166 C  CB  . LEU A 1 58  ? -5.181  2.741   1.380   1.00 18.01  ? 59  LEU A CB  1 
ATOM   167 C  CG  . LEU A 1 58  ? -3.817  3.010   0.664   1.00 18.03  ? 59  LEU A CG  1 
ATOM   168 C  CD1 . LEU A 1 58  ? -3.810  4.446   0.157   1.00 22.29  ? 59  LEU A CD1 1 
ATOM   169 C  CD2 . LEU A 1 58  ? -2.624  2.772   1.554   1.00 22.12  ? 59  LEU A CD2 1 
ATOM   170 N  N   . ASN A 1 59  ? -7.568  0.398   2.446   1.00 15.14  ? 60  ASN A N   1 
ATOM   171 C  CA  . ASN A 1 59  ? -8.639  0.136   3.413   1.00 15.47  ? 60  ASN A CA  1 
ATOM   172 C  C   . ASN A 1 59  ? -8.116  -0.717  4.558   1.00 15.43  ? 60  ASN A C   1 
ATOM   173 O  O   . ASN A 1 59  ? -8.735  -0.732  5.633   1.00 17.25  ? 60  ASN A O   1 
ATOM   174 C  CB  . ASN A 1 59  ? -9.820  -0.628  2.808   1.00 19.29  ? 60  ASN A CB  1 
ATOM   175 C  CG  . ASN A 1 59  ? -10.623 0.010   1.735   1.00 21.43  ? 60  ASN A CG  1 
ATOM   176 O  OD1 . ASN A 1 59  ? -10.525 1.222   1.511   1.00 32.26  ? 60  ASN A OD1 1 
ATOM   177 N  ND2 . ASN A 1 59  ? -11.406 -0.823  1.030   1.00 32.22  ? 60  ASN A ND2 1 
ATOM   178 N  N   . CYS A 1 60  ? -7.017  -1.443  4.343   1.00 14.19  ? 61  CYS A N   1 
ATOM   179 C  CA  . CYS A 1 60  ? -6.382  -2.274  5.369   1.00 13.77  ? 61  CYS A CA  1 
ATOM   180 C  C   . CYS A 1 60  ? -4.958  -1.797  5.697   1.00 13.73  ? 61  CYS A C   1 
ATOM   181 O  O   . CYS A 1 60  ? -4.628  -1.844  6.892   1.00 15.24  ? 61  CYS A O   1 
ATOM   182 C  CB  . CYS A 1 60  ? -6.367  -3.761  4.980   1.00 15.71  ? 61  CYS A CB  1 
ATOM   183 S  SG  . CYS A 1 60  ? -8.069  -4.435  4.803   1.00 16.50  ? 61  CYS A SG  1 
ATOM   184 N  N   . HIS A 1 61  ? -4.161  -1.392  4.703   1.00 13.68  ? 62  HIS A N   1 
ATOM   185 C  CA  . HIS A 1 61  ? -2.747  -1.117  4.908   1.00 13.68  ? 62  HIS A CA  1 
ATOM   186 C  C   . HIS A 1 61  ? -2.453  0.321   5.237   1.00 13.87  ? 62  HIS A C   1 
ATOM   187 O  O   . HIS A 1 61  ? -1.293  0.640   5.490   1.00 16.12  ? 62  HIS A O   1 
ATOM   188 C  CB  . HIS A 1 61  ? -2.028  -1.598  3.665   1.00 14.51  ? 62  HIS A CB  1 
ATOM   189 C  CG  . HIS A 1 61  ? -1.858  -3.101  3.515   1.00 12.74  ? 62  HIS A CG  1 
ATOM   190 N  ND1 . HIS A 1 61  ? -0.937  -3.888  4.173   1.00 13.42  ? 62  HIS A ND1 1 
ATOM   191 C  CD2 . HIS A 1 61  ? -2.527  -3.930  2.680   1.00 13.73  ? 62  HIS A CD2 1 
ATOM   192 C  CE1 . HIS A 1 61  ? -1.090  -5.162  3.740   1.00 12.39  ? 62  HIS A CE1 1 
ATOM   193 N  NE2 . HIS A 1 61  ? -2.053  -5.216  2.846   1.00 13.38  ? 62  HIS A NE2 1 
ATOM   194 N  N   . SER A 1 62  ? -3.452  1.200   5.282   1.00 14.31  ? 63  SER A N   1 
ATOM   195 C  CA  . SER A 1 62  ? -3.159  2.561   5.722   1.00 15.88  ? 63  SER A CA  1 
ATOM   196 C  C   . SER A 1 62  ? -2.761  2.608   7.183   1.00 14.52  ? 63  SER A C   1 
ATOM   197 O  O   . SER A 1 62  ? -3.120  1.713   7.995   1.00 15.97  ? 63  SER A O   1 
ATOM   198 C  CB  . SER A 1 62  ? -4.372  3.465   5.546   1.00 16.89  ? 63  SER A CB  1 
ATOM   199 O  OG  . SER A 1 62  ? -5.455  3.038   6.315   1.00 21.65  ? 63  SER A OG  1 
ATOM   200 N  N   . PRO A 1 63  ? -2.031  3.635   7.606   1.00 16.15  ? 64  PRO A N   1 
ATOM   201 C  CA  . PRO A 1 63  ? -1.724  3.831   9.040   1.00 19.01  ? 64  PRO A CA  1 
ATOM   202 C  C   . PRO A 1 63  ? -2.975  3.783   9.912   1.00 18.18  ? 64  PRO A C   1 
ATOM   203 O  O   . PRO A 1 63  ? -2.949  3.229   11.000  1.00 20.60  ? 64  PRO A O   1 
ATOM   204 C  CB  . PRO A 1 63  ? -1.077  5.209   9.072   1.00 21.40  ? 64  PRO A CB  1 
ATOM   205 C  CG  . PRO A 1 63  ? -0.373  5.289   7.760   1.00 20.94  ? 64  PRO A CG  1 
ATOM   206 C  CD  . PRO A 1 63  ? -1.361  4.662   6.787   1.00 18.35  ? 64  PRO A CD  1 
ATOM   207 N  N   . GLU A 1 64  ? -4.093  4.352   9.452   1.00 17.06  ? 65  GLU A N   1 
ATOM   208 C  CA  . GLU A 1 64  ? -5.257  4.356   10.339  1.00 18.11  ? 65  GLU A CA  1 
ATOM   209 C  C   . GLU A 1 64  ? -6.007  3.064   10.427  1.00 16.63  ? 65  GLU A C   1 
ATOM   210 O  O   . GLU A 1 64  ? -6.754  2.920   11.397  1.00 17.82  ? 65  GLU A O   1 
ATOM   211 C  CB  . GLU A 1 64  ? -6.228  5.474   9.962   1.00 20.75  ? 65  GLU A CB  1 
ATOM   212 C  CG  . GLU A 1 64  ? -6.817  5.559   8.615   1.00 24.24  ? 65  GLU A CG  1 
ATOM   213 C  CD  . GLU A 1 64  ? -5.974  6.319   7.580   1.00 25.14  ? 65  GLU A CD  1 
ATOM   214 O  OE1 . GLU A 1 64  ? -6.707  6.946   6.742   1.00 22.81  ? 65  GLU A OE1 1 
ATOM   215 O  OE2 . GLU A 1 64  ? -4.708  6.268   7.590   1.00 21.60  ? 65  GLU A OE2 1 
ATOM   216 N  N   . ASN A 1 65  ? -5.835  2.089   9.540   1.00 17.58  ? 66  ASN A N   1 
ATOM   217 C  CA  . ASN A 1 65  ? -6.584  0.839   9.517   1.00 16.35  ? 66  ASN A CA  1 
ATOM   218 C  C   . ASN A 1 65  ? -5.711  -0.389  9.848   1.00 16.11  ? 66  ASN A C   1 
ATOM   219 O  O   . ASN A 1 65  ? -6.274  -1.467  10.009  1.00 18.74  ? 66  ASN A O   1 
ATOM   220 C  CB  . ASN A 1 65  ? -7.264  0.553   8.188   1.00 17.31  ? 66  ASN A CB  1 
ATOM   221 C  CG  . ASN A 1 65  ? -8.435  1.479   7.930   1.00 21.19  ? 66  ASN A CG  1 
ATOM   222 O  OD1 . ASN A 1 65  ? -9.557  1.254   8.349   1.00 31.11  ? 66  ASN A OD1 1 
ATOM   223 N  ND2 . ASN A 1 65  ? -8.078  2.455   7.097   1.00 34.07  ? 66  ASN A ND2 1 
ATOM   224 N  N   . SER A 1 66  ? -4.381  -0.245  9.921   1.00 15.77  ? 67  SER A N   1 
ATOM   225 C  CA  . SER A 1 66  ? -3.515  -1.399  10.052  1.00 15.73  ? 67  SER A CA  1 
ATOM   226 C  C   . SER A 1 66  ? -3.781  -2.187  11.335  1.00 17.37  ? 67  SER A C   1 
ATOM   227 O  O   . SER A 1 66  ? -3.764  -3.431  11.344  1.00 19.28  ? 67  SER A O   1 
ATOM   228 C  CB  A SER A 1 66  ? -2.085  -0.931  9.993   0.71 17.32  ? 67  SER A CB  1 
ATOM   229 C  CB  B SER A 1 66  ? -2.041  -0.992  10.133  0.29 17.55  ? 67  SER A CB  1 
ATOM   230 O  OG  A SER A 1 66  ? -1.601  -0.067  10.963  0.71 16.37  ? 67  SER A OG  1 
ATOM   231 O  OG  B SER A 1 66  ? -1.260  -2.135  10.502  0.29 23.29  ? 67  SER A OG  1 
ATOM   232 N  N   . ARG A 1 67  ? -3.989  -1.515  12.455  1.00 19.15  ? 68  ARG A N   1 
ATOM   233 C  CA  . ARG A 1 67  ? -4.144  -2.278  13.704  1.00 21.98  ? 68  ARG A CA  1 
ATOM   234 C  C   . ARG A 1 67  ? -5.408  -3.119  13.710  1.00 25.87  ? 68  ARG A C   1 
ATOM   235 O  O   . ARG A 1 67  ? -5.534  -4.269  14.136  1.00 26.90  ? 68  ARG A O   1 
ATOM   236 C  CB  . ARG A 1 67  ? -4.067  -1.335  14.935  1.00 26.16  ? 68  ARG A CB  1 
ATOM   237 N  N   . LEU A 1 68  ? -6.471  -2.504  13.202  1.00 20.95  ? 69  LEU A N   1 
ATOM   238 C  CA  . LEU A 1 68  ? -7.779  -3.090  13.139  1.00 26.19  ? 69  LEU A CA  1 
ATOM   239 C  C   . LEU A 1 68  ? -7.827  -4.248  12.160  1.00 22.76  ? 69  LEU A C   1 
ATOM   240 O  O   . LEU A 1 68  ? -8.427  -5.273  12.403  1.00 25.76  ? 69  LEU A O   1 
ATOM   241 C  CB  . LEU A 1 68  ? -8.826  -2.039  12.714  1.00 31.29  ? 69  LEU A CB  1 
ATOM   242 C  CG  . LEU A 1 68  ? -10.207 -2.618  12.458  1.00 35.99  ? 69  LEU A CG  1 
ATOM   243 C  CD1 . LEU A 1 68  ? -10.735 -3.119  13.795  1.00 49.51  ? 69  LEU A CD1 1 
ATOM   244 C  CD2 . LEU A 1 68  ? -11.156 -1.611  11.817  1.00 47.25  ? 69  LEU A CD2 1 
ATOM   245 N  N   . SER A 1 69  ? -7.177  -4.135  11.007  1.00 19.10  ? 70  SER A N   1 
ATOM   246 C  CA  . SER A 1 69  ? -7.263  -5.191  9.981   1.00 17.90  ? 70  SER A CA  1 
ATOM   247 C  C   . SER A 1 69  ? -6.219  -6.271  10.123  1.00 17.35  ? 70  SER A C   1 
ATOM   248 O  O   . SER A 1 69  ? -6.328  -7.316  9.481   1.00 20.66  ? 70  SER A O   1 
ATOM   249 C  CB  . SER A 1 69  ? -7.157  -4.502  8.588   1.00 18.83  ? 70  SER A CB  1 
ATOM   250 O  OG  . SER A 1 69  ? -5.818  -4.001  8.412   1.00 18.66  ? 70  SER A OG  1 
ATOM   251 N  N   . GLY A 1 70  ? -5.184  -6.049  10.919  1.00 18.60  ? 71  GLY A N   1 
ATOM   252 C  CA  . GLY A 1 70  ? -4.077  -7.009  10.927  1.00 18.66  ? 71  GLY A CA  1 
ATOM   253 C  C   . GLY A 1 70  ? -3.069  -6.892  9.834   1.00 17.43  ? 71  GLY A C   1 
ATOM   254 O  O   . GLY A 1 70  ? -2.034  -7.547  9.760   1.00 21.93  ? 71  GLY A O   1 
ATOM   255 N  N   . ALA A 1 71  ? -3.269  -5.971  8.892   1.00 18.07  ? 72  ALA A N   1 
ATOM   256 C  CA  . ALA A 1 71  ? -2.400  -5.778  7.746   1.00 17.48  ? 72  ALA A CA  1 
ATOM   257 C  C   . ALA A 1 71  ? -1.240  -4.888  8.112   1.00 16.48  ? 72  ALA A C   1 
ATOM   258 O  O   . ALA A 1 71  ? -1.435  -3.854  8.724   1.00 24.24  ? 72  ALA A O   1 
ATOM   259 C  CB  . ALA A 1 71  ? -3.190  -5.114  6.612   1.00 17.98  ? 72  ALA A CB  1 
ATOM   260 N  N   . THR A 1 72  ? -0.036  -5.235  7.685   1.00 16.00  ? 73  THR A N   1 
ATOM   261 C  CA  . THR A 1 72  ? 1.151   -4.424  7.970   1.00 16.48  ? 73  THR A CA  1 
ATOM   262 C  C   . THR A 1 72  ? 1.001   -3.051  7.361   1.00 14.85  ? 73  THR A C   1 
ATOM   263 O  O   . THR A 1 72  ? 0.618   -2.936  6.179   1.00 15.04  ? 73  THR A O   1 
ATOM   264 C  CB  . THR A 1 72  ? 2.411   -5.113  7.427   1.00 19.08  ? 73  THR A CB  1 
ATOM   265 O  OG1 . THR A 1 72  ? 2.559   -6.329  8.176   1.00 30.90  ? 73  THR A OG1 1 
ATOM   266 C  CG2 . THR A 1 72  ? 3.670   -4.310  7.601   1.00 24.49  ? 73  THR A CG2 1 
ATOM   267 N  N   . ARG A 1 73  ? 1.300   -2.044  8.171   1.00 17.30  ? 74  ARG A N   1 
ATOM   268 C  CA  . ARG A 1 73  ? 1.183   -0.694  7.680   1.00 18.70  ? 74  ARG A CA  1 
ATOM   269 C  C   . ARG A 1 73  ? 2.186   -0.379  6.580   1.00 15.23  ? 74  ARG A C   1 
ATOM   270 O  O   . ARG A 1 73  ? 3.345   -0.819  6.718   1.00 17.38  ? 74  ARG A O   1 
ATOM   271 C  CB  . ARG A 1 73  ? 1.426   0.213   8.897   1.00 23.68  ? 74  ARG A CB  1 
ATOM   272 C  CG  . ARG A 1 73  ? 1.287   1.667   8.770   1.00 26.80  ? 74  ARG A CG  1 
ATOM   273 C  CD  . ARG A 1 73  ? 1.508   2.343   10.113  1.00 33.72  ? 74  ARG A CD  1 
ATOM   274 N  NE  . ARG A 1 73  ? 0.483   1.999   11.094  1.00 31.13  ? 74  ARG A NE  1 
ATOM   275 C  CZ  . ARG A 1 73  ? 0.311   2.571   12.279  1.00 29.33  ? 74  ARG A CZ  1 
ATOM   276 N  NH1 . ARG A 1 73  ? 1.125   3.557   12.620  1.00 38.96  ? 74  ARG A NH1 1 
ATOM   277 N  NH2 . ARG A 1 73  ? -0.649  2.172   13.097  1.00 35.23  ? 74  ARG A NH2 1 
ATOM   278 N  N   . ILE A 1 74  ? 1.791   0.394   5.566   1.00 16.16  ? 75  ILE A N   1 
ATOM   279 C  CA  . ILE A 1 74  ? 2.816   0.891   4.646   1.00 16.26  ? 75  ILE A CA  1 
ATOM   280 C  C   . ILE A 1 74  ? 3.745   1.814   5.438   1.00 18.07  ? 75  ILE A C   1 
ATOM   281 O  O   . ILE A 1 74  ? 3.321   2.686   6.183   1.00 18.56  ? 75  ILE A O   1 
ATOM   282 C  CB  . ILE A 1 74  ? 2.249   1.574   3.379   1.00 19.29  ? 75  ILE A CB  1 
ATOM   283 C  CG1 . ILE A 1 74  ? 1.198   2.635   3.688   1.00 22.12  ? 75  ILE A CG1 1 
ATOM   284 C  CG2 . ILE A 1 74  ? 1.725   0.537   2.361   1.00 22.44  ? 75  ILE A CG2 1 
ATOM   285 C  CD1 . ILE A 1 74  ? 0.971   3.622   2.539   1.00 23.76  ? 75  ILE A CD1 1 
ATOM   286 N  N   . SER A 1 75  ? 5.040   1.594   5.284   1.00 18.60  ? 76  SER A N   1 
ATOM   287 C  CA  . SER A 1 75  ? 6.087   2.326   5.990   1.00 21.93  ? 76  SER A CA  1 
ATOM   288 C  C   . SER A 1 75  ? 6.341   3.728   5.454   1.00 18.39  ? 76  SER A C   1 
ATOM   289 O  O   . SER A 1 75  ? 5.889   4.022   4.330   1.00 19.88  ? 76  SER A O   1 
ATOM   290 C  CB  A SER A 1 75  ? 7.407   1.545   5.862   0.76 26.78  ? 76  SER A CB  1 
ATOM   291 C  CB  B SER A 1 75  ? 7.385   1.504   5.937   0.24 24.16  ? 76  SER A CB  1 
ATOM   292 O  OG  A SER A 1 75  ? 7.851   1.461   4.514   0.76 37.00  ? 76  SER A OG  1 
ATOM   293 O  OG  B SER A 1 75  ? 7.112   0.202   6.439   0.24 25.93  ? 76  SER A OG  1 
ATOM   294 N  N   . PRO A 1 76  ? 7.016   4.569   6.206   1.00 18.61  ? 77  PRO A N   1 
ATOM   295 C  CA  . PRO A 1 76  ? 7.380   5.907   5.669   1.00 19.22  ? 77  PRO A CA  1 
ATOM   296 C  C   . PRO A 1 76  ? 8.100   5.917   4.323   1.00 16.93  ? 77  PRO A C   1 
ATOM   297 O  O   . PRO A 1 76  ? 8.045   6.926   3.618   1.00 18.83  ? 77  PRO A O   1 
ATOM   298 C  CB  . PRO A 1 76  ? 8.239   6.514   6.775   1.00 19.44  ? 77  PRO A CB  1 
ATOM   299 C  CG  . PRO A 1 76  ? 7.758   5.820   8.018   1.00 25.06  ? 77  PRO A CG  1 
ATOM   300 C  CD  . PRO A 1 76  ? 7.388   4.403   7.610   1.00 22.60  ? 77  PRO A CD  1 
ATOM   301 N  N   . THR A 1 77  ? 8.751   4.827   3.889   1.00 18.63  ? 78  THR A N   1 
ATOM   302 C  CA  . THR A 1 77  ? 9.328   4.770   2.554   1.00 20.05  ? 78  THR A CA  1 
ATOM   303 C  C   . THR A 1 77  ? 8.261   4.977   1.450   1.00 17.57  ? 78  THR A C   1 
ATOM   304 O  O   . THR A 1 77  ? 8.653   5.448   0.378   1.00 21.08  ? 78  THR A O   1 
ATOM   305 C  CB  . THR A 1 77  ? 10.021  3.445   2.238   1.00 25.71  ? 78  THR A CB  1 
ATOM   306 O  OG1 . THR A 1 77  ? 9.096   2.433   2.603   1.00 26.73  ? 78  THR A OG1 1 
ATOM   307 C  CG2 . THR A 1 77  ? 11.245  3.140   3.099   1.00 27.62  ? 78  THR A CG2 1 
ATOM   308 N  N   . HIS A 1 78  ? 7.003   4.659   1.691   1.00 17.38  ? 79  HIS A N   1 
ATOM   309 C  CA  . HIS A 1 78  ? 5.882   4.815   0.764   1.00 18.09  ? 79  HIS A CA  1 
ATOM   310 C  C   . HIS A 1 78  ? 5.295   6.249   0.736   1.00 18.95  ? 79  HIS A C   1 
ATOM   311 O  O   . HIS A 1 78  ? 4.537   6.586   -0.155  1.00 20.32  ? 79  HIS A O   1 
ATOM   312 C  CB  . HIS A 1 78  ? 4.831   3.773   1.124   1.00 17.67  ? 79  HIS A CB  1 
ATOM   313 C  CG  . HIS A 1 78  ? 5.174   2.364   0.813   1.00 15.96  ? 79  HIS A CG  1 
ATOM   314 N  ND1 . HIS A 1 78  ? 6.073   1.610   1.491   1.00 17.57  ? 79  HIS A ND1 1 
ATOM   315 C  CD2 . HIS A 1 78  ? 4.736   1.484   -0.127  1.00 18.44  ? 79  HIS A CD2 1 
ATOM   316 C  CE1 . HIS A 1 78  ? 6.209   0.358   0.990   1.00 16.32  ? 79  HIS A CE1 1 
ATOM   317 N  NE2 . HIS A 1 78  ? 5.357   0.258   -0.016  1.00 15.27  ? 79  HIS A NE2 1 
ATOM   318 N  N   . PHE A 1 79  ? 5.687   7.105   1.692   1.00 19.34  ? 80  PHE A N   1 
ATOM   319 C  CA  . PHE A 1 79  ? 5.256   8.498   1.809   1.00 19.86  ? 80  PHE A CA  1 
ATOM   320 C  C   . PHE A 1 79  ? 6.331   9.548   1.540   1.00 21.07  ? 80  PHE A C   1 
ATOM   321 O  O   . PHE A 1 79  ? 6.051   10.680  1.165   1.00 23.49  ? 80  PHE A O   1 
ATOM   322 C  CB  . PHE A 1 79  ? 4.701   8.748   3.202   1.00 21.54  ? 80  PHE A CB  1 
ATOM   323 C  CG  . PHE A 1 79  ? 3.397   8.060   3.556   1.00 22.95  ? 80  PHE A CG  1 
ATOM   324 C  CD1 . PHE A 1 79  ? 3.367   6.825   4.179   1.00 23.65  ? 80  PHE A CD1 1 
ATOM   325 C  CD2 . PHE A 1 79  ? 2.192   8.687   3.276   1.00 26.28  ? 80  PHE A CD2 1 
ATOM   326 C  CE1 . PHE A 1 79  ? 2.167   6.202   4.502   1.00 24.82  ? 80  PHE A CE1 1 
ATOM   327 C  CE2 . PHE A 1 79  ? 1.027   8.050   3.607   1.00 27.04  ? 80  PHE A CE2 1 
ATOM   328 C  CZ  . PHE A 1 79  ? 0.972   6.828   4.231   1.00 27.33  ? 80  PHE A CZ  1 
ATOM   329 N  N   . MET A 1 80  ? 7.613   9.209   1.754   1.00 20.63  ? 81  MET A N   1 
ATOM   330 C  CA  . MET A 1 80  ? 8.708   10.145  1.587   1.00 20.49  ? 81  MET A CA  1 
ATOM   331 C  C   . MET A 1 80  ? 8.973   10.637  0.177   1.00 22.96  ? 81  MET A C   1 
ATOM   332 O  O   . MET A 1 80  ? 8.752   9.935   -0.824  1.00 23.71  ? 81  MET A O   1 
ATOM   333 C  CB  . MET A 1 80  ? 10.041  9.533   2.044   1.00 21.70  ? 81  MET A CB  1 
ATOM   334 C  CG  . MET A 1 80  ? 10.623  8.445   1.185   1.00 22.85  ? 81  MET A CG  1 
ATOM   335 S  SD  . MET A 1 80  ? 11.995  7.626   2.079   1.00 23.74  ? 81  MET A SD  1 
ATOM   336 C  CE  . MET A 1 80  ? 12.391  6.427   0.750   1.00 26.90  ? 81  MET A CE  1 
ATOM   337 N  N   . ASP A 1 81  ? 9.448   11.886  0.144   1.00 25.42  ? 82  ASP A N   1 
ATOM   338 C  CA  . ASP A 1 81  ? 9.906   12.414  -1.144  1.00 26.17  ? 82  ASP A CA  1 
ATOM   339 C  C   . ASP A 1 81  ? 11.315  11.917  -1.463  1.00 24.15  ? 82  ASP A C   1 
ATOM   340 O  O   . ASP A 1 81  ? 11.866  11.120  -0.717  1.00 22.96  ? 82  ASP A O   1 
ATOM   341 C  CB  . ASP A 1 81  ? 9.833   13.935  -1.180  1.00 28.44  ? 82  ASP A CB  1 
ATOM   342 C  CG  . ASP A 1 81  ? 10.822  14.721  -0.389  1.00 28.47  ? 82  ASP A CG  1 
ATOM   343 O  OD1 . ASP A 1 81  ? 11.773  14.129  0.161   1.00 28.32  ? 82  ASP A OD1 1 
ATOM   344 O  OD2 . ASP A 1 81  ? 10.669  15.956  -0.310  1.00 34.25  ? 82  ASP A OD2 1 
ATOM   345 N  N   . ARG A 1 82  ? 11.872  12.425  -2.567  1.00 26.85  ? 83  ARG A N   1 
ATOM   346 C  CA  . ARG A 1 82  ? 13.201  12.030  -3.046  1.00 26.77  ? 83  ARG A CA  1 
ATOM   347 C  C   . ARG A 1 82  ? 14.302  12.199  -2.002  1.00 25.78  ? 83  ARG A C   1 
ATOM   348 O  O   . ARG A 1 82  ? 15.281  11.421  -2.040  1.00 27.17  ? 83  ARG A O   1 
ATOM   349 C  CB  . ARG A 1 82  ? 13.513  12.812  -4.333  1.00 31.75  ? 83  ARG A CB  1 
ATOM   350 N  N   . ASP A 1 83  ? 14.202  13.161  -1.087  1.00 24.92  ? 84  ASP A N   1 
ATOM   351 C  CA  . ASP A 1 83  ? 15.237  13.415  -0.086  1.00 23.33  ? 84  ASP A CA  1 
ATOM   352 C  C   . ASP A 1 83  ? 14.916  12.812  1.280   1.00 20.99  ? 84  ASP A C   1 
ATOM   353 O  O   . ASP A 1 83  ? 15.610  13.074  2.289   1.00 25.64  ? 84  ASP A O   1 
ATOM   354 C  CB  . ASP A 1 83  ? 15.452  14.923  0.058   1.00 29.47  ? 84  ASP A CB  1 
ATOM   355 C  CG  . ASP A 1 83  ? 15.782  15.510  -1.310  1.00 31.17  ? 84  ASP A CG  1 
ATOM   356 O  OD1 . ASP A 1 83  ? 16.762  15.047  -1.959  1.00 41.84  ? 84  ASP A OD1 1 
ATOM   357 O  OD2 . ASP A 1 83  ? 15.110  16.434  -1.817  1.00 35.24  ? 84  ASP A OD2 1 
ATOM   358 N  N   . GLY A 1 84  ? 13.859  12.013  1.404   1.00 20.19  ? 85  GLY A N   1 
ATOM   359 C  CA  . GLY A 1 84  ? 13.506  11.454  2.717   1.00 17.65  ? 85  GLY A CA  1 
ATOM   360 C  C   . GLY A 1 84  ? 12.461  12.211  3.513   1.00 15.76  ? 85  GLY A C   1 
ATOM   361 O  O   . GLY A 1 84  ? 12.118  11.811  4.631   1.00 18.87  ? 85  GLY A O   1 
ATOM   362 N  N   . LYS A 1 85  ? 11.965  13.334  3.012   1.00 21.49  ? 86  LYS A N   1 
ATOM   363 C  CA  . LYS A 1 85  ? 11.050  14.180  3.764   1.00 23.29  ? 86  LYS A CA  1 
ATOM   364 C  C   . LYS A 1 85  ? 9.621   13.647  3.635   1.00 22.75  ? 86  LYS A C   1 
ATOM   365 O  O   . LYS A 1 85  ? 9.128   13.357  2.556   1.00 24.07  ? 86  LYS A O   1 
ATOM   366 C  CB  . LYS A 1 85  ? 11.155  15.626  3.297   1.00 26.92  ? 86  LYS A CB  1 
ATOM   367 N  N   . VAL A 1 86  ? 8.998   13.495  4.804   1.00 23.86  ? 87  VAL A N   1 
ATOM   368 C  CA  . VAL A 1 86  ? 7.660   12.914  4.877   1.00 30.92  ? 87  VAL A CA  1 
ATOM   369 C  C   . VAL A 1 86  ? 6.635   13.972  5.205   1.00 36.55  ? 87  VAL A C   1 
ATOM   370 O  O   . VAL A 1 86  ? 6.897   14.750  6.111   1.00 46.45  ? 87  VAL A O   1 
ATOM   371 C  CB  . VAL A 1 86  ? 7.574   11.781  5.924   1.00 33.28  ? 87  VAL A CB  1 
ATOM   372 C  CG1 . VAL A 1 86  ? 6.176   11.286  6.217   1.00 43.94  ? 87  VAL A CG1 1 
ATOM   373 C  CG2 . VAL A 1 86  ? 8.406   10.598  5.428   1.00 33.95  ? 87  VAL A CG2 1 
ATOM   374 C  C   . SER A 1 91  ? 0.385   10.068  0.044   1.00 28.36  ? 92  SER A C   1 
ATOM   375 O  O   . SER A 1 91  ? 1.537   10.520  0.096   1.00 35.19  ? 92  SER A O   1 
ATOM   376 N  N   . PRO A 1 92  ? 0.277   8.742   -0.006  1.00 27.74  ? 93  PRO A N   1 
ATOM   377 C  CA  . PRO A 1 92  ? 1.495   7.978   -0.293  1.00 27.46  ? 93  PRO A CA  1 
ATOM   378 C  C   . PRO A 1 92  ? 2.074   8.297   -1.672  1.00 26.13  ? 93  PRO A C   1 
ATOM   379 O  O   . PRO A 1 92  ? 1.265   8.384   -2.600  1.00 31.08  ? 93  PRO A O   1 
ATOM   380 C  CB  . PRO A 1 92  ? 1.028   6.521   -0.275  1.00 29.97  ? 93  PRO A CB  1 
ATOM   381 C  CG  . PRO A 1 92  ? -0.451  6.538   -0.244  1.00 33.72  ? 93  PRO A CG  1 
ATOM   382 C  CD  . PRO A 1 92  ? -0.896  7.900   0.207   1.00 31.20  ? 93  PRO A CD  1 
ATOM   383 N  N   . ARG A 1 93  ? 3.362   8.451   -1.878  1.00 25.76  ? 94  ARG A N   1 
ATOM   384 C  CA  . ARG A 1 93  ? 3.989   8.613   -3.191  1.00 24.03  ? 94  ARG A CA  1 
ATOM   385 C  C   . ARG A 1 93  ? 4.136   7.283   -3.916  1.00 27.01  ? 94  ARG A C   1 
ATOM   386 O  O   . ARG A 1 93  ? 4.149   7.194   -5.145  1.00 29.40  ? 94  ARG A O   1 
ATOM   387 C  CB  . ARG A 1 93  ? 5.390   9.251   -3.109  1.00 30.30  ? 94  ARG A CB  1 
ATOM   388 N  N   . ARG A 1 94  ? 4.281   6.216   -3.145  1.00 22.30  ? 95  ARG A N   1 
ATOM   389 C  CA  . ARG A 1 94  ? 4.228   4.844   -3.708  1.00 22.38  ? 95  ARG A CA  1 
ATOM   390 C  C   . ARG A 1 94  ? 2.742   4.432   -3.655  1.00 21.31  ? 95  ARG A C   1 
ATOM   391 O  O   . ARG A 1 94  ? 2.359   3.890   -2.617  1.00 21.61  ? 95  ARG A O   1 
ATOM   392 C  CB  . ARG A 1 94  ? 5.095   3.870   -2.945  1.00 21.69  ? 95  ARG A CB  1 
ATOM   393 C  CG  . ARG A 1 94  ? 6.596   4.033   -3.062  1.00 22.37  ? 95  ARG A CG  1 
ATOM   394 C  CD  . ARG A 1 94  ? 7.378   2.927   -2.385  1.00 23.07  ? 95  ARG A CD  1 
ATOM   395 N  NE  . ARG A 1 94  ? 8.827   3.179   -2.334  1.00 25.31  ? 95  ARG A NE  1 
ATOM   396 C  CZ  . ARG A 1 94  ? 9.671   2.455   -1.580  1.00 22.13  ? 95  ARG A CZ  1 
ATOM   397 N  NH1 . ARG A 1 94  ? 9.226   1.439   -0.829  1.00 25.39  ? 95  ARG A NH1 1 
ATOM   398 N  NH2 . ARG A 1 94  ? 10.947  2.753   -1.574  1.00 30.90  ? 95  ARG A NH2 1 
ATOM   399 N  N   . TYR A 1 95  ? 1.975   4.756   -4.685  1.00 22.52  ? 96  TYR A N   1 
ATOM   400 C  CA  . TYR A 1 95  ? 0.521   4.707   -4.695  1.00 20.45  ? 96  TYR A CA  1 
ATOM   401 C  C   . TYR A 1 95  ? -0.044  3.554   -5.509  1.00 18.47  ? 96  TYR A C   1 
ATOM   402 O  O   . TYR A 1 95  ? -0.943  2.868   -5.057  1.00 18.12  ? 96  TYR A O   1 
ATOM   403 C  CB  . TYR A 1 95  ? -0.058  6.035   -5.220  1.00 21.54  ? 96  TYR A CB  1 
ATOM   404 C  CG  . TYR A 1 95  ? -1.556  6.110   -5.254  1.00 19.74  ? 96  TYR A CG  1 
ATOM   405 C  CD1 . TYR A 1 95  ? -2.288  6.518   -4.157  1.00 19.39  ? 96  TYR A CD1 1 
ATOM   406 C  CD2 . TYR A 1 95  ? -2.280  5.778   -6.394  1.00 19.77  ? 96  TYR A CD2 1 
ATOM   407 C  CE1 . TYR A 1 95  ? -3.673  6.571   -4.235  1.00 21.35  ? 96  TYR A CE1 1 
ATOM   408 C  CE2 . TYR A 1 95  ? -3.653  5.829   -6.488  1.00 18.52  ? 96  TYR A CE2 1 
ATOM   409 C  CZ  . TYR A 1 95  ? -4.355  6.247   -5.378  1.00 16.91  ? 96  TYR A CZ  1 
ATOM   410 O  OH  . TYR A 1 95  ? -5.744  6.304   -5.421  1.00 20.25  ? 96  TYR A OH  1 
ATOM   411 N  N   . PHE A 1 96  ? 0.497   3.379   -6.719  1.00 18.80  ? 97  PHE A N   1 
ATOM   412 C  CA  . PHE A 1 96  ? 0.000   2.310   -7.576  1.00 20.26  ? 97  PHE A CA  1 
ATOM   413 C  C   . PHE A 1 96  ? 0.689   1.015   -7.169  1.00 21.10  ? 97  PHE A C   1 
ATOM   414 O  O   . PHE A 1 96  ? 1.650   0.603   -7.833  1.00 21.45  ? 97  PHE A O   1 
ATOM   415 C  CB  . PHE A 1 96  ? 0.159   2.645   -9.059  1.00 19.96  ? 97  PHE A CB  1 
ATOM   416 C  CG  . PHE A 1 96  ? -0.751  3.797   -9.474  1.00 19.09  ? 97  PHE A CG  1 
ATOM   417 C  CD1 . PHE A 1 96  ? -0.236  5.042   -9.738  1.00 22.27  ? 97  PHE A CD1 1 
ATOM   418 C  CD2 . PHE A 1 96  ? -2.119  3.599   -9.609  1.00 20.64  ? 97  PHE A CD2 1 
ATOM   419 C  CE1 . PHE A 1 96  ? -1.015  6.092   -10.159 1.00 24.83  ? 97  PHE A CE1 1 
ATOM   420 C  CE2 . PHE A 1 96  ? -2.919  4.664   -10.014 1.00 22.45  ? 97  PHE A CE2 1 
ATOM   421 C  CZ  . PHE A 1 96  ? -2.369  5.901   -10.271 1.00 22.72  ? 97  PHE A CZ  1 
ATOM   422 N  N   . CYS A 1 97  ? 0.222   0.374   -6.113  1.00 17.98  ? 98  CYS A N   1 
ATOM   423 C  CA  . CYS A 1 97  ? 0.748   -0.790  -5.411  1.00 16.76  ? 98  CYS A CA  1 
ATOM   424 C  C   . CYS A 1 97  ? 1.165   -1.958  -6.309  1.00 17.65  ? 98  CYS A C   1 
ATOM   425 O  O   . CYS A 1 97  ? 2.224   -2.572  -6.113  1.00 19.10  ? 98  CYS A O   1 
ATOM   426 C  CB  . CYS A 1 97  ? -0.227  -1.351  -4.348  1.00 17.27  ? 98  CYS A CB  1 
ATOM   427 S  SG  . CYS A 1 97  ? -1.131  -0.074  -3.399  1.00 17.61  ? 98  CYS A SG  1 
ATOM   428 N  N   . LEU A 1 98  ? 0.336   -2.314  -7.289  1.00 20.59  ? 99  LEU A N   1 
ATOM   429 C  CA  . LEU A 1 98  ? 0.591   -3.495  -8.146  1.00 23.18  ? 99  LEU A CA  1 
ATOM   430 C  C   . LEU A 1 98  ? 1.553   -3.234  -9.279  1.00 24.10  ? 99  LEU A C   1 
ATOM   431 O  O   . LEU A 1 98  ? 1.864   -4.126  -10.112 1.00 27.53  ? 99  LEU A O   1 
ATOM   432 C  CB  . LEU A 1 98  ? -0.758  -4.086  -8.606  1.00 25.37  ? 99  LEU A CB  1 
ATOM   433 C  CG  . LEU A 1 98  ? -1.690  -4.641  -7.522  1.00 27.99  ? 99  LEU A CG  1 
ATOM   434 C  CD1 . LEU A 1 98  ? -2.943  -5.282  -8.088  1.00 36.87  ? 99  LEU A CD1 1 
ATOM   435 C  CD2 . LEU A 1 98  ? -1.011  -5.682  -6.620  1.00 30.12  ? 99  LEU A CD2 1 
ATOM   436 N  N   . GLN A 1 99  ? 2.106   -2.033  -9.395  1.00 21.95  ? 100 GLN A N   1 
ATOM   437 C  CA  . GLN A 1 99  ? 3.221   -1.788  -10.320 1.00 23.77  ? 100 GLN A CA  1 
ATOM   438 C  C   . GLN A 1 99  ? 4.466   -2.497  -9.764  1.00 21.72  ? 100 GLN A C   1 
ATOM   439 O  O   . GLN A 1 99  ? 5.374   -2.840  -10.529 1.00 22.74  ? 100 GLN A O   1 
ATOM   440 C  CB  . GLN A 1 99  ? 3.580   -0.318  -10.505 1.00 26.17  ? 100 GLN A CB  1 
ATOM   441 C  CG  . GLN A 1 99  ? 2.711   0.696   -11.230 1.00 30.26  ? 100 GLN A CG  1 
ATOM   442 C  CD  . GLN A 1 99  ? 3.253   2.106   -11.348 1.00 30.08  ? 100 GLN A CD  1 
ATOM   443 O  OE1 . GLN A 1 99  ? 2.582   3.075   -11.782 1.00 41.61  ? 100 GLN A OE1 1 
ATOM   444 N  NE2 . GLN A 1 99  ? 4.486   2.434   -10.962 1.00 44.22  ? 100 GLN A NE2 1 
ATOM   445 N  N   . CYS A 1 100 ? 4.577   -2.671  -8.448  1.00 19.90  ? 101 CYS A N   1 
ATOM   446 C  CA  . CYS A 1 100 ? 5.740   -3.233  -7.758  1.00 18.41  ? 101 CYS A CA  1 
ATOM   447 C  C   . CYS A 1 100 ? 5.502   -4.557  -7.071  1.00 18.50  ? 101 CYS A C   1 
ATOM   448 O  O   . CYS A 1 100 ? 6.391   -5.403  -7.076  1.00 24.00  ? 101 CYS A O   1 
ATOM   449 C  CB  . CYS A 1 100 ? 6.201   -2.208  -6.714  1.00 19.35  ? 101 CYS A CB  1 
ATOM   450 S  SG  . CYS A 1 100 ? 6.734   -0.625  -7.414  1.00 20.02  ? 101 CYS A SG  1 
ATOM   451 N  N   . HIS A 1 101 ? 4.340   -4.754  -6.406  1.00 16.20  ? 102 HIS A N   1 
ATOM   452 C  CA  . HIS A 1 101 ? 4.071   -5.968  -5.624  1.00 16.56  ? 102 HIS A CA  1 
ATOM   453 C  C   . HIS A 1 101 ? 3.357   -7.016  -6.484  1.00 17.38  ? 102 HIS A C   1 
ATOM   454 O  O   . HIS A 1 101 ? 2.406   -6.684  -7.191  1.00 20.40  ? 102 HIS A O   1 
ATOM   455 C  CB  . HIS A 1 101 ? 3.238   -5.595  -4.422  1.00 15.99  ? 102 HIS A CB  1 
ATOM   456 C  CG  . HIS A 1 101 ? 3.960   -4.800  -3.359  1.00 14.87  ? 102 HIS A CG  1 
ATOM   457 N  ND1 . HIS A 1 101 ? 4.734   -5.368  -2.377  1.00 16.29  ? 102 HIS A ND1 1 
ATOM   458 C  CD2 . HIS A 1 101 ? 4.016   -3.464  -3.090  1.00 14.49  ? 102 HIS A CD2 1 
ATOM   459 C  CE1 . HIS A 1 101 ? 5.240   -4.417  -1.564  1.00 19.62  ? 102 HIS A CE1 1 
ATOM   460 N  NE2 . HIS A 1 101 ? 4.799   -3.240  -1.991  1.00 15.94  ? 102 HIS A NE2 1 
ATOM   461 N  N   . VAL A 1 102 ? 3.761   -8.276  -6.372  1.00 17.68  ? 103 VAL A N   1 
ATOM   462 C  CA  . VAL A 1 102 ? 3.118   -9.365  -7.123  1.00 18.67  ? 103 VAL A CA  1 
ATOM   463 C  C   . VAL A 1 102 ? 2.390   -10.272 -6.140  1.00 19.28  ? 103 VAL A C   1 
ATOM   464 O  O   . VAL A 1 102 ? 2.945   -10.577 -5.076  1.00 17.86  ? 103 VAL A O   1 
ATOM   465 C  CB  . VAL A 1 102 ? 4.198   -10.148 -7.916  1.00 20.44  ? 103 VAL A CB  1 
ATOM   466 C  CG1 . VAL A 1 102 ? 3.609   -11.331 -8.647  1.00 29.39  ? 103 VAL A CG1 1 
ATOM   467 C  CG2 . VAL A 1 102 ? 4.865   -9.170  -8.873  1.00 22.37  ? 103 VAL A CG2 1 
ATOM   468 N  N   . SER A 1 103 ? 1.206   -10.769 -6.502  1.00 20.20  ? 104 SER A N   1 
ATOM   469 C  CA  . SER A 1 103 ? 0.564   -11.738 -5.584  1.00 21.54  ? 104 SER A CA  1 
ATOM   470 C  C   . SER A 1 103 ? 1.054   -13.147 -5.788  1.00 26.33  ? 104 SER A C   1 
ATOM   471 O  O   . SER A 1 103 ? 1.130   -13.804 -4.685  1.00 26.94  ? 104 SER A O   1 
ATOM   472 C  CB  . SER A 1 103 ? -0.966  -11.681 -5.725  1.00 25.37  ? 104 SER A CB  1 
ATOM   473 O  OG  . SER A 1 103 ? -1.691  -12.689 -5.030  1.00 31.53  ? 104 SER A OG  1 
HETATM 474 FE FE  . HEC B 2 .   ? 5.122   -1.455  -1.034  1.00 16.19  ? 125 HEC A FE  1 
HETATM 475 C  CHA . HEC B 2 .   ? 7.125   -2.885  1.327   1.00 16.75  ? 125 HEC A CHA 1 
HETATM 476 C  CHB . HEC B 2 .   ? 2.347   -2.315  0.728   1.00 16.32  ? 125 HEC A CHB 1 
HETATM 477 C  CHC . HEC B 2 .   ? 3.182   0.471   -3.137  1.00 17.44  ? 125 HEC A CHC 1 
HETATM 478 C  CHD . HEC B 2 .   ? 7.803   -1.026  -3.100  1.00 17.32  ? 125 HEC A CHD 1 
HETATM 479 N  NA  . HEC B 2 .   ? 4.792   -2.447  0.628   1.00 15.21  ? 125 HEC A NA  1 
HETATM 480 C  C1A . HEC B 2 .   ? 5.752   -2.906  1.530   1.00 16.58  ? 125 HEC A C1A 1 
HETATM 481 C  C2A . HEC B 2 .   ? 5.128   -3.514  2.719   1.00 16.18  ? 125 HEC A C2A 1 
HETATM 482 C  C3A . HEC B 2 .   ? 3.777   -3.388  2.510   1.00 15.26  ? 125 HEC A C3A 1 
HETATM 483 C  C4A . HEC B 2 .   ? 3.605   -2.729  1.220   1.00 15.48  ? 125 HEC A C4A 1 
HETATM 484 C  CMA . HEC B 2 .   ? 2.631   -3.775  3.443   1.00 16.21  ? 125 HEC A CMA 1 
HETATM 485 C  CAA . HEC B 2 .   ? 5.855   -4.018  3.982   1.00 19.37  ? 125 HEC A CAA 1 
HETATM 486 C  CBA . HEC B 2 .   ? 6.001   -2.930  5.083   1.00 21.83  ? 125 HEC A CBA 1 
HETATM 487 C  CGA . HEC B 2 .   ? 6.827   -1.806  4.514   1.00 21.23  ? 125 HEC A CGA 1 
HETATM 488 O  O1A . HEC B 2 .   ? 8.063   -1.991  4.438   1.00 26.31  ? 125 HEC A O1A 1 
HETATM 489 O  O2A . HEC B 2 .   ? 6.315   -0.715  4.086   1.00 22.86  ? 125 HEC A O2A 1 
HETATM 490 N  NB  . HEC B 2 .   ? 3.197   -1.029  -1.173  1.00 15.40  ? 125 HEC A NB  1 
HETATM 491 C  C1B . HEC B 2 .   ? 2.179   -1.529  -0.394  1.00 14.46  ? 125 HEC A C1B 1 
HETATM 492 C  C2B . HEC B 2 .   ? 0.877   -0.944  -0.768  1.00 15.45  ? 125 HEC A C2B 1 
HETATM 493 C  C3B . HEC B 2 .   ? 1.134   -0.049  -1.784  1.00 15.92  ? 125 HEC A C3B 1 
HETATM 494 C  C4B . HEC B 2 .   ? 2.583   -0.122  -2.014  1.00 15.60  ? 125 HEC A C4B 1 
HETATM 495 C  CMB . HEC B 2 .   ? -0.480  -1.330  -0.134  1.00 17.09  ? 125 HEC A CMB 1 
HETATM 496 C  CAB . HEC B 2 .   ? 0.228   0.863   -2.396  1.00 17.13  ? 125 HEC A CAB 1 
HETATM 497 C  CBB . HEC B 2 .   ? -0.496  1.829   -1.511  1.00 16.82  ? 125 HEC A CBB 1 
HETATM 498 N  NC  . HEC B 2 .   ? 5.437   -0.506  -2.775  1.00 17.36  ? 125 HEC A NC  1 
HETATM 499 C  C1C . HEC B 2 .   ? 4.520   0.250   -3.495  1.00 16.60  ? 125 HEC A C1C 1 
HETATM 500 C  C2C . HEC B 2 .   ? 5.078   0.649   -4.775  1.00 16.79  ? 125 HEC A C2C 1 
HETATM 501 C  C3C . HEC B 2 .   ? 6.346   0.184   -4.802  1.00 16.98  ? 125 HEC A C3C 1 
HETATM 502 C  C4C . HEC B 2 .   ? 6.596   -0.457  -3.510  1.00 18.07  ? 125 HEC A C4C 1 
HETATM 503 C  CMC . HEC B 2 .   ? 4.288   1.369   -5.889  1.00 22.34  ? 125 HEC A CMC 1 
HETATM 504 C  CAC . HEC B 2 .   ? 7.320   0.269   -5.836  1.00 20.75  ? 125 HEC A CAC 1 
HETATM 505 C  CBC . HEC B 2 .   ? 7.811   1.620   -6.191  1.00 22.11  ? 125 HEC A CBC 1 
HETATM 506 N  ND  . HEC B 2 .   ? 7.052   -1.874  -0.937  1.00 17.76  ? 125 HEC A ND  1 
HETATM 507 C  C1D . HEC B 2 .   ? 8.051   -1.587  -1.857  1.00 15.44  ? 125 HEC A C1D 1 
HETATM 508 C  C2D . HEC B 2 .   ? 9.325   -2.024  -1.363  1.00 18.72  ? 125 HEC A C2D 1 
HETATM 509 C  C3D . HEC B 2 .   ? 9.138   -2.553  -0.124  1.00 18.27  ? 125 HEC A C3D 1 
HETATM 510 C  C4D . HEC B 2 .   ? 7.710   -2.459  0.121   1.00 16.48  ? 125 HEC A C4D 1 
HETATM 511 C  CMD . HEC B 2 .   ? 10.664  -1.960  -2.099  1.00 19.83  ? 125 HEC A CMD 1 
HETATM 512 C  CAD . HEC B 2 .   ? 10.293  -3.044  0.773   1.00 19.24  ? 125 HEC A CAD 1 
HETATM 513 C  CBD . HEC B 2 .   ? 10.536  -2.277  2.025   1.00 26.28  ? 125 HEC A CBD 1 
HETATM 514 C  CGD . HEC B 2 .   ? 10.251  -0.792  2.041   1.00 23.81  ? 125 HEC A CGD 1 
HETATM 515 O  O1D . HEC B 2 .   ? 9.449   -0.384  2.894   1.00 28.34  ? 125 HEC A O1D 1 
HETATM 516 O  O2D . HEC B 2 .   ? 10.801  -0.044  1.234   1.00 31.31  ? 125 HEC A O2D 1 
HETATM 517 FE FE  . HEC C 2 .   ? -2.609  -6.892  1.900   1.00 14.70  ? 126 HEC A FE  1 
HETATM 518 C  CHA . HEC C 2 .   ? -0.212  -8.718  3.597   1.00 15.73  ? 126 HEC A CHA 1 
HETATM 519 C  CHB . HEC C 2 .   ? -0.256  -5.859  -0.329  1.00 13.96  ? 126 HEC A CHB 1 
HETATM 520 C  CHC . HEC C 2 .   ? -5.019  -5.304  0.072   1.00 15.05  ? 126 HEC A CHC 1 
HETATM 521 C  CHD . HEC C 2 .   ? -4.857  -7.509  4.387   1.00 16.28  ? 126 HEC A CHD 1 
HETATM 522 N  NA  . HEC C 2 .   ? -0.638  -7.227  1.674   1.00 14.77  ? 126 HEC A NA  1 
HETATM 523 C  C1A . HEC C 2 .   ? 0.174   -8.003  2.461   1.00 14.28  ? 126 HEC A C1A 1 
HETATM 524 C  C2A . HEC C 2 .   ? 1.562   -7.893  2.019   1.00 14.38  ? 126 HEC A C2A 1 
HETATM 525 C  C3A . HEC C 2 .   ? 1.583   -7.058  0.956   1.00 14.76  ? 126 HEC A C3A 1 
HETATM 526 C  C4A . HEC C 2 .   ? 0.215   -6.654  0.718   1.00 13.97  ? 126 HEC A C4A 1 
HETATM 527 C  CMA . HEC C 2 .   ? 2.774   -6.483  0.181   1.00 15.39  ? 126 HEC A CMA 1 
HETATM 528 C  CAA . HEC C 2 .   ? 2.753   -8.554  2.751   1.00 15.66  ? 126 HEC A CAA 1 
HETATM 529 C  CBA . HEC C 2 .   ? 3.404   -7.578  3.785   1.00 21.12  ? 126 HEC A CBA 1 
HETATM 530 C  CGA . HEC C 2 .   ? 4.447   -8.329  4.579   1.00 28.49  ? 126 HEC A CGA 1 
HETATM 531 O  O1A . HEC C 2 .   ? 5.600   -8.322  4.183   1.00 45.36  ? 126 HEC A O1A 1 
HETATM 532 O  O2A . HEC C 2 .   ? 4.149   -8.928  5.653   1.00 40.49  ? 126 HEC A O2A 1 
HETATM 533 N  NB  . HEC C 2 .   ? -2.627  -5.856  0.183   1.00 13.95  ? 126 HEC A NB  1 
HETATM 534 C  C1B . HEC C 2 .   ? -1.566  -5.507  -0.640  1.00 13.47  ? 126 HEC A C1B 1 
HETATM 535 C  C2B . HEC C 2 .   ? -2.026  -4.825  -1.840  1.00 14.11  ? 126 HEC A C2B 1 
HETATM 536 C  C3B . HEC C 2 .   ? -3.364  -4.717  -1.750  1.00 15.77  ? 126 HEC A C3B 1 
HETATM 537 C  C4B . HEC C 2 .   ? -3.738  -5.310  -0.470  1.00 14.54  ? 126 HEC A C4B 1 
HETATM 538 C  CMB . HEC C 2 .   ? -1.026  -4.267  -2.875  1.00 16.55  ? 126 HEC A CMB 1 
HETATM 539 C  CAB . HEC C 2 .   ? -4.288  -4.189  -2.733  1.00 16.12  ? 126 HEC A CAB 1 
HETATM 540 C  CBB . HEC C 2 .   ? -4.186  -4.707  -4.143  1.00 18.56  ? 126 HEC A CBB 1 
HETATM 541 N  NC  . HEC C 2 .   ? -4.506  -6.440  2.191   1.00 13.87  ? 126 HEC A NC  1 
HETATM 542 C  C1C . HEC C 2 .   ? -5.353  -5.741  1.350   1.00 14.10  ? 126 HEC A C1C 1 
HETATM 543 C  C2C . HEC C 2 .   ? -6.674  -5.592  1.935   1.00 14.44  ? 126 HEC A C2C 1 
HETATM 544 C  C3C . HEC C 2 .   ? -6.657  -6.195  3.160   1.00 14.98  ? 126 HEC A C3C 1 
HETATM 545 C  C4C . HEC C 2 .   ? -5.295  -6.744  3.299   1.00 15.48  ? 126 HEC A C4C 1 
HETATM 546 C  CMC . HEC C 2 .   ? -7.784  -4.744  1.311   1.00 17.03  ? 126 HEC A CMC 1 
HETATM 547 C  CAC . HEC C 2 .   ? -7.658  -6.120  4.157   1.00 16.30  ? 126 HEC A CAC 1 
HETATM 548 C  CBC . HEC C 2 .   ? -8.989  -6.727  3.814   1.00 17.74  ? 126 HEC A CBC 1 
HETATM 549 N  ND  . HEC C 2 .   ? -2.564  -7.952  3.587   1.00 16.34  ? 126 HEC A ND  1 
HETATM 550 C  C1D . HEC C 2 .   ? -3.587  -8.077  4.514   1.00 13.47  ? 126 HEC A C1D 1 
HETATM 551 C  C2D . HEC C 2 .   ? -3.185  -8.929  5.636   1.00 14.74  ? 126 HEC A C2D 1 
HETATM 552 C  C3D . HEC C 2 .   ? -1.902  -9.288  5.379   1.00 14.88  ? 126 HEC A C3D 1 
HETATM 553 C  C4D . HEC C 2 .   ? -1.514  -8.668  4.112   1.00 16.02  ? 126 HEC A C4D 1 
HETATM 554 C  CMD . HEC C 2 .   ? -4.098  -9.331  6.832   1.00 16.78  ? 126 HEC A CMD 1 
HETATM 555 C  CAD . HEC C 2 .   ? -1.063  -10.307 6.164   1.00 20.21  ? 126 HEC A CAD 1 
HETATM 556 C  CBD . HEC C 2 .   ? -0.419  -9.572  7.351   1.00 22.61  ? 126 HEC A CBD 1 
HETATM 557 C  CGD . HEC C 2 .   ? 0.833   -8.918  6.765   1.00 31.55  ? 126 HEC A CGD 1 
HETATM 558 O  O1D . HEC C 2 .   ? 1.879   -9.631  6.562   1.00 32.96  ? 126 HEC A O1D 1 
HETATM 559 O  O2D . HEC C 2 .   ? 0.637   -7.706  6.548   1.00 27.52  ? 126 HEC A O2D 1 
HETATM 560 O  O   . HOH D 3 .   ? 6.376   -8.639  -5.016  1.00 19.59  ? 127 HOH A O   1 
HETATM 561 O  O   . HOH D 3 .   ? 8.337   -9.599  -6.852  1.00 20.14  ? 128 HOH A O   1 
HETATM 562 O  O   . HOH D 3 .   ? -3.724  1.439   12.975  1.00 20.15  ? 129 HOH A O   1 
HETATM 563 O  O   . HOH D 3 .   ? -6.624  0.548   12.977  1.00 27.04  ? 130 HOH A O   1 
HETATM 564 O  O   . HOH D 3 .   ? -8.070  -7.866  7.359   1.00 25.08  ? 131 HOH A O   1 
HETATM 565 O  O   . HOH D 3 .   ? 8.720   -5.526  -8.431  1.00 24.80  ? 132 HOH A O   1 
HETATM 566 O  O   . HOH D 3 .   ? -7.179  -0.834  -10.643 1.00 26.79  ? 133 HOH A O   1 
HETATM 567 O  O   . HOH D 3 .   ? 7.723   7.410   -1.386  1.00 26.12  ? 134 HOH A O   1 
HETATM 568 O  O   . HOH D 3 .   ? 2.004   -2.466  10.979  1.00 26.63  ? 135 HOH A O   1 
HETATM 569 O  O   . HOH D 3 .   ? 0.524   2.169   -12.199 0.50 30.13  ? 136 HOH A O   1 
HETATM 570 O  O   . HOH D 3 .   ? 1.244   -7.718  -9.585  1.00 29.81  ? 137 HOH A O   1 
HETATM 571 O  O   . HOH D 3 .   ? 2.742   5.072   -7.563  1.00 26.94  ? 138 HOH A O   1 
HETATM 572 O  O   . HOH D 3 .   ? 4.947   -11.434 1.833   1.00 34.28  ? 139 HOH A O   1 
HETATM 573 O  O   . HOH D 3 .   ? -1.479  -0.429  -8.758  1.00 29.65  ? 140 HOH A O   1 
HETATM 574 O  O   . HOH D 3 .   ? 19.205  14.816  -0.239  1.00 30.01  ? 141 HOH A O   1 
HETATM 575 O  O   . HOH D 3 .   ? 3.802   4.946   7.879   1.00 31.30  ? 142 HOH A O   1 
HETATM 576 O  O   . HOH D 3 .   ? -0.202  -1.458  12.851  1.00 41.74  ? 143 HOH A O   1 
HETATM 577 O  O   . HOH D 3 .   ? -6.372  -3.275  -9.554  1.00 38.02  ? 144 HOH A O   1 
HETATM 578 O  O   . HOH D 3 .   ? -11.924 2.236   -0.717  0.50 31.91  ? 145 HOH A O   1 
HETATM 579 O  O   . HOH D 3 .   ? 5.504   -0.841  8.250   1.00 29.47  ? 146 HOH A O   1 
HETATM 580 O  O   . HOH D 3 .   ? -3.756  -0.013  -10.877 1.00 28.78  ? 147 HOH A O   1 
HETATM 581 O  O   . HOH D 3 .   ? 0.011   -10.051 -9.065  1.00 27.73  ? 148 HOH A O   1 
HETATM 582 O  O   . HOH D 3 .   ? 9.350   -11.550 -5.697  1.00 30.68  ? 149 HOH A O   1 
HETATM 583 O  O   . HOH D 3 .   ? 12.207  -5.959  0.075   1.00 41.50  ? 150 HOH A O   1 
HETATM 584 O  O   . HOH D 3 .   ? 7.642   -3.963  -11.269 1.00 46.76  ? 151 HOH A O   1 
HETATM 585 O  O   . HOH D 3 .   ? -3.426  8.235   9.278   1.00 32.30  ? 152 HOH A O   1 
HETATM 586 O  O   . HOH D 3 .   ? 4.989   8.110   7.022   1.00 32.39  ? 153 HOH A O   1 
HETATM 587 O  O   . HOH D 3 .   ? -10.386 -6.657  7.567   1.00 35.96  ? 154 HOH A O   1 
HETATM 588 O  O   . HOH D 3 .   ? 7.957   -12.140 -0.667  1.00 34.21  ? 155 HOH A O   1 
HETATM 589 O  O   . HOH D 3 .   ? -4.669  -12.093 -7.162  1.00 37.17  ? 156 HOH A O   1 
HETATM 590 O  O   . HOH D 3 .   ? -0.062  -0.233  -11.189 1.00 46.05  ? 157 HOH A O   1 
HETATM 591 O  O   . HOH D 3 .   ? -10.650 3.776   -2.142  1.00 43.63  ? 158 HOH A O   1 
HETATM 592 O  O   . HOH D 3 .   ? -10.792 12.445  -11.507 1.00 49.08  ? 159 HOH A O   1 
HETATM 593 O  O   . HOH D 3 .   ? -13.925 -0.573  -0.229  0.50 25.12  ? 160 HOH A O   1 
HETATM 594 O  O   . HOH D 3 .   ? 9.776   -10.873 -2.961  1.00 31.82  ? 161 HOH A O   1 
HETATM 595 O  O   . HOH D 3 .   ? -4.036  -2.388  -10.328 1.00 32.44  ? 162 HOH A O   1 
HETATM 596 O  O   . HOH D 3 .   ? -14.552 1.008   -6.847  1.00 47.96  ? 163 HOH A O   1 
HETATM 597 O  O   . HOH D 3 .   ? 15.281  -7.257  -8.176  1.00 39.15  ? 164 HOH A O   1 
HETATM 598 O  O   . HOH D 3 .   ? 0.471   -7.611  10.705  1.00 41.37  ? 165 HOH A O   1 
HETATM 599 O  O   . HOH D 3 .   ? -1.270  -4.565  12.197  1.00 38.31  ? 166 HOH A O   1 
HETATM 600 O  O   . HOH D 3 .   ? 10.359  14.021  -4.578  1.00 45.61  ? 167 HOH A O   1 
HETATM 601 O  O   . HOH D 3 .   ? 6.050   1.747   9.411   1.00 52.13  ? 168 HOH A O   1 
HETATM 602 O  O   . HOH D 3 .   ? -9.681  -8.053  -10.727 1.00 44.75  ? 169 HOH A O   1 
HETATM 603 O  O   . HOH D 3 .   ? -6.781  8.459   -3.931  1.00 38.56  ? 170 HOH A O   1 
HETATM 604 O  O   . HOH D 3 .   ? -11.098 -3.248  0.481   1.00 45.96  ? 171 HOH A O   1 
HETATM 605 O  O   . HOH D 3 .   ? -11.796 -5.449  5.818   1.00 52.74  ? 172 HOH A O   1 
HETATM 606 O  O   . HOH D 3 .   ? 13.676  -4.109  -1.320  1.00 51.58  ? 173 HOH A O   1 
HETATM 607 O  O   . HOH D 3 .   ? -2.206  -9.257  -10.363 1.00 58.45  ? 174 HOH A O   1 
HETATM 608 O  O   . HOH D 3 .   ? 3.378   10.174  6.485   1.00 37.85  ? 175 HOH A O   1 
HETATM 609 O  O   . HOH D 3 .   ? -1.026  -15.646 -4.530  1.00 37.89  ? 176 HOH A O   1 
HETATM 610 O  O   . HOH D 3 .   ? -13.516 -2.039  -10.259 1.00 59.03  ? 177 HOH A O   1 
HETATM 611 O  O   . HOH D 3 .   ? 3.465   -12.714 3.939   1.00 37.28  ? 178 HOH A O   1 
HETATM 612 O  O   . HOH D 3 .   ? 11.308  -6.585  2.652   1.00 49.36  ? 179 HOH A O   1 
HETATM 613 O  O   . HOH D 3 .   ? 10.000  -2.844  -8.246  1.00 49.81  ? 180 HOH A O   1 
HETATM 614 O  O   . HOH D 3 .   ? -11.022 -4.331  9.026   1.00 44.98  ? 181 HOH A O   1 
HETATM 615 O  O   . HOH D 3 .   ? 5.125   -7.506  8.172   0.50 34.87  ? 182 HOH A O   1 
HETATM 616 O  O   . HOH D 3 .   ? 2.770   -5.589  11.131  1.00 57.94  ? 183 HOH A O   1 
HETATM 617 O  O   . HOH D 3 .   ? 5.572   5.469   -6.928  1.00 41.17  ? 184 HOH A O   1 
HETATM 618 O  O   . HOH D 3 .   ? 1.187   -16.003 -4.075  1.00 51.57  ? 185 HOH A O   1 
HETATM 619 O  O   . HOH D 3 .   ? 13.093  1.127   -0.255  1.00 45.00  ? 186 HOH A O   1 
HETATM 620 O  O   . HOH D 3 .   ? -10.086 6.760   -1.611  1.00 52.30  ? 187 HOH A O   1 
HETATM 621 O  O   . HOH D 3 .   ? 6.223   8.840   9.304   1.00 43.80  ? 188 HOH A O   1 
HETATM 622 O  O   . HOH D 3 .   ? -10.183 -6.480  10.533  1.00 65.80  ? 189 HOH A O   1 
HETATM 623 O  O   . HOH D 3 .   ? 9.241   -5.469  3.412   1.00 37.44  ? 190 HOH A O   1 
HETATM 624 O  O   . HOH D 3 .   ? 2.488   -15.495 -2.255  1.00 48.40  ? 191 HOH A O   1 
HETATM 625 O  O   . HOH D 3 .   ? -6.172  -14.539 -7.293  0.50 38.80  ? 192 HOH A O   1 
HETATM 626 O  O   . HOH D 3 .   ? 5.956   3.298   -8.790  1.00 45.65  ? 193 HOH A O   1 
HETATM 627 O  O   . HOH D 3 .   ? 2.183   7.584   -8.302  1.00 45.85  ? 194 HOH A O   1 
HETATM 628 O  O   . HOH D 3 .   ? -11.688 -4.284  2.589   1.00 40.88  ? 195 HOH A O   1 
HETATM 629 O  O   . HOH D 3 .   ? 10.991  -0.598  -5.902  1.00 51.33  ? 196 HOH A O   1 
HETATM 630 O  O   . HOH D 3 .   ? 9.720   1.709   8.553   1.00 44.50  ? 197 HOH A O   1 
HETATM 631 O  O   . HOH D 3 .   ? -8.698  8.710   -1.934  1.00 46.72  ? 198 HOH A O   1 
HETATM 632 O  O   . HOH D 3 .   ? 12.972  -0.765  -4.668  1.00 45.66  ? 199 HOH A O   1 
HETATM 633 O  O   . HOH D 3 .   ? 7.574   -2.091  7.841   1.00 57.54  ? 200 HOH A O   1 
HETATM 634 O  O   . HOH D 3 .   ? 8.352   5.834   -6.397  1.00 58.57  ? 201 HOH A O   1 
HETATM 635 O  O   . HOH D 3 .   ? -3.692  8.276   -0.972  1.00 53.81  ? 202 HOH A O   1 
HETATM 636 O  O   . HOH D 3 .   ? 7.888   -7.748  4.628   1.00 48.56  ? 203 HOH A O   1 
HETATM 637 O  O   . HOH D 3 .   ? -11.439 -6.228  20.104  0.50 54.23  ? 204 HOH A O   1 
HETATM 638 O  O   . HOH D 3 .   ? 4.995   16.222  5.179   1.00 44.98  ? 205 HOH A O   1 
HETATM 639 O  O   . HOH D 3 .   ? 3.757   15.094  6.728   1.00 55.00  ? 206 HOH A O   1 
HETATM 640 O  O   . HOH D 3 .   ? -13.202 -3.527  -6.511  1.00 39.34  ? 207 HOH A O   1 
HETATM 641 O  O   . HOH D 3 .   ? -4.118  10.103  -3.741  0.50 50.86  ? 208 HOH A O   1 
HETATM 642 O  O   . HOH D 3 .   ? 12.319  17.653  -0.864  1.00 64.05  ? 209 HOH A O   1 
HETATM 643 O  O   . HOH D 3 .   ? 5.187   -2.201  10.697  1.00 45.20  ? 210 HOH A O   1 
HETATM 644 O  O   . HOH D 3 .   ? 0.307   15.541  6.110   1.00 55.47  ? 211 HOH A O   1 
HETATM 645 O  O   . HOH D 3 .   ? 8.738   16.565  6.434   1.00 48.59  ? 212 HOH A O   1 
HETATM 646 O  O   . HOH D 3 .   ? 2.450   7.190   7.876   1.00 63.89  ? 213 HOH A O   1 
HETATM 647 O  O   . HOH D 3 .   ? 11.970  20.351  -0.124  1.00 53.90  ? 214 HOH A O   1 
HETATM 648 O  O   . HOH D 3 .   ? -15.799 -1.043  -5.503  0.50 51.35  ? 215 HOH A O   1 
HETATM 649 O  O   . HOH D 3 .   ? 6.462   -19.382 -1.153  0.50 38.03  ? 216 HOH A O   1 
HETATM 650 O  O   . HOH D 3 .   ? 15.172  -10.739 -4.192  1.00 31.22  ? 217 HOH A O   1 
HETATM 651 O  O   . HOH D 3 .   ? -6.357  -6.109  -8.916  0.50 38.32  ? 218 HOH A O   1 
HETATM 652 O  O   . HOH D 3 .   ? -13.245 -4.938  -3.022  0.50 38.35  ? 219 HOH A O   1 
HETATM 653 O  O   . HOH D 3 .   ? 6.495   4.101   -12.795 1.00 49.67  ? 220 HOH A O   1 
HETATM 654 O  O   . HOH D 3 .   ? 13.264  3.723   -2.807  1.00 96.50  ? 221 HOH A O   1 
HETATM 655 O  O   . HOH D 3 .   ? 3.705   9.062   -6.922  1.00 51.13  ? 222 HOH A O   1 
HETATM 656 O  O   . HOH D 3 .   ? 9.474   5.839   -3.805  1.00 59.06  ? 223 HOH A O   1 
HETATM 657 O  O   . HOH D 3 .   ? 9.067   2.670   -9.433  1.00 56.03  ? 224 HOH A O   1 
HETATM 658 O  O   . HOH D 3 .   ? 3.276   6.617   -14.115 1.00 64.87  ? 225 HOH A O   1 
HETATM 659 O  O   . HOH D 3 .   ? 8.611   17.064  -0.564  1.00 60.84  ? 226 HOH A O   1 
HETATM 660 O  O   . HOH D 3 .   ? -13.967 -12.672 -3.574  1.00 65.86  ? 227 HOH A O   1 
HETATM 661 O  O   . HOH D 3 .   ? -3.145  -15.539 -3.674  1.00 55.69  ? 228 HOH A O   1 
HETATM 662 O  O   . HOH D 3 .   ? -1.186  10.321  -4.538  1.00 81.29  ? 229 HOH A O   1 
HETATM 663 O  O   . HOH D 3 .   ? 9.997   -4.291  -10.441 1.00 56.07  ? 230 HOH A O   1 
HETATM 664 O  O   . HOH D 3 .   ? -11.792 -4.700  -9.100  1.00 62.74  ? 231 HOH A O   1 
HETATM 665 O  O   . HOH D 3 .   ? 0.130   -16.060 -7.350  1.00 67.38  ? 232 HOH A O   1 
HETATM 666 O  O   . HOH D 3 .   ? 4.721   -15.514 -1.729  1.00 59.69  ? 233 HOH A O   1 
HETATM 667 O  O   . HOH D 3 .   ? 0.314   12.717  6.665   1.00 76.29  ? 234 HOH A O   1 
HETATM 668 O  O   . HOH D 3 .   ? -15.294 -3.318  -4.039  1.00 59.77  ? 235 HOH A O   1 
HETATM 669 O  O   . HOH D 3 .   ? 14.386  -1.441  -1.251  1.00 74.31  ? 236 HOH A O   1 
HETATM 670 O  O   . HOH D 3 .   ? -11.835 -8.138  1.608   1.00 55.49  ? 237 HOH A O   1 
HETATM 671 O  O   . HOH D 3 .   ? 9.001   -11.428 1.248   1.00 82.88  ? 238 HOH A O   1 
HETATM 672 O  O   . HOH D 3 .   ? 12.032  -10.064 -1.786  1.00 64.78  ? 239 HOH A O   1 
HETATM 673 O  O   . HOH D 3 .   ? 7.755   -18.356 -2.949  1.00 69.38  ? 240 HOH A O   1 
HETATM 674 O  O   . HOH D 3 .   ? 7.809   -14.908 0.158   1.00 74.11  ? 241 HOH A O   1 
HETATM 675 O  O   . HOH D 3 .   ? 18.454  15.517  -3.578  1.00 61.15  ? 242 HOH A O   1 
HETATM 676 O  O   . HOH D 3 .   ? 7.914   2.869   10.911  1.00 61.12  ? 243 HOH A O   1 
HETATM 677 O  O   . HOH D 3 .   ? -14.667 -6.288  -6.221  1.00 54.25  ? 244 HOH A O   1 
HETATM 678 O  O   . HOH D 3 .   ? -11.109 -3.230  6.883   1.00 63.16  ? 245 HOH A O   1 
HETATM 679 O  O   . HOH D 3 .   ? -7.434  -14.228 -9.293  1.00 67.62  ? 246 HOH A O   1 
HETATM 680 O  O   . HOH D 3 .   ? 0.211   11.870  3.195   1.00 50.12  ? 247 HOH A O   1 
HETATM 681 O  O   . HOH D 3 .   ? 3.471   11.555  0.822   1.00 57.83  ? 248 HOH A O   1 
HETATM 682 O  O   . HOH D 3 .   ? -1.377  -15.716 -2.257  1.00 104.83 ? 249 HOH A O   1 
HETATM 683 O  O   . HOH D 3 .   ? 14.116  -2.573  3.818   1.00 63.58  ? 250 HOH A O   1 
HETATM 684 O  O   . HOH D 3 .   ? 12.780  -4.337  4.527   1.00 72.57  ? 251 HOH A O   1 
HETATM 685 O  O   . HOH D 3 .   ? -12.767 -8.838  -0.885  1.00 101.09 ? 252 HOH A O   1 
HETATM 686 O  O   . HOH D 3 .   ? -3.056  -5.954  14.635  1.00 99.45  ? 253 HOH A O   1 
HETATM 687 O  O   . HOH D 3 .   ? 9.031   -20.543 -1.021  1.00 73.51  ? 254 HOH A O   1 
# 
loop_
_atom_site_anisotrop.id 
_atom_site_anisotrop.type_symbol 
_atom_site_anisotrop.pdbx_label_atom_id 
_atom_site_anisotrop.pdbx_label_alt_id 
_atom_site_anisotrop.pdbx_label_comp_id 
_atom_site_anisotrop.pdbx_label_asym_id 
_atom_site_anisotrop.pdbx_label_seq_id 
_atom_site_anisotrop.pdbx_PDB_ins_code 
_atom_site_anisotrop.U[1][1] 
_atom_site_anisotrop.U[2][2] 
_atom_site_anisotrop.U[3][3] 
_atom_site_anisotrop.U[1][2] 
_atom_site_anisotrop.U[1][3] 
_atom_site_anisotrop.U[2][3] 
_atom_site_anisotrop.pdbx_auth_seq_id 
_atom_site_anisotrop.pdbx_auth_comp_id 
_atom_site_anisotrop.pdbx_auth_asym_id 
_atom_site_anisotrop.pdbx_auth_atom_id 
1   C  C   . ASN A 36  ? 0.3231 0.4991 0.6142 0.0256  -0.0159 -0.1844 37  ASN A C   
2   O  O   . ASN A 36  ? 0.4631 0.3803 0.6930 -0.0311 0.1180  -0.0117 37  ASN A O   
3   N  N   . GLN A 37  ? 0.2590 0.4850 0.4418 0.0950  0.0184  -0.2338 38  GLN A N   
4   C  CA  . GLN A 37  ? 0.2734 0.4131 0.3164 0.1115  0.0135  -0.1741 38  GLN A CA  
5   C  C   . GLN A 37  ? 0.2530 0.3519 0.2304 0.1132  -0.0189 -0.0768 38  GLN A C   
6   O  O   . GLN A 37  ? 0.3089 0.3910 0.2755 0.0827  -0.0967 -0.0383 38  GLN A O   
7   C  CB  . GLN A 37  ? 0.2628 0.3572 0.2275 0.0841  0.0310  -0.0738 38  GLN A CB  
8   C  CG  . GLN A 37  ? 0.2579 0.3679 0.2171 0.0805  -0.0056 -0.0959 38  GLN A CG  
9   C  CD  . GLN A 37  ? 0.2250 0.3357 0.2340 0.0156  0.0242  -0.0602 38  GLN A CD  
10  O  OE1 . GLN A 37  ? 0.3039 0.4041 0.3495 -0.0449 0.0904  -0.0336 38  GLN A OE1 
11  N  NE2 . GLN A 37  ? 0.2347 0.3429 0.1592 0.0538  0.0284  -0.0667 38  GLN A NE2 
12  N  N   . PRO A 38  ? 0.1707 0.3552 0.1744 0.0518  0.0011  -0.0362 39  PRO A N   
13  C  CA  . PRO A 38  ? 0.2186 0.3462 0.1537 0.0505  0.0083  -0.0536 39  PRO A CA  
14  C  C   . PRO A 38  ? 0.2012 0.3682 0.1740 0.0115  0.0139  -0.0707 39  PRO A C   
15  O  O   . PRO A 38  ? 0.2137 0.3674 0.1727 0.0295  0.0240  -0.0678 39  PRO A O   
16  C  CB  . PRO A 38  ? 0.2335 0.4155 0.1950 0.1107  0.0075  -0.0593 39  PRO A CB  
17  C  CG  . PRO A 38  ? 0.3122 0.3145 0.2017 0.1076  0.0049  -0.0431 39  PRO A CG  
18  C  CD  . PRO A 38  ? 0.2746 0.3217 0.1760 0.0837  0.0394  -0.0150 39  PRO A CD  
19  N  N   . PRO A 39  ? 0.1655 0.3282 0.1761 0.0422  0.0062  -0.0707 40  PRO A N   
20  C  CA  . PRO A 39  ? 0.1689 0.3360 0.1796 0.0412  0.0131  -0.0621 40  PRO A CA  
21  C  C   . PRO A 39  ? 0.1686 0.2747 0.1924 0.0607  0.0105  -0.0712 40  PRO A C   
22  O  O   . PRO A 39  ? 0.1973 0.2945 0.2011 0.0851  0.0046  -0.0571 40  PRO A O   
23  C  CB  . PRO A 39  ? 0.2488 0.3394 0.1609 0.0883  -0.0026 -0.0267 40  PRO A CB  
24  C  CG  . PRO A 39  ? 0.2668 0.3373 0.1862 0.1137  0.0313  -0.0447 40  PRO A CG  
25  C  CD  . PRO A 39  ? 0.1987 0.3061 0.2060 0.0953  0.0094  -0.0876 40  PRO A CD  
26  N  N   . MET A 40  ? 0.1976 0.2742 0.2266 0.0511  0.0401  -0.0811 41  MET A N   
27  C  CA  . MET A 40  ? 0.1998 0.2624 0.2091 0.0266  0.0517  -0.0669 41  MET A CA  
28  C  C   . MET A 40  ? 0.1916 0.3804 0.1769 0.0596  0.0289  -0.0446 41  MET A C   
29  O  O   . MET A 40  ? 0.1828 0.3544 0.1723 0.0575  0.0165  -0.0437 41  MET A O   
30  C  CB  . MET A 40  ? 0.2344 0.2378 0.2040 0.0342  0.0181  -0.0291 41  MET A CB  
31  C  CG  . MET A 40  ? 0.2816 0.4067 0.2412 0.0965  0.0451  -0.1245 41  MET A CG  
32  S  SD  . MET A 40  ? 0.4049 0.3921 0.3845 0.0514  0.1143  -0.1462 41  MET A SD  
33  C  CE  . MET A 40  ? 0.6911 0.3217 0.6078 -0.0315 0.0006  0.0225  41  MET A CE  
34  N  N   . VAL A 41  ? 0.1884 0.3165 0.1611 0.0239  0.0209  -0.0734 42  VAL A N   
35  C  CA  . VAL A 41  ? 0.1878 0.2874 0.1669 0.0354  0.0295  -0.0605 42  VAL A CA  
36  C  C   . VAL A 41  ? 0.1945 0.2887 0.1794 0.0370  0.0297  -0.0552 42  VAL A C   
37  O  O   . VAL A 41  ? 0.2602 0.2897 0.1869 0.0150  0.0373  -0.0571 42  VAL A O   
38  C  CB  . VAL A 41  ? 0.2197 0.3178 0.1508 0.0667  0.0362  -0.0515 42  VAL A CB  
39  C  CG1 . VAL A 41  ? 0.1927 0.2701 0.2237 0.0360  0.0504  -0.0720 42  VAL A CG1 
40  C  CG2 . VAL A 41  ? 0.2005 0.3469 0.1301 0.0563  0.0460  -0.0425 42  VAL A CG2 
41  N  N   . PRO A 42  ? 0.2353 0.2813 0.1827 0.0204  0.0321  -0.0534 43  PRO A N   
42  C  CA  . PRO A 42  ? 0.2339 0.2841 0.2015 0.0176  0.0397  -0.0498 43  PRO A CA  
43  C  C   . PRO A 42  ? 0.2372 0.2524 0.2628 0.0261  0.0303  -0.0570 43  PRO A C   
44  O  O   . PRO A 42  ? 0.2359 0.4104 0.5464 -0.0142 -0.0246 0.1474  43  PRO A O   
45  C  CB  . PRO A 42  ? 0.2454 0.2675 0.2126 0.0839  0.0350  -0.0367 43  PRO A CB  
46  C  CG  . PRO A 42  ? 0.3358 0.2718 0.1889 0.0568  0.0616  -0.0438 43  PRO A CG  
47  C  CD  . PRO A 42  ? 0.2447 0.2696 0.1755 0.0538  0.0273  -0.0457 43  PRO A CD  
48  N  N   . HIS A 43  ? 0.2277 0.2612 0.2811 0.0248  0.0336  -0.0521 44  HIS A N   
49  C  CA  . HIS A 43  ? 0.2350 0.2573 0.2339 0.0239  0.0280  -0.0969 44  HIS A CA  
50  C  C   . HIS A 43  ? 0.2649 0.2176 0.2561 0.0162  0.0174  -0.0678 44  HIS A C   
51  O  O   . HIS A 43  ? 0.3048 0.2420 0.2464 0.0049  0.0496  -0.0911 44  HIS A O   
52  C  CB  . HIS A 43  ? 0.2527 0.2342 0.2697 0.0785  -0.0038 -0.1172 44  HIS A CB  
53  C  CG  . HIS A 43  ? 0.2230 0.2489 0.2061 0.0321  0.0264  -0.0812 44  HIS A CG  
54  N  ND1 . HIS A 43  ? 0.2065 0.2530 0.1997 0.0470  -0.0008 -0.1010 44  HIS A ND1 
55  C  CD2 . HIS A 43  ? 0.1981 0.2347 0.2004 0.0656  0.0017  -0.0759 44  HIS A CD2 
56  C  CE1 . HIS A 43  ? 0.1784 0.2482 0.1755 0.0564  -0.0109 -0.0883 44  HIS A CE1 
57  N  NE2 . HIS A 43  ? 0.1729 0.2399 0.1676 0.0508  0.0014  -0.0679 44  HIS A NE2 
58  N  N   . SER A 44  ? 0.2678 0.3020 0.2645 0.0186  -0.0038 -0.0837 45  SER A N   
59  C  CA  . SER A 44  ? 0.3379 0.3575 0.2779 0.0890  -0.0211 -0.0926 45  SER A CA  
60  C  C   . SER A 44  ? 0.3465 0.3645 0.2348 0.1217  -0.0447 -0.1092 45  SER A C   
61  O  O   . SER A 44  ? 0.2868 0.3738 0.2110 0.1158  -0.0690 -0.1059 45  SER A O   
62  C  CB  . SER A 44  ? 0.3526 0.4041 0.3287 0.0868  -0.0998 -0.0694 45  SER A CB  
63  O  OG  . SER A 44  ? 0.3853 0.5691 0.2955 -0.0501 -0.0468 0.0097  45  SER A OG  
64  N  N   . VAL A 45  ? 0.3405 0.3132 0.2280 0.0431  -0.0328 -0.1485 46  VAL A N   
65  C  CA  . VAL A 45  ? 0.3330 0.3303 0.2677 0.0650  -0.0371 -0.1224 46  VAL A CA  
66  C  C   . VAL A 45  ? 0.3423 0.3554 0.3401 0.0543  -0.0770 -0.1214 46  VAL A C   
67  O  O   . VAL A 45  ? 0.3547 0.3694 0.2791 0.0699  -0.0564 -0.1136 46  VAL A O   
68  C  CB  . VAL A 45  ? 0.3187 0.2814 0.2458 0.1076  -0.0485 -0.0836 46  VAL A CB  
69  C  CG1 . VAL A 45  ? 0.2688 0.3858 0.2639 0.1247  -0.0240 0.0426  46  VAL A CG1 
70  C  CG2 . VAL A 45  ? 0.3941 0.3536 0.2875 0.1462  0.0115  -0.0834 46  VAL A CG2 
71  N  N   . ALA A 46  ? 0.3763 0.3735 0.3312 0.0499  -0.0692 -0.1701 47  ALA A N   
72  C  CA  . ALA A 46  ? 0.4258 0.3643 0.3628 0.0582  -0.1076 -0.1805 47  ALA A CA  
73  C  C   . ALA A 46  ? 0.4165 0.5121 0.3573 0.1202  -0.0481 -0.0987 47  ALA A C   
74  O  O   . ALA A 46  ? 0.4288 0.4807 0.4164 0.0935  0.0206  0.0275  47  ALA A O   
75  C  CB  . ALA A 46  ? 0.4814 0.4289 0.2537 -0.0491 -0.1113 -0.0783 47  ALA A CB  
76  N  N   . ASN A 47  ? 0.4262 0.3508 0.3803 0.0158  -0.0299 -0.1415 48  ASN A N   
77  C  CA  . ASN A 47  ? 0.3846 0.3431 0.4918 -0.0266 0.0727  -0.0874 48  ASN A CA  
78  C  C   . ASN A 47  ? 0.3343 0.3376 0.4349 0.0008  0.0871  -0.0963 48  ASN A C   
79  O  O   . ASN A 47  ? 0.2628 0.3739 0.3867 0.0598  -0.0717 -0.0783 48  ASN A O   
80  C  CB  . ASN A 47  ? 0.3999 0.4457 0.6311 0.0028  0.1178  0.0655  48  ASN A CB  
81  C  CG  . ASN A 47  ? 0.4884 0.4785 0.6295 -0.0498 0.1178  0.0472  48  ASN A CG  
82  O  OD1 . ASN A 47  ? 0.6932 0.6556 0.7813 0.0361  0.0726  -0.1672 48  ASN A OD1 
83  N  ND2 . ASN A 47  ? 0.5142 0.5073 0.8420 0.1019  0.1081  0.2904  48  ASN A ND2 
84  N  N   . TYR A 48  ? 0.2687 0.2778 0.3553 0.0670  -0.0560 -0.0768 49  TYR A N   
85  C  CA  . TYR A 48  ? 0.2742 0.2688 0.2282 0.0825  -0.0440 -0.0548 49  TYR A CA  
86  C  C   . TYR A 48  ? 0.2099 0.3141 0.2429 0.0802  -0.0604 -0.0325 49  TYR A C   
87  O  O   . TYR A 48  ? 0.2738 0.3622 0.3151 0.1319  0.0084  -0.0024 49  TYR A O   
88  C  CB  . TYR A 48  ? 0.2467 0.2948 0.2507 0.0564  -0.0402 -0.0093 49  TYR A CB  
89  C  CG  . TYR A 48  ? 0.2223 0.2439 0.2890 0.0459  -0.0297 0.0014  49  TYR A CG  
90  C  CD1 . TYR A 48  ? 0.3089 0.2568 0.2042 0.0953  -0.0695 -0.0704 49  TYR A CD1 
91  C  CD2 . TYR A 48  ? 0.2691 0.3481 0.1981 0.0918  -0.0261 -0.0555 49  TYR A CD2 
92  C  CE1 . TYR A 48  ? 0.3268 0.2190 0.2575 0.1241  -0.0497 -0.0457 49  TYR A CE1 
93  C  CE2 . TYR A 48  ? 0.2607 0.3547 0.2344 0.1003  0.0091  -0.0506 49  TYR A CE2 
94  C  CZ  . TYR A 48  ? 0.3296 0.2856 0.2634 0.0785  -0.0373 -0.0679 49  TYR A CZ  
95  O  OH  . TYR A 48  ? 0.3049 0.3589 0.2619 0.0792  -0.0607 -0.0443 49  TYR A OH  
96  N  N   . GLN A 49  ? 0.2288 0.2909 0.2095 0.0865  -0.0387 -0.0422 50  GLN A N   
97  C  CA  . GLN A 49  ? 0.2358 0.2879 0.2186 0.0770  -0.0135 -0.0483 50  GLN A CA  
98  C  C   . GLN A 49  ? 0.2249 0.3592 0.1514 0.0455  -0.0090 -0.0305 50  GLN A C   
99  O  O   . GLN A 49  ? 0.2449 0.3511 0.1454 0.0774  -0.0411 -0.0232 50  GLN A O   
100 C  CB  . GLN A 49  ? 0.2185 0.3254 0.1799 0.0657  -0.0036 -0.0001 50  GLN A CB  
101 C  CG  . GLN A 49  ? 0.2068 0.2709 0.2414 0.0411  -0.0014 -0.0218 50  GLN A CG  
102 C  CD  . GLN A 49  ? 0.2222 0.3599 0.1909 0.0539  -0.0133 0.0266  50  GLN A CD  
103 O  OE1 . GLN A 49  ? 0.2087 0.3119 0.3249 0.0715  -0.0342 -0.0831 50  GLN A OE1 
104 N  NE2 . GLN A 49  ? 0.2875 0.3325 0.2567 0.0845  -0.0102 0.0150  50  GLN A NE2 
105 N  N   . VAL A 50  ? 0.3087 0.2806 0.1970 0.0470  0.0375  -0.0108 51  VAL A N   
106 C  CA  . VAL A 50  ? 0.2664 0.3178 0.1825 0.0494  0.0089  -0.0122 51  VAL A CA  
107 C  C   . VAL A 50  ? 0.2793 0.2655 0.1834 0.0414  0.0219  -0.0311 51  VAL A C   
108 O  O   . VAL A 50  ? 0.3479 0.3043 0.1579 0.0582  0.0173  -0.0472 51  VAL A O   
109 C  CB  . VAL A 50  ? 0.2694 0.4507 0.1870 0.0879  0.0303  0.0216  51  VAL A CB  
110 C  CG1 . VAL A 50  ? 0.3086 0.7076 0.3277 -0.1546 0.0197  0.1040  51  VAL A CG1 
111 C  CG2 . VAL A 50  ? 0.3723 0.4166 0.2856 0.1765  0.0588  0.0559  51  VAL A CG2 
112 N  N   . THR A 51  ? 0.2926 0.3145 0.2464 0.0817  0.0354  -0.0070 52  THR A N   
113 C  CA  . THR A 51  ? 0.2206 0.3172 0.2583 0.1082  0.0240  -0.0107 52  THR A CA  
114 C  C   . THR A 51  ? 0.2671 0.3170 0.2439 0.1214  -0.0022 -0.0034 52  THR A C   
115 O  O   . THR A 51  ? 0.2720 0.3673 0.2553 0.0898  -0.0286 -0.0011 52  THR A O   
116 C  CB  . THR A 51  ? 0.2297 0.4316 0.2698 0.0916  0.0204  -0.0441 52  THR A CB  
117 O  OG1 . THR A 51  ? 0.2195 0.4892 0.1905 0.0646  -0.0088 -0.0021 52  THR A OG1 
118 C  CG2 . THR A 51  ? 0.3792 0.4750 0.2204 -0.0235 0.0573  -0.0609 52  THR A CG2 
119 N  N   . LYS A 52  ? 0.3172 0.3107 0.2187 0.1154  0.0333  -0.0144 53  LYS A N   
120 C  CA  . LYS A 52  ? 0.2649 0.3232 0.2894 0.0477  0.0785  -0.0076 53  LYS A CA  
121 C  C   . LYS A 52  ? 0.2861 0.2994 0.2749 -0.0398 0.0664  -0.0553 53  LYS A C   
122 O  O   . LYS A 52  ? 0.2849 0.3291 0.3324 -0.0152 0.0092  -0.0570 53  LYS A O   
123 C  CB  . LYS A 52  ? 0.6156 0.3625 0.3674 0.0169  0.1432  0.1146  53  LYS A CB  
124 N  N   . ASN A 53  ? 0.2547 0.3257 0.2320 0.0022  0.0512  -0.0808 54  ASN A N   
125 C  CA  . ASN A 53  ? 0.2671 0.2710 0.2312 0.0449  0.0339  -0.0750 54  ASN A CA  
126 C  C   . ASN A 53  ? 0.2471 0.3074 0.1964 0.0630  0.0211  -0.0524 54  ASN A C   
127 O  O   . ASN A 53  ? 0.2926 0.4011 0.2180 0.1024  0.0539  -0.0459 54  ASN A O   
128 C  CB  . ASN A 53  ? 0.2936 0.2732 0.2229 0.0560  0.0153  -0.0599 54  ASN A CB  
129 C  CG  . ASN A 53  ? 0.3099 0.2389 0.2768 0.0319  0.0068  -0.0831 54  ASN A CG  
130 O  OD1 . ASN A 53  ? 0.4835 0.3025 0.4453 -0.0292 -0.1120 -0.1092 54  ASN A OD1 
131 N  ND2 . ASN A 53  ? 0.4175 0.2535 0.2851 -0.0172 -0.0081 -0.0242 54  ASN A ND2 
132 N  N   . VAL A 54  ? 0.2221 0.3058 0.1938 0.0842  0.0007  -0.0176 55  VAL A N   
133 C  CA  . VAL A 54  ? 0.2478 0.3274 0.2011 0.0730  -0.0283 0.0036  55  VAL A CA  
134 C  C   . VAL A 54  ? 0.2326 0.2912 0.1843 0.0597  -0.0042 -0.0074 55  VAL A C   
135 O  O   . VAL A 54  ? 0.2655 0.3903 0.1696 0.0896  -0.0063 -0.0017 55  VAL A O   
136 C  CB  . VAL A 54  ? 0.2286 0.3060 0.2837 0.0835  -0.0132 -0.0305 55  VAL A CB  
137 C  CG1 . VAL A 54  ? 0.2041 0.3457 0.3554 0.0675  0.0490  0.0038  55  VAL A CG1 
138 C  CG2 . VAL A 54  ? 0.2094 0.3303 0.3625 0.0777  -0.0020 -0.0601 55  VAL A CG2 
139 N  N   . ASN A 55  ? 0.2159 0.3173 0.1758 0.0856  0.0021  -0.0164 56  ASN A N   
140 C  CA  . ASN A 55  ? 0.1983 0.2987 0.1433 0.0443  -0.0016 -0.0086 56  ASN A CA  
141 C  C   . ASN A 55  ? 0.1816 0.2756 0.1507 0.0523  0.0264  -0.0289 56  ASN A C   
142 O  O   . ASN A 55  ? 0.1844 0.2956 0.1439 0.0347  0.0006  -0.0193 56  ASN A O   
143 C  CB  . ASN A 55  ? 0.1874 0.2873 0.2414 0.0401  0.0116  -0.0125 56  ASN A CB  
144 C  CG  . ASN A 55  ? 0.1984 0.3471 0.1789 0.0661  0.0101  -0.0065 56  ASN A CG  
145 O  OD1 . ASN A 55  ? 0.1915 0.3513 0.2188 0.0986  0.0284  0.0152  56  ASN A OD1 
146 N  ND2 . ASN A 55  ? 0.1930 0.3746 0.1879 0.0674  0.0105  0.0028  56  ASN A ND2 
147 N  N   . GLN A 56  ? 0.2098 0.2420 0.1700 0.0827  0.0151  -0.0342 57  GLN A N   
148 C  CA  . GLN A 56  ? 0.1819 0.2670 0.1894 0.0551  -0.0256 -0.0078 57  GLN A CA  
149 C  C   . GLN A 56  ? 0.1725 0.3145 0.1335 0.0678  -0.0069 -0.0172 57  GLN A C   
150 O  O   . GLN A 56  ? 0.1873 0.3000 0.1722 0.0465  0.0059  0.0089  57  GLN A O   
151 C  CB  . GLN A 56  ? 0.1888 0.2690 0.1982 0.0716  -0.0386 -0.0259 57  GLN A CB  
152 C  CG  . GLN A 56  ? 0.1754 0.2694 0.2126 0.0750  -0.0302 -0.0267 57  GLN A CG  
153 C  CD  . GLN A 56  ? 0.1729 0.5055 0.2833 0.0050  -0.0085 -0.1619 57  GLN A CD  
154 O  OE1 . GLN A 56  ? 0.1983 0.3574 0.2598 0.0261  -0.0096 -0.0855 57  GLN A OE1 
155 N  NE2 . GLN A 56  ? 0.2394 0.7693 0.4130 -0.1162 0.0778  -0.3157 57  GLN A NE2 
156 N  N   . CYS A 57  ? 0.1667 0.2458 0.1478 0.0405  -0.0027 -0.0520 58  CYS A N   
157 C  CA  . CYS A 57  ? 0.1655 0.2850 0.1435 0.0575  0.0004  -0.0694 58  CYS A CA  
158 C  C   . CYS A 57  ? 0.1526 0.2591 0.1325 0.0479  0.0138  -0.0464 58  CYS A C   
159 O  O   . CYS A 57  ? 0.1754 0.2698 0.1384 0.0457  0.0106  -0.0371 58  CYS A O   
160 C  CB  . CYS A 57  ? 0.1779 0.2776 0.1482 0.0696  0.0135  -0.0546 58  CYS A CB  
161 S  SG  . CYS A 57  ? 0.2047 0.3028 0.1330 0.0747  0.0129  -0.0376 58  CYS A SG  
162 N  N   . LEU A 58  ? 0.1876 0.2617 0.1454 0.0758  -0.0220 -0.0582 59  LEU A N   
163 C  CA  . LEU A 58  ? 0.1884 0.2628 0.1500 0.0333  -0.0035 -0.0583 59  LEU A CA  
164 C  C   . LEU A 58  ? 0.1799 0.2212 0.1494 0.0537  -0.0131 -0.0417 59  LEU A C   
165 O  O   . LEU A 58  ? 0.2111 0.2733 0.1699 0.0215  0.0252  -0.0869 59  LEU A O   
166 C  CB  . LEU A 58  ? 0.2421 0.2772 0.1650 -0.0034 0.0172  -0.0567 59  LEU A CB  
167 C  CG  . LEU A 58  ? 0.2569 0.2904 0.1376 0.0935  0.0479  0.0248  59  LEU A CG  
168 C  CD1 . LEU A 58  ? 0.3873 0.3144 0.1452 0.0226  0.0243  0.0496  59  LEU A CD1 
169 C  CD2 . LEU A 58  ? 0.2294 0.3872 0.2239 0.0917  0.0362  0.0285  59  LEU A CD2 
170 N  N   . ASN A 59  ? 0.1855 0.2546 0.1350 0.0391  -0.0156 -0.0343 60  ASN A N   
171 C  CA  . ASN A 59  ? 0.1927 0.2352 0.1600 0.0579  0.0100  -0.0350 60  ASN A CA  
172 C  C   . ASN A 59  ? 0.2093 0.2171 0.1597 0.0690  0.0333  -0.0337 60  ASN A C   
173 O  O   . ASN A 59  ? 0.1738 0.3253 0.1562 0.0617  0.0250  -0.0361 60  ASN A O   
174 C  CB  . ASN A 59  ? 0.1956 0.3295 0.2079 0.0170  0.0169  -0.0360 60  ASN A CB  
175 C  CG  . ASN A 59  ? 0.2074 0.3859 0.2212 0.0294  -0.0231 -0.0695 60  ASN A CG  
176 O  OD1 . ASN A 59  ? 0.4935 0.3655 0.3667 0.1778  -0.0721 -0.0498 60  ASN A OD1 
177 N  ND2 . ASN A 59  ? 0.2777 0.7097 0.2368 -0.1566 -0.0046 -0.1085 60  ASN A ND2 
178 N  N   . CYS A 60  ? 0.1680 0.2408 0.1303 0.0462  0.0095  -0.0362 61  CYS A N   
179 C  CA  . CYS A 60  ? 0.1765 0.2379 0.1088 0.0493  0.0251  -0.0409 61  CYS A CA  
180 C  C   . CYS A 60  ? 0.1669 0.2237 0.1312 0.0508  0.0125  0.0036  61  CYS A C   
181 O  O   . CYS A 60  ? 0.1956 0.2548 0.1287 0.0349  0.0065  -0.0211 61  CYS A O   
182 C  CB  . CYS A 60  ? 0.1875 0.2209 0.1885 0.0223  0.0642  -0.0064 61  CYS A CB  
183 S  SG  . CYS A 60  ? 0.1860 0.2467 0.1942 0.0333  0.0371  -0.0405 61  CYS A SG  
184 N  N   . HIS A 61  ? 0.1724 0.2237 0.1238 0.0566  0.0104  -0.0200 62  HIS A N   
185 C  CA  . HIS A 61  ? 0.1825 0.1973 0.1399 0.0341  0.0379  -0.0098 62  HIS A CA  
186 C  C   . HIS A 61  ? 0.1874 0.2063 0.1331 0.0506  0.0169  -0.0210 62  HIS A C   
187 O  O   . HIS A 61  ? 0.1902 0.2125 0.2097 0.0465  0.0056  -0.0543 62  HIS A O   
188 C  CB  . HIS A 61  ? 0.1994 0.2123 0.1397 0.0435  0.0344  -0.0187 62  HIS A CB  
189 C  CG  . HIS A 61  ? 0.1632 0.2089 0.1120 0.0361  0.0149  -0.0120 62  HIS A CG  
190 N  ND1 . HIS A 61  ? 0.1700 0.2065 0.1333 0.0404  0.0103  -0.0297 62  HIS A ND1 
191 C  CD2 . HIS A 61  ? 0.1577 0.2215 0.1426 0.0354  0.0123  -0.0222 62  HIS A CD2 
192 C  CE1 . HIS A 61  ? 0.1639 0.2032 0.1035 0.0463  0.0205  -0.0289 62  HIS A CE1 
193 N  NE2 . HIS A 61  ? 0.1593 0.2301 0.1191 0.0535  0.0181  -0.0380 62  HIS A NE2 
194 N  N   . SER A 62  ? 0.1934 0.2103 0.1402 0.0553  0.0056  -0.0292 63  SER A N   
195 C  CA  . SER A 62  ? 0.2414 0.2112 0.1505 0.0629  0.0058  -0.0495 63  SER A CA  
196 C  C   . SER A 62  ? 0.1690 0.2409 0.1417 0.0511  0.0343  -0.0443 63  SER A C   
197 O  O   . SER A 62  ? 0.2172 0.2424 0.1472 0.0444  0.0335  -0.0443 63  SER A O   
198 C  CB  . SER A 62  ? 0.2299 0.2167 0.1951 0.0587  -0.0141 -0.0591 63  SER A CB  
199 O  OG  . SER A 62  ? 0.2417 0.3070 0.2740 0.0750  0.0225  -0.0291 63  SER A OG  
200 N  N   . PRO A 63  ? 0.1975 0.2620 0.1542 0.0302  -0.0108 -0.0195 64  PRO A N   
201 C  CA  . PRO A 63  ? 0.2351 0.3258 0.1614 0.0241  -0.0093 -0.0480 64  PRO A CA  
202 C  C   . PRO A 63  ? 0.2637 0.2541 0.1731 0.0491  0.0186  -0.0427 64  PRO A C   
203 O  O   . PRO A 63  ? 0.2678 0.3362 0.1785 0.0520  0.0034  -0.0124 64  PRO A O   
204 C  CB  . PRO A 63  ? 0.2375 0.3639 0.2117 -0.0109 -0.0092 -0.0839 64  PRO A CB  
205 C  CG  . PRO A 63  ? 0.2705 0.3053 0.2197 -0.0219 0.0052  -0.0820 64  PRO A CG  
206 C  CD  . PRO A 63  ? 0.2300 0.2777 0.1894 -0.0020 -0.0097 -0.0232 64  PRO A CD  
207 N  N   . GLU A 64  ? 0.2593 0.2451 0.1440 0.0390  0.0092  -0.0612 65  GLU A N   
208 C  CA  . GLU A 64  ? 0.2708 0.2370 0.1804 0.0716  0.0329  -0.0514 65  GLU A CA  
209 C  C   . GLU A 64  ? 0.2345 0.2280 0.1693 0.0909  0.0305  -0.0387 65  GLU A C   
210 O  O   . GLU A 64  ? 0.2017 0.2921 0.1832 0.0629  0.0216  -0.0626 65  GLU A O   
211 C  CB  . GLU A 64  ? 0.3176 0.2400 0.2309 0.0834  0.0239  -0.0145 65  GLU A CB  
212 C  CG  . GLU A 64  ? 0.2817 0.4414 0.1979 0.1083  0.0607  0.0308  65  GLU A CG  
213 C  CD  . GLU A 64  ? 0.2509 0.4430 0.2612 0.0616  0.0161  0.0672  65  GLU A CD  
214 O  OE1 . GLU A 64  ? 0.2992 0.3441 0.2234 0.0424  -0.0153 0.0115  65  GLU A OE1 
215 O  OE2 . GLU A 64  ? 0.2462 0.2976 0.2768 0.0457  0.0206  -0.0773 65  GLU A OE2 
216 N  N   . ASN A 65  ? 0.2671 0.2408 0.1602 0.0508  0.0253  -0.0423 66  ASN A N   
217 C  CA  . ASN A 65  ? 0.2106 0.2477 0.1628 0.0548  0.0386  -0.0499 66  ASN A CA  
218 C  C   . ASN A 65  ? 0.2067 0.2452 0.1603 0.0467  0.0382  -0.0299 66  ASN A C   
219 O  O   . ASN A 65  ? 0.2400 0.2401 0.2320 0.0236  -0.0164 -0.0546 66  ASN A O   
220 C  CB  . ASN A 65  ? 0.1764 0.2914 0.1898 0.0446  0.0217  -0.0293 66  ASN A CB  
221 C  CG  . ASN A 65  ? 0.1994 0.3281 0.2777 0.0822  0.0047  -0.0688 66  ASN A CG  
222 O  OD1 . ASN A 65  ? 0.1914 0.3895 0.6010 0.0844  0.0481  -0.0139 66  ASN A OD1 
223 N  ND2 . ASN A 65  ? 0.2698 0.2916 0.7332 0.0626  -0.0078 0.1069  66  ASN A ND2 
224 N  N   . SER A 66  ? 0.2103 0.2583 0.1306 0.0469  0.0169  -0.0467 67  SER A N   
225 C  CA  . SER A 66  ? 0.2048 0.2401 0.1527 0.0415  0.0274  -0.0393 67  SER A CA  
226 C  C   . SER A 66  ? 0.2308 0.2698 0.1592 0.0425  0.0140  -0.0249 67  SER A C   
227 O  O   . SER A 66  ? 0.2684 0.2685 0.1954 0.0073  0.0318  -0.0139 67  SER A O   
228 C  CB  A SER A 66  ? 0.1994 0.3017 0.1568 0.0401  0.0177  -0.0522 67  SER A CB  
229 C  CB  B SER A 66  ? 0.2024 0.2986 0.1659 0.0427  0.0133  -0.0361 67  SER A CB  
230 O  OG  A SER A 66  ? 0.2267 0.2501 0.1450 0.0144  0.0200  -0.0156 67  SER A OG  
231 O  OG  B SER A 66  ? 0.2949 0.4295 0.1604 0.1451  -0.0925 -0.0552 67  SER A OG  
232 N  N   . ARG A 67  ? 0.2713 0.3191 0.1374 0.0420  -0.0110 -0.0385 68  ARG A N   
233 C  CA  . ARG A 67  ? 0.3656 0.3079 0.1615 0.0954  0.0235  -0.0175 68  ARG A CA  
234 C  C   . ARG A 67  ? 0.4174 0.3495 0.2160 0.0434  0.0436  0.0325  68  ARG A C   
235 O  O   . ARG A 67  ? 0.4567 0.3202 0.2453 0.0617  0.0451  0.0010  68  ARG A O   
236 C  CB  . ARG A 67  ? 0.4916 0.3666 0.1359 0.0883  0.0404  -0.0223 68  ARG A CB  
237 N  N   . LEU A 68  ? 0.3602 0.2787 0.1571 0.0130  0.0870  -0.0162 69  LEU A N   
238 C  CA  . LEU A 68  ? 0.3779 0.3895 0.2276 -0.0194 0.1054  -0.0815 69  LEU A CA  
239 C  C   . LEU A 68  ? 0.3470 0.3397 0.1781 -0.0017 0.0656  -0.0372 69  LEU A C   
240 O  O   . LEU A 68  ? 0.3564 0.3718 0.2506 -0.0281 0.1306  -0.0420 69  LEU A O   
241 C  CB  . LEU A 68  ? 0.3519 0.4777 0.3592 0.0678  0.1005  -0.1935 69  LEU A CB  
242 C  CG  . LEU A 68  ? 0.3886 0.5537 0.4252 0.0133  0.0608  -0.1245 69  LEU A CG  
243 C  CD1 . LEU A 68  ? 0.5147 0.9056 0.4608 -0.1463 0.1415  -0.1329 69  LEU A CD1 
244 C  CD2 . LEU A 68  ? 0.4000 0.5792 0.8160 0.0537  -0.0418 -0.1225 69  LEU A CD2 
245 N  N   . SER A 69  ? 0.2448 0.2817 0.1990 0.0177  0.0506  -0.0387 70  SER A N   
246 C  CA  . SER A 69  ? 0.2118 0.2912 0.1772 0.0211  0.0435  -0.0406 70  SER A CA  
247 C  C   . SER A 69  ? 0.2314 0.2645 0.1634 0.0043  0.0534  -0.0220 70  SER A C   
248 O  O   . SER A 69  ? 0.2471 0.2785 0.2595 0.0151  0.0250  -0.0623 70  SER A O   
249 C  CB  . SER A 69  ? 0.2227 0.2976 0.1952 0.0045  0.0244  -0.0194 70  SER A CB  
250 O  OG  . SER A 69  ? 0.2640 0.2598 0.1852 -0.0238 0.0514  -0.0782 70  SER A OG  
251 N  N   . GLY A 70  ? 0.2473 0.2434 0.2161 0.0359  0.0187  -0.0358 71  GLY A N   
252 C  CA  . GLY A 70  ? 0.3019 0.2323 0.1750 0.0591  0.0250  0.0290  71  GLY A CA  
253 C  C   . GLY A 70  ? 0.2416 0.2272 0.1937 0.0400  0.0105  -0.0012 71  GLY A C   
254 O  O   . GLY A 70  ? 0.2697 0.3252 0.2384 0.0890  -0.0070 -0.0384 71  GLY A O   
255 N  N   . ALA A 71  ? 0.2536 0.2224 0.2104 0.0090  0.0509  0.0117  72  ALA A N   
256 C  CA  . ALA A 71  ? 0.2282 0.1953 0.2405 0.0183  0.0675  -0.0023 72  ALA A CA  
257 C  C   . ALA A 71  ? 0.2219 0.1930 0.2113 0.0314  0.0434  -0.0113 72  ALA A C   
258 O  O   . ALA A 71  ? 0.2588 0.2459 0.4163 0.0229  0.0797  -0.1064 72  ALA A O   
259 C  CB  . ALA A 71  ? 0.2382 0.2685 0.1762 0.0050  0.0567  -0.0316 72  ALA A CB  
260 N  N   . THR A 72  ? 0.2022 0.2177 0.1880 0.0567  0.0008  0.0084  73  THR A N   
261 C  CA  . THR A 72  ? 0.2182 0.2469 0.1610 0.0377  0.0125  0.0050  73  THR A CA  
262 C  C   . THR A 72  ? 0.1867 0.2261 0.1516 0.0377  -0.0237 -0.0255 73  THR A C   
263 O  O   . THR A 72  ? 0.1574 0.2749 0.1391 0.0593  -0.0100 -0.0153 73  THR A O   
264 C  CB  . THR A 72  ? 0.1878 0.2327 0.3045 0.0380  -0.0332 -0.0235 73  THR A CB  
265 O  OG1 . THR A 72  ? 0.2282 0.2717 0.6744 0.0652  0.0554  0.1308  73  THR A OG1 
266 C  CG2 . THR A 72  ? 0.2129 0.3474 0.3704 -0.0380 -0.0081 0.0339  73  THR A CG2 
267 N  N   . ARG A 73  ? 0.2458 0.2612 0.1501 0.0031  0.0072  -0.0352 74  ARG A N   
268 C  CA  . ARG A 73  ? 0.2483 0.2348 0.2272 -0.0165 0.0725  -0.0498 74  ARG A CA  
269 C  C   . ARG A 73  ? 0.1693 0.2465 0.1628 -0.0005 0.0151  -0.0546 74  ARG A C   
270 O  O   . ARG A 73  ? 0.2022 0.2742 0.1841 0.0400  0.0031  -0.0247 74  ARG A O   
271 C  CB  . ARG A 73  ? 0.3799 0.2964 0.2233 -0.0152 0.1276  -0.0927 74  ARG A CB  
272 C  CG  . ARG A 73  ? 0.4070 0.2825 0.3288 -0.1005 0.1134  -0.1190 74  ARG A CG  
273 C  CD  . ARG A 73  ? 0.5490 0.3613 0.3708 -0.1301 0.0835  -0.1797 74  ARG A CD  
274 N  NE  . ARG A 73  ? 0.5463 0.4173 0.2193 -0.1089 -0.0151 -0.0846 74  ARG A NE  
275 C  CZ  . ARG A 73  ? 0.4353 0.4404 0.2388 0.0688  -0.0723 -0.1052 74  ARG A CZ  
276 N  NH1 . ARG A 73  ? 0.5539 0.5945 0.3320 -0.0201 -0.0743 -0.2400 74  ARG A NH1 
277 N  NH2 . ARG A 73  ? 0.3547 0.6141 0.3696 0.1407  0.0212  -0.1915 74  ARG A NH2 
278 N  N   . ILE A 74  ? 0.1784 0.2318 0.2040 0.0264  0.0130  -0.0413 75  ILE A N   
279 C  CA  . ILE A 74  ? 0.2113 0.2157 0.1907 0.0396  0.0270  -0.0338 75  ILE A CA  
280 C  C   . ILE A 74  ? 0.2315 0.2292 0.2260 0.0009  0.0191  -0.0235 75  ILE A C   
281 O  O   . ILE A 74  ? 0.2775 0.2391 0.1887 0.0116  0.0044  -0.0302 75  ILE A O   
282 C  CB  . ILE A 74  ? 0.2946 0.2392 0.1989 0.0788  0.0088  -0.0303 75  ILE A CB  
283 C  CG1 . ILE A 74  ? 0.2774 0.3354 0.2275 0.1204  -0.0306 -0.0530 75  ILE A CG1 
284 C  CG2 . ILE A 74  ? 0.3179 0.3365 0.1981 0.0334  0.0148  -0.0627 75  ILE A CG2 
285 C  CD1 . ILE A 74  ? 0.3348 0.3054 0.2625 0.1309  -0.0594 -0.0507 75  ILE A CD1 
286 N  N   . SER A 75  ? 0.2349 0.2708 0.2011 -0.0112 0.0176  -0.0072 76  SER A N   
287 C  CA  . SER A 75  ? 0.2476 0.2514 0.3342 -0.0213 -0.0355 0.0213  76  SER A CA  
288 C  C   . SER A 75  ? 0.2340 0.2384 0.2263 0.0081  -0.0082 -0.0094 76  SER A C   
289 O  O   . SER A 75  ? 0.2085 0.3007 0.2463 0.0197  -0.0249 -0.0005 76  SER A O   
290 C  CB  A SER A 75  ? 0.2719 0.2608 0.4845 0.0118  -0.0810 0.0568  76  SER A CB  
291 C  CB  B SER A 75  ? 0.2566 0.2412 0.4201 -0.0157 -0.0475 0.0643  76  SER A CB  
292 O  OG  A SER A 75  ? 0.1938 0.5879 0.6240 -0.0046 0.1238  0.0802  76  SER A OG  
293 O  OG  B SER A 75  ? 0.2290 0.2357 0.5206 -0.0559 -0.0595 0.0586  76  SER A OG  
294 N  N   . PRO A 76  ? 0.2346 0.2733 0.1994 -0.0250 0.0315  -0.0284 77  PRO A N   
295 C  CA  . PRO A 76  ? 0.2392 0.2805 0.2105 -0.0364 0.0076  -0.0177 77  PRO A CA  
296 C  C   . PRO A 76  ? 0.2157 0.2396 0.1879 -0.0424 -0.0113 -0.0357 77  PRO A C   
297 O  O   . PRO A 76  ? 0.2101 0.2799 0.2256 0.0157  0.0287  -0.0073 77  PRO A O   
298 C  CB  . PRO A 76  ? 0.3136 0.2407 0.1841 -0.0190 0.0124  -0.0379 77  PRO A CB  
299 C  CG  . PRO A 76  ? 0.4115 0.3349 0.2057 -0.1194 0.0028  -0.0190 77  PRO A CG  
300 C  CD  . PRO A 76  ? 0.3071 0.2928 0.2587 -0.0646 -0.0630 0.0190  77  PRO A CD  
301 N  N   . THR A 77  ? 0.2338 0.2393 0.2348 -0.0322 -0.0391 -0.0599 78  THR A N   
302 C  CA  . THR A 77  ? 0.1994 0.3117 0.2507 0.0568  -0.0382 -0.0695 78  THR A CA  
303 C  C   . THR A 77  ? 0.1824 0.2540 0.2312 0.0151  -0.0228 -0.0568 78  THR A C   
304 O  O   . THR A 77  ? 0.2101 0.3604 0.2304 0.0047  -0.0015 -0.0502 78  THR A O   
305 C  CB  . THR A 77  ? 0.2254 0.3495 0.4021 0.1036  -0.0294 -0.0735 78  THR A CB  
306 O  OG1 . THR A 77  ? 0.2926 0.3042 0.4189 0.0921  -0.0997 -0.0330 78  THR A OG1 
307 C  CG2 . THR A 77  ? 0.3372 0.2287 0.4834 0.0945  -0.1562 -0.1572 78  THR A CG2 
308 N  N   . HIS A 78  ? 0.1848 0.2309 0.2447 0.0183  -0.0084 -0.0722 79  HIS A N   
309 C  CA  . HIS A 78  ? 0.1643 0.2623 0.2609 0.0232  -0.0027 -0.0766 79  HIS A CA  
310 C  C   . HIS A 78  ? 0.1669 0.2716 0.2815 0.0344  0.0083  -0.0632 79  HIS A C   
311 O  O   . HIS A 78  ? 0.2263 0.2597 0.2861 0.0053  -0.0173 -0.0363 79  HIS A O   
312 C  CB  . HIS A 78  ? 0.1505 0.2790 0.2420 0.0372  -0.0021 -0.0393 79  HIS A CB  
313 C  CG  . HIS A 78  ? 0.1580 0.2592 0.1893 0.0226  -0.0082 -0.0085 79  HIS A CG  
314 N  ND1 . HIS A 78  ? 0.1920 0.3034 0.1721 0.0676  -0.0353 -0.0615 79  HIS A ND1 
315 C  CD2 . HIS A 78  ? 0.1782 0.3271 0.1953 0.1010  -0.0410 -0.0671 79  HIS A CD2 
316 C  CE1 . HIS A 78  ? 0.1522 0.3042 0.1638 0.0672  -0.0334 -0.0587 79  HIS A CE1 
317 N  NE2 . HIS A 78  ? 0.1256 0.2911 0.1634 0.0494  -0.0246 -0.0313 79  HIS A NE2 
318 N  N   . PHE A 79  ? 0.2076 0.2569 0.2706 0.0651  -0.0020 -0.0631 80  PHE A N   
319 C  CA  . PHE A 79  ? 0.2522 0.2483 0.2542 0.0491  0.0560  -0.0421 80  PHE A CA  
320 C  C   . PHE A 79  ? 0.2492 0.2742 0.2771 0.0542  0.0186  0.0360  80  PHE A C   
321 O  O   . PHE A 79  ? 0.2684 0.2600 0.3642 0.0582  0.0289  0.0302  80  PHE A O   
322 C  CB  . PHE A 79  ? 0.2778 0.2900 0.2508 0.0865  0.0644  -0.0234 80  PHE A CB  
323 C  CG  . PHE A 79  ? 0.2781 0.3469 0.2469 0.0705  0.0577  0.0121  80  PHE A CG  
324 C  CD1 . PHE A 79  ? 0.2929 0.3373 0.2685 0.0531  0.0461  0.0057  80  PHE A CD1 
325 C  CD2 . PHE A 79  ? 0.2762 0.4204 0.3020 0.0791  0.0617  0.0665  80  PHE A CD2 
326 C  CE1 . PHE A 79  ? 0.3145 0.3331 0.2957 0.0017  0.0033  -0.0223 80  PHE A CE1 
327 C  CE2 . PHE A 79  ? 0.2727 0.4747 0.2799 0.0456  0.0076  0.0588  80  PHE A CE2 
328 C  CZ  . PHE A 79  ? 0.2983 0.4348 0.3053 0.0279  0.0616  0.0294  80  PHE A CZ  
329 N  N   . MET A 80  ? 0.2440 0.2877 0.2520 0.0548  0.0212  -0.0026 81  MET A N   
330 C  CA  . MET A 80  ? 0.2651 0.2924 0.2211 0.0349  0.0160  -0.0104 81  MET A CA  
331 C  C   . MET A 80  ? 0.2965 0.3504 0.2254 0.0011  0.0154  -0.0006 81  MET A C   
332 O  O   . MET A 80  ? 0.3306 0.3554 0.2149 0.0355  0.0309  -0.0052 81  MET A O   
333 C  CB  . MET A 80  ? 0.2527 0.3346 0.2371 0.0272  0.0187  -0.0158 81  MET A CB  
334 C  CG  . MET A 80  ? 0.2072 0.3765 0.2844 0.0337  0.0363  -0.0405 81  MET A CG  
335 S  SD  . MET A 80  ? 0.2525 0.3357 0.3138 0.0169  0.0010  -0.0138 81  MET A SD  
336 C  CE  . MET A 80  ? 0.2872 0.3878 0.3468 0.0903  0.0174  -0.0282 81  MET A CE  
337 N  N   . ASP A 81  ? 0.3777 0.3221 0.2659 0.0213  0.0453  0.0162  82  ASP A N   
338 C  CA  . ASP A 81  ? 0.3971 0.3237 0.2736 0.0523  0.0405  0.0438  82  ASP A CA  
339 C  C   . ASP A 81  ? 0.3957 0.3004 0.2214 0.0464  0.0400  0.0319  82  ASP A C   
340 O  O   . ASP A 81  ? 0.3891 0.2575 0.2258 0.0161  0.0294  0.0282  82  ASP A O   
341 C  CB  . ASP A 81  ? 0.3571 0.3262 0.3972 0.0582  0.0442  0.0706  82  ASP A CB  
342 C  CG  . ASP A 81  ? 0.4091 0.3062 0.3663 0.0974  0.0532  -0.0090 82  ASP A CG  
343 O  OD1 . ASP A 81  ? 0.4357 0.3244 0.3160 0.0699  0.0199  0.0045  82  ASP A OD1 
344 O  OD2 . ASP A 81  ? 0.4285 0.2836 0.5893 0.0471  0.0763  0.0641  82  ASP A OD2 
345 N  N   . ARG A 82  ? 0.4384 0.3167 0.2651 0.0465  0.0619  0.0744  83  ARG A N   
346 C  CA  . ARG A 82  ? 0.4619 0.3586 0.1968 0.0357  0.0733  -0.0219 83  ARG A CA  
347 C  C   . ARG A 82  ? 0.4253 0.3427 0.2117 0.0243  0.0828  -0.0074 83  ARG A C   
348 O  O   . ARG A 82  ? 0.4664 0.3416 0.2243 0.0490  0.0910  0.0405  83  ARG A O   
349 C  CB  . ARG A 82  ? 0.4712 0.4792 0.2559 0.1106  0.0893  0.0785  83  ARG A CB  
350 N  N   . ASP A 83  ? 0.4514 0.2968 0.1985 -0.0018 0.0756  0.0200  84  ASP A N   
351 C  CA  . ASP A 83  ? 0.3831 0.2639 0.2395 -0.0333 0.1062  0.0080  84  ASP A CA  
352 C  C   . ASP A 83  ? 0.3147 0.2506 0.2323 -0.0236 0.0532  0.0293  84  ASP A C   
353 O  O   . ASP A 83  ? 0.4260 0.3135 0.2345 -0.0851 0.0587  -0.0383 84  ASP A O   
354 C  CB  . ASP A 83  ? 0.5130 0.2569 0.3498 -0.0603 0.0377  0.0682  84  ASP A CB  
355 C  CG  . ASP A 83  ? 0.5873 0.2520 0.3449 0.0110  0.0812  0.0631  84  ASP A CG  
356 O  OD1 . ASP A 83  ? 0.7987 0.3550 0.4359 0.1231  0.2061  0.0525  84  ASP A OD1 
357 O  OD2 . ASP A 83  ? 0.4874 0.4121 0.4395 -0.0116 0.0305  0.1720  84  ASP A OD2 
358 N  N   . GLY A 84  ? 0.3051 0.2214 0.2406 -0.0043 0.0758  0.0149  85  GLY A N   
359 C  CA  . GLY A 84  ? 0.2834 0.1765 0.2107 -0.0288 0.0436  -0.0289 85  GLY A CA  
360 C  C   . GLY A 84  ? 0.2382 0.1753 0.1852 -0.0229 0.0116  -0.0040 85  GLY A C   
361 O  O   . GLY A 84  ? 0.2775 0.2199 0.2198 0.0128  0.0546  0.0309  85  GLY A O   
362 N  N   . LYS A 85  ? 0.3652 0.2246 0.2267 0.0583  0.0172  0.0151  86  LYS A N   
363 C  CA  . LYS A 85  ? 0.3748 0.2586 0.2515 0.0865  -0.0096 -0.0155 86  LYS A CA  
364 C  C   . LYS A 85  ? 0.3579 0.2602 0.2463 0.1109  -0.0239 -0.0029 86  LYS A C   
365 O  O   . LYS A 85  ? 0.3947 0.2709 0.2489 0.0503  -0.0146 -0.0032 86  LYS A O   
366 C  CB  . LYS A 85  ? 0.3829 0.2622 0.3777 0.1192  0.0454  0.0204  86  LYS A CB  
367 N  N   . VAL A 86  ? 0.3902 0.2603 0.2561 0.0576  -0.0096 -0.0287 87  VAL A N   
368 C  CA  . VAL A 86  ? 0.4102 0.2906 0.4741 0.0338  0.0691  -0.0607 87  VAL A CA  
369 C  C   . VAL A 86  ? 0.4279 0.3222 0.6388 0.0694  0.1287  0.0115  87  VAL A C   
370 O  O   . VAL A 86  ? 0.6024 0.3041 0.8586 0.1025  0.1794  -0.1434 87  VAL A O   
371 C  CB  . VAL A 86  ? 0.4146 0.2863 0.5637 0.0556  0.1418  -0.0296 87  VAL A CB  
372 C  CG1 . VAL A 86  ? 0.4402 0.4395 0.7896 0.0317  0.1987  0.0559  87  VAL A CG1 
373 C  CG2 . VAL A 86  ? 0.5605 0.2964 0.4331 0.0729  0.2246  -0.0268 87  VAL A CG2 
374 C  C   . SER A 91  ? 0.3706 0.4165 0.2905 0.0699  0.0423  0.0235  92  SER A C   
375 O  O   . SER A 91  ? 0.4195 0.3791 0.5385 0.0179  0.0641  -0.0450 92  SER A O   
376 N  N   . PRO A 92  ? 0.3105 0.4235 0.3198 0.0236  0.0243  0.0202  93  PRO A N   
377 C  CA  . PRO A 92  ? 0.3161 0.3699 0.3574 0.0089  0.0615  0.0262  93  PRO A CA  
378 C  C   . PRO A 92  ? 0.2843 0.3881 0.3206 0.0390  0.0092  0.0513  93  PRO A C   
379 O  O   . PRO A 92  ? 0.2857 0.5109 0.3844 0.0733  -0.0221 0.0575  93  PRO A O   
380 C  CB  . PRO A 92  ? 0.3457 0.3908 0.4024 -0.0263 0.0495  0.0239  93  PRO A CB  
381 C  CG  . PRO A 92  ? 0.3375 0.4869 0.4566 -0.0524 -0.1054 -0.0280 93  PRO A CG  
382 C  CD  . PRO A 92  ? 0.2689 0.5352 0.3816 -0.0125 -0.0457 -0.0246 93  PRO A CD  
383 N  N   . ARG A 93  ? 0.2856 0.4044 0.2888 -0.0017 -0.0046 0.0762  94  ARG A N   
384 C  CA  . ARG A 93  ? 0.2845 0.3592 0.2692 -0.0712 -0.0369 0.0575  94  ARG A CA  
385 C  C   . ARG A 93  ? 0.3832 0.3874 0.2556 -0.0810 -0.0632 0.0268  94  ARG A C   
386 O  O   . ARG A 93  ? 0.3900 0.4732 0.2538 -0.0360 -0.0360 0.0318  94  ARG A O   
387 C  CB  . ARG A 93  ? 0.2945 0.5030 0.3536 -0.1176 0.0252  -0.0884 94  ARG A CB  
388 N  N   . ARG A 94  ? 0.2283 0.3763 0.2425 0.0073  -0.0302 0.0008  95  ARG A N   
389 C  CA  . ARG A 94  ? 0.2100 0.3859 0.2544 0.0119  -0.0214 -0.0059 95  ARG A CA  
390 C  C   . ARG A 94  ? 0.2099 0.3784 0.2215 0.0174  -0.0040 -0.0273 95  ARG A C   
391 O  O   . ARG A 94  ? 0.2030 0.3793 0.2387 0.0354  -0.0122 -0.0024 95  ARG A O   
392 C  CB  . ARG A 94  ? 0.2344 0.4002 0.1893 0.0556  -0.0016 -0.0355 95  ARG A CB  
393 C  CG  . ARG A 94  ? 0.2365 0.4344 0.1791 0.0370  -0.0288 0.0015  95  ARG A CG  
394 C  CD  . ARG A 94  ? 0.2107 0.4335 0.2325 0.0376  0.0264  0.0428  95  ARG A CD  
395 N  NE  . ARG A 94  ? 0.2027 0.3517 0.4072 0.0693  0.0415  -0.0022 95  ARG A NE  
396 C  CZ  . ARG A 94  ? 0.2054 0.2944 0.3409 0.0700  0.0223  -0.0810 95  ARG A CZ  
397 N  NH1 . ARG A 94  ? 0.2818 0.2790 0.4037 0.0367  -0.0386 -0.0491 95  ARG A NH1 
398 N  NH2 . ARG A 94  ? 0.2054 0.4440 0.5246 0.0639  0.0154  0.0227  95  ARG A NH2 
399 N  N   . TYR A 95  ? 0.1964 0.4558 0.2034 0.0259  0.0070  -0.0210 96  TYR A N   
400 C  CA  . TYR A 95  ? 0.2014 0.3856 0.1899 0.0317  0.0165  -0.0070 96  TYR A CA  
401 C  C   . TYR A 95  ? 0.1920 0.3655 0.1443 0.0509  0.0122  0.0111  96  TYR A C   
402 O  O   . TYR A 95  ? 0.1907 0.3275 0.1704 0.0710  0.0431  -0.0094 96  TYR A O   
403 C  CB  . TYR A 95  ? 0.2229 0.3696 0.2260 -0.0042 -0.0384 0.0007  96  TYR A CB  
404 C  CG  . TYR A 95  ? 0.2216 0.3524 0.1760 0.0210  -0.0224 -0.0026 96  TYR A CG  
405 C  CD1 . TYR A 95  ? 0.2448 0.3337 0.1583 -0.0080 -0.0324 -0.0203 96  TYR A CD1 
406 C  CD2 . TYR A 95  ? 0.1852 0.3796 0.1862 0.0476  0.0029  -0.0644 96  TYR A CD2 
407 C  CE1 . TYR A 95  ? 0.2419 0.3559 0.2135 0.0215  -0.0119 -0.0540 96  TYR A CE1 
408 C  CE2 . TYR A 95  ? 0.1762 0.3337 0.1938 0.0204  0.0141  -0.0194 96  TYR A CE2 
409 C  CZ  . TYR A 95  ? 0.1917 0.2447 0.2061 0.0364  0.0026  -0.0494 96  TYR A CZ  
410 O  OH  . TYR A 95  ? 0.1957 0.3609 0.2127 0.0379  0.0265  -0.0233 96  TYR A OH  
411 N  N   . PHE A 96  ? 0.2211 0.3447 0.1483 0.0446  0.0263  0.0360  97  PHE A N   
412 C  CA  . PHE A 96  ? 0.3093 0.3321 0.1283 0.0586  0.0207  0.0328  97  PHE A CA  
413 C  C   . PHE A 96  ? 0.3148 0.3523 0.1347 0.1020  0.0791  0.0366  97  PHE A C   
414 O  O   . PHE A 96  ? 0.2350 0.4195 0.1608 0.0519  0.0579  -0.0070 97  PHE A O   
415 C  CB  . PHE A 96  ? 0.2183 0.4063 0.1340 0.0560  0.0013  0.0498  97  PHE A CB  
416 C  CG  . PHE A 96  ? 0.2472 0.3806 0.0972 0.0508  0.0017  0.0268  97  PHE A CG  
417 C  CD1 . PHE A 96  ? 0.2934 0.3593 0.1933 0.0377  -0.0301 -0.0117 97  PHE A CD1 
418 C  CD2 . PHE A 96  ? 0.2310 0.3571 0.1960 0.0906  0.0339  -0.0055 97  PHE A CD2 
419 C  CE1 . PHE A 96  ? 0.3532 0.3726 0.2176 0.0779  0.0395  0.0252  97  PHE A CE1 
420 C  CE2 . PHE A 96  ? 0.2919 0.3821 0.1790 0.1209  0.0380  0.0122  97  PHE A CE2 
421 C  CZ  . PHE A 96  ? 0.3522 0.3562 0.1547 0.1107  -0.0105 -0.0224 97  PHE A CZ  
422 N  N   . CYS A 97  ? 0.2431 0.3324 0.1078 0.1030  0.0398  0.0225  98  CYS A N   
423 C  CA  . CYS A 97  ? 0.2135 0.2927 0.1305 0.0681  0.0260  0.0077  98  CYS A CA  
424 C  C   . CYS A 97  ? 0.2667 0.3146 0.0893 0.0931  0.0165  0.0137  98  CYS A C   
425 O  O   . CYS A 97  ? 0.2300 0.3421 0.1535 0.0800  0.0240  -0.0366 98  CYS A O   
426 C  CB  . CYS A 97  ? 0.2646 0.2692 0.1224 0.0473  0.0402  -0.0129 98  CYS A CB  
427 S  SG  . CYS A 97  ? 0.1813 0.3294 0.1584 0.0548  0.0219  -0.0284 98  CYS A SG  
428 N  N   . LEU A 98  ? 0.2452 0.3941 0.1431 0.0717  0.0185  -0.0447 99  LEU A N   
429 C  CA  . LEU A 98  ? 0.2464 0.4477 0.1865 0.0445  0.0327  -0.0984 99  LEU A CA  
430 C  C   . LEU A 98  ? 0.2255 0.5230 0.1673 0.0541  0.0163  -0.1011 99  LEU A C   
431 O  O   . LEU A 98  ? 0.2490 0.6050 0.1922 0.0694  0.0116  -0.1550 99  LEU A O   
432 C  CB  . LEU A 98  ? 0.2357 0.5524 0.1759 0.0361  0.0397  -0.1394 99  LEU A CB  
433 C  CG  . LEU A 98  ? 0.2412 0.5961 0.2261 0.0230  0.0439  -0.0919 99  LEU A CG  
434 C  CD1 . LEU A 98  ? 0.2043 0.8853 0.3112 -0.0281 0.0588  -0.1174 99  LEU A CD1 
435 C  CD2 . LEU A 98  ? 0.3493 0.5817 0.2136 0.0545  0.0410  -0.1030 99  LEU A CD2 
436 N  N   . GLN A 99  ? 0.2070 0.4843 0.1425 0.1233  -0.0013 0.0145  100 GLN A N   
437 C  CA  . GLN A 99  ? 0.2282 0.5370 0.1380 0.1320  0.0198  0.0149  100 GLN A CA  
438 C  C   . GLN A 99  ? 0.2167 0.4775 0.1311 0.1179  0.0081  -0.0271 100 GLN A C   
439 O  O   . GLN A 99  ? 0.2598 0.4565 0.1480 0.1315  0.0245  -0.0559 100 GLN A O   
440 C  CB  . GLN A 99  ? 0.2983 0.5382 0.1577 0.1615  0.0999  0.0720  100 GLN A CB  
441 C  CG  . GLN A 99  ? 0.4257 0.5476 0.1764 0.2218  0.0068  -0.0050 100 GLN A CG  
442 C  CD  . GLN A 99  ? 0.4133 0.5493 0.1802 0.2385  0.0911  0.0562  100 GLN A CD  
443 O  OE1 . GLN A 99  ? 0.5612 0.6270 0.3927 0.2953  0.1431  0.1841  100 GLN A OE1 
444 N  NE2 . GLN A 99  ? 0.4721 0.6628 0.5453 0.1243  0.0297  0.0611  100 GLN A NE2 
445 N  N   . CYS A 100 ? 0.2414 0.3844 0.1303 0.0805  0.0147  -0.0008 101 CYS A N   
446 C  CA  . CYS A 100 ? 0.2175 0.3760 0.1060 0.0666  0.0321  -0.0143 101 CYS A CA  
447 C  C   . CYS A 100 ? 0.1952 0.3379 0.1698 0.0807  0.0246  -0.0226 101 CYS A C   
448 O  O   . CYS A 100 ? 0.2125 0.3681 0.3310 0.1001  0.0556  -0.0223 101 CYS A O   
449 C  CB  . CYS A 100 ? 0.2404 0.3500 0.1448 0.0522  0.0223  -0.0124 101 CYS A CB  
450 S  SG  . CYS A 100 ? 0.2279 0.3633 0.1697 0.0689  0.0484  0.0028  101 CYS A SG  
451 N  N   . HIS A 101 ? 0.1857 0.2803 0.1496 0.0900  0.0009  -0.0161 102 HIS A N   
452 C  CA  . HIS A 101 ? 0.2106 0.2871 0.1314 0.0746  -0.0043 -0.0288 102 HIS A CA  
453 C  C   . HIS A 101 ? 0.1850 0.3016 0.1738 0.0651  0.0093  -0.0537 102 HIS A C   
454 O  O   . HIS A 101 ? 0.2552 0.2653 0.2547 0.0766  -0.0654 -0.0804 102 HIS A O   
455 C  CB  . HIS A 101 ? 0.2131 0.2503 0.1441 0.0789  0.0033  -0.0218 102 HIS A CB  
456 C  CG  . HIS A 101 ? 0.1529 0.2728 0.1393 0.0650  0.0135  -0.0229 102 HIS A CG  
457 N  ND1 . HIS A 101 ? 0.1798 0.2959 0.1432 0.0889  0.0105  -0.0261 102 HIS A ND1 
458 C  CD2 . HIS A 101 ? 0.1660 0.2704 0.1140 0.0260  0.0345  -0.0007 102 HIS A CD2 
459 C  CE1 . HIS A 101 ? 0.2278 0.3454 0.1722 0.1466  -0.0377 -0.0859 102 HIS A CE1 
460 N  NE2 . HIS A 101 ? 0.1850 0.3064 0.1141 0.0804  0.0313  -0.0624 102 HIS A NE2 
461 N  N   . VAL A 102 ? 0.2046 0.3094 0.1576 0.0892  -0.0008 -0.0652 103 VAL A N   
462 C  CA  . VAL A 102 ? 0.2643 0.3038 0.1412 0.0684  0.0198  -0.0571 103 VAL A CA  
463 C  C   . VAL A 102 ? 0.2175 0.3661 0.1488 0.0432  0.0281  -0.0681 103 VAL A C   
464 O  O   . VAL A 102 ? 0.1950 0.3136 0.1701 0.0284  0.0283  -0.0378 103 VAL A O   
465 C  CB  . VAL A 102 ? 0.2934 0.3184 0.1648 0.0251  0.0717  -0.0812 103 VAL A CB  
466 C  CG1 . VAL A 102 ? 0.3474 0.4462 0.3229 -0.0163 0.1020  -0.2221 103 VAL A CG1 
467 C  CG2 . VAL A 102 ? 0.2662 0.3717 0.2122 0.1185  0.0576  0.0351  103 VAL A CG2 
468 N  N   . SER A 103 ? 0.2271 0.3429 0.1975 0.0557  -0.0103 -0.0918 104 SER A N   
469 C  CA  . SER A 103 ? 0.2413 0.3226 0.2547 0.0096  -0.0363 -0.0870 104 SER A CA  
470 C  C   . SER A 103 ? 0.3400 0.3359 0.3246 0.0355  0.0119  -0.0948 104 SER A C   
471 O  O   . SER A 103 ? 0.3595 0.3020 0.3620 0.0355  0.0293  -0.0761 104 SER A O   
472 C  CB  . SER A 103 ? 0.2343 0.4731 0.2566 0.0090  -0.0031 -0.1297 104 SER A CB  
473 O  OG  . SER A 103 ? 0.3241 0.3997 0.4743 -0.0542 0.1305  -0.2359 104 SER A OG  
474 FE FE  . HEC B .   ? 0.1780 0.2825 0.1546 0.0415  0.0178  -0.0376 125 HEC A FE  
475 C  CHA . HEC B .   ? 0.1880 0.2960 0.1525 0.0545  0.0156  -0.0754 125 HEC A CHA 
476 C  CHB . HEC B .   ? 0.1700 0.3253 0.1249 0.0321  0.0051  -0.0379 125 HEC A CHB 
477 C  CHC . HEC B .   ? 0.2104 0.2912 0.1609 0.0355  0.0640  -0.0368 125 HEC A CHC 
478 C  CHD . HEC B .   ? 0.1894 0.2931 0.1754 0.0124  -0.0023 -0.0299 125 HEC A CHD 
479 N  NA  . HEC B .   ? 0.1754 0.2759 0.1265 0.0195  0.0221  -0.0446 125 HEC A NA  
480 C  C1A . HEC B .   ? 0.1878 0.3056 0.1365 0.0530  0.0270  -0.0666 125 HEC A C1A 
481 C  C2A . HEC B .   ? 0.2072 0.2427 0.1650 0.0422  0.0032  -0.0222 125 HEC A C2A 
482 C  C3A . HEC B .   ? 0.2072 0.2426 0.1302 0.0504  0.0221  -0.0197 125 HEC A C3A 
483 C  C4A . HEC B .   ? 0.1845 0.2827 0.1208 0.0386  0.0183  -0.0188 125 HEC A C4A 
484 C  CMA . HEC B .   ? 0.2147 0.2691 0.1321 0.0442  0.0126  0.0005  125 HEC A CMA 
485 C  CAA . HEC B .   ? 0.2631 0.3067 0.1661 0.0488  -0.0330 -0.0432 125 HEC A CAA 
486 C  CBA . HEC B .   ? 0.2885 0.3106 0.2305 0.0641  -0.0669 -0.0808 125 HEC A CBA 
487 C  CGA . HEC B .   ? 0.2501 0.3240 0.2325 0.0646  -0.0388 -0.1111 125 HEC A CGA 
488 O  O1A . HEC B .   ? 0.2550 0.4485 0.2961 0.0924  -0.0276 -0.0516 125 HEC A O1A 
489 O  O2A . HEC B .   ? 0.2712 0.3378 0.2597 0.0653  0.0027  -0.0616 125 HEC A O2A 
490 N  NB  . HEC B .   ? 0.1541 0.2872 0.1438 0.0663  0.0469  -0.0477 125 HEC A NB  
491 C  C1B . HEC B .   ? 0.1481 0.2619 0.1395 0.0435  0.0177  -0.0471 125 HEC A C1B 
492 C  C2B . HEC B .   ? 0.1463 0.2854 0.1552 0.0504  0.0308  -0.0451 125 HEC A C2B 
493 C  C3B . HEC B .   ? 0.1580 0.2918 0.1552 0.0664  0.0328  -0.0331 125 HEC A C3B 
494 C  C4B . HEC B .   ? 0.1505 0.3090 0.1333 0.0281  0.0166  -0.0362 125 HEC A C4B 
495 C  CMB . HEC B .   ? 0.1545 0.3288 0.1661 0.0429  0.0410  -0.0525 125 HEC A CMB 
496 C  CAB . HEC B .   ? 0.1865 0.2339 0.2306 0.0683  0.0216  -0.0484 125 HEC A CAB 
497 C  CBB . HEC B .   ? 0.2170 0.2504 0.1720 0.0637  0.0651  -0.0149 125 HEC A CBB 
498 N  NC  . HEC B .   ? 0.2259 0.3168 0.1168 0.0584  0.0454  -0.0103 125 HEC A NC  
499 C  C1C . HEC B .   ? 0.2067 0.2793 0.1448 0.0449  0.0543  0.0032  125 HEC A C1C 
500 C  C2C . HEC B .   ? 0.1991 0.2766 0.1622 0.0352  0.0477  0.0318  125 HEC A C2C 
501 C  C3C . HEC B .   ? 0.1755 0.3141 0.1554 0.0063  0.0440  0.0189  125 HEC A C3C 
502 C  C4C . HEC B .   ? 0.1922 0.3915 0.1029 0.0418  0.0070  -0.0339 125 HEC A C4C 
503 C  CMC . HEC B .   ? 0.2553 0.4076 0.1860 0.0421  0.0112  0.0770  125 HEC A CMC 
504 C  CAC . HEC B .   ? 0.2143 0.3925 0.1817 -0.0270 0.0799  0.0018  125 HEC A CAC 
505 C  CBC . HEC B .   ? 0.2362 0.3991 0.2048 -0.0267 0.1056  0.0186  125 HEC A CBC 
506 N  ND  . HEC B .   ? 0.1482 0.3468 0.1798 0.0951  0.0335  -0.0225 125 HEC A ND  
507 C  C1D . HEC B .   ? 0.1451 0.2316 0.2099 0.0625  0.0271  -0.0212 125 HEC A C1D 
508 C  C2D . HEC B .   ? 0.1423 0.3263 0.2426 0.0806  0.0354  0.0112  125 HEC A C2D 
509 C  C3D . HEC B .   ? 0.1409 0.3435 0.2097 0.0553  -0.0042 -0.0193 125 HEC A C3D 
510 C  C4D . HEC B .   ? 0.1495 0.2851 0.1916 0.0807  0.0216  -0.0292 125 HEC A C4D 
511 C  CMD . HEC B .   ? 0.1323 0.3445 0.2764 0.0175  0.0350  -0.0507 125 HEC A CMD 
512 C  CAD . HEC B .   ? 0.1456 0.3362 0.2493 0.0535  -0.0420 -0.0427 125 HEC A CAD 
513 C  CBD . HEC B .   ? 0.3187 0.3852 0.2945 0.1152  -0.1134 -0.0829 125 HEC A CBD 
514 C  CGD . HEC B .   ? 0.2869 0.3544 0.2634 0.0324  -0.0783 -0.0656 125 HEC A CGD 
515 O  O1D . HEC B .   ? 0.3512 0.3630 0.3628 0.0700  -0.0208 -0.0824 125 HEC A O1D 
516 O  O2D . HEC B .   ? 0.2940 0.4729 0.4228 -0.0290 -0.0443 0.0092  125 HEC A O2D 
517 FE FE  . HEC C .   ? 0.1811 0.2261 0.1514 0.0526  0.0154  -0.0540 126 HEC A FE  
518 C  CHA . HEC C .   ? 0.2015 0.2103 0.1856 0.0247  0.0481  -0.0432 126 HEC A CHA 
519 C  CHB . HEC C .   ? 0.1549 0.2133 0.1621 0.0217  -0.0181 -0.0530 126 HEC A CHB 
520 C  CHC . HEC C .   ? 0.1769 0.2566 0.1384 0.0252  0.0310  -0.0823 126 HEC A CHC 
521 C  CHD . HEC C .   ? 0.2061 0.2382 0.1743 0.0564  0.0206  -0.0490 126 HEC A CHD 
522 N  NA  . HEC C .   ? 0.1683 0.2480 0.1447 0.0604  0.0286  -0.0591 126 HEC A NA  
523 C  C1A . HEC C .   ? 0.1597 0.2160 0.1671 0.0439  0.0239  -0.0442 126 HEC A C1A 
524 C  C2A . HEC C .   ? 0.1675 0.2521 0.1269 0.0594  0.0290  -0.0376 126 HEC A C2A 
525 C  C3A . HEC C .   ? 0.1715 0.2349 0.1546 0.0807  0.0442  -0.0314 126 HEC A C3A 
526 C  C4A . HEC C .   ? 0.1637 0.2207 0.1462 0.0539  0.0119  -0.0536 126 HEC A C4A 
527 C  CMA . HEC C .   ? 0.1765 0.2422 0.1663 0.0754  0.0371  0.0011  126 HEC A CMA 
528 C  CAA . HEC C .   ? 0.1694 0.2447 0.1808 0.0657  0.0068  -0.0427 126 HEC A CAA 
529 C  CBA . HEC C .   ? 0.2396 0.3068 0.2562 0.0236  -0.0552 -0.0604 126 HEC A CBA 
530 C  CGA . HEC C .   ? 0.3017 0.4487 0.3324 0.0174  -0.1342 -0.0081 126 HEC A CGA 
531 O  O1A . HEC C .   ? 0.2918 1.0251 0.4067 0.1520  -0.1348 0.1274  126 HEC A O1A 
532 O  O2A . HEC C .   ? 0.5114 0.7252 0.3019 0.1703  -0.0842 0.0778  126 HEC A O2A 
533 N  NB  . HEC C .   ? 0.1777 0.2287 0.1236 0.0374  0.0171  -0.0434 126 HEC A NB  
534 C  C1B . HEC C .   ? 0.1548 0.2131 0.1437 0.0401  0.0062  -0.0430 126 HEC A C1B 
535 C  C2B . HEC C .   ? 0.1737 0.2415 0.1210 0.0494  0.0152  -0.0402 126 HEC A C2B 
536 C  C3B . HEC C .   ? 0.1753 0.3006 0.1233 0.0942  0.0194  -0.0397 126 HEC A C3B 
537 C  C4B . HEC C .   ? 0.1577 0.2639 0.1309 0.0528  0.0133  -0.0613 126 HEC A C4B 
538 C  CMB . HEC C .   ? 0.2226 0.2451 0.1609 0.0521  0.0527  -0.0312 126 HEC A CMB 
539 C  CAB . HEC C .   ? 0.1948 0.3040 0.1138 0.0441  -0.0259 -0.0664 126 HEC A CAB 
540 C  CBB . HEC C .   ? 0.2048 0.3627 0.1376 -0.0030 -0.0022 -0.0957 126 HEC A CBB 
541 N  NC  . HEC C .   ? 0.1655 0.1878 0.1736 0.0140  0.0085  -0.0578 126 HEC A NC  
542 C  C1C . HEC C .   ? 0.1720 0.2175 0.1464 0.0316  0.0171  -0.0696 126 HEC A C1C 
543 C  C2C . HEC C .   ? 0.1819 0.2039 0.1628 0.0402  0.0328  -0.0485 126 HEC A C2C 
544 C  C3C . HEC C .   ? 0.1737 0.2009 0.1946 0.0186  0.0348  -0.0227 126 HEC A C3C 
545 C  C4C . HEC C .   ? 0.1886 0.2362 0.1634 0.0450  0.0189  -0.0538 126 HEC A C4C 
546 C  CMC . HEC C .   ? 0.1867 0.2717 0.1887 0.0695  0.0176  -0.0526 126 HEC A CMC 
547 C  CAC . HEC C .   ? 0.1953 0.2127 0.2113 0.0247  0.0598  -0.0127 126 HEC A CAC 
548 C  CBC . HEC C .   ? 0.1943 0.2197 0.2600 0.0159  0.0779  -0.0241 126 HEC A CBC 
549 N  ND  . HEC C .   ? 0.2222 0.2374 0.1612 0.0541  0.0465  -0.0431 126 HEC A ND  
550 C  C1D . HEC C .   ? 0.1869 0.1402 0.1848 0.0123  0.0261  -0.0441 126 HEC A C1D 
551 C  C2D . HEC C .   ? 0.1897 0.1879 0.1823 0.0265  0.0369  -0.0339 126 HEC A C2D 
552 C  C3D . HEC C .   ? 0.1884 0.2061 0.1708 0.0373  0.0273  -0.0454 126 HEC A C3D 
553 C  C4D . HEC C .   ? 0.1930 0.2585 0.1570 0.0295  0.0346  -0.0532 126 HEC A C4D 
554 C  CMD . HEC C .   ? 0.2323 0.2071 0.1981 0.0258  0.0660  -0.0276 126 HEC A CMD 
555 C  CAD . HEC C .   ? 0.2955 0.2566 0.2160 0.1192  0.0028  -0.0442 126 HEC A CAD 
556 C  CBD . HEC C .   ? 0.3041 0.3490 0.2061 0.1141  -0.0282 -0.0349 126 HEC A CBD 
557 C  CGD . HEC C .   ? 0.3184 0.3582 0.5221 0.0510  0.0097  -0.0611 126 HEC A CGD 
558 O  O1D . HEC C .   ? 0.2790 0.4268 0.5465 0.0656  -0.0122 0.0016  126 HEC A O1D 
559 O  O2D . HEC C .   ? 0.3896 0.3646 0.2915 0.0590  0.0278  -0.0705 126 HEC A O2D 
560 O  O   . HOH D .   ? 0.2170 0.3252 0.2022 0.0554  0.0274  -0.0422 127 HOH A O   
561 O  O   . HOH D .   ? 0.2089 0.3442 0.2122 0.0559  0.0152  -0.0719 128 HOH A O   
562 O  O   . HOH D .   ? 0.3088 0.2677 0.1892 0.0675  0.0044  -0.0370 129 HOH A O   
563 O  O   . HOH D .   ? 0.4476 0.4214 0.1583 0.0720  0.0528  -0.0066 130 HOH A O   
564 O  O   . HOH D .   ? 0.3456 0.2728 0.3346 -0.0239 0.0305  -0.0581 131 HOH A O   
565 O  O   . HOH D .   ? 0.2648 0.4042 0.2735 0.1079  0.0683  -0.0115 132 HOH A O   
566 O  O   . HOH D .   ? 0.4185 0.3831 0.2162 0.0016  0.0462  -0.0878 133 HOH A O   
567 O  O   . HOH D .   ? 0.3383 0.3718 0.2824 -0.0548 -0.0209 -0.0314 134 HOH A O   
568 O  O   . HOH D .   ? 0.4100 0.4055 0.1964 -0.0529 -0.0699 0.0235  135 HOH A O   
569 O  O   . HOH D .   ? 0.5877 0.3950 0.1619 -0.2559 0.0384  -0.0373 136 HOH A O   
570 O  O   . HOH D .   ? 0.4089 0.4315 0.2923 -0.0090 -0.0289 -0.0946 137 HOH A O   
571 O  O   . HOH D .   ? 0.2662 0.5327 0.2247 -0.0158 -0.0021 0.0583  138 HOH A O   
572 O  O   . HOH D .   ? 0.4193 0.6510 0.2321 0.1494  -0.0545 0.0649  139 HOH A O   
573 O  O   . HOH D .   ? 0.3062 0.6029 0.2174 -0.0073 -0.0935 0.0584  140 HOH A O   
574 O  O   . HOH D .   ? 0.4326 0.3820 0.3256 0.0208  0.0803  0.0325  141 HOH A O   
575 O  O   . HOH D .   ? 0.3834 0.3389 0.4667 -0.0123 -0.0474 -0.1589 142 HOH A O   
576 O  O   . HOH D .   ? 0.4211 0.8355 0.3291 0.1843  -0.0553 0.0378  143 HOH A O   
577 O  O   . HOH D .   ? 0.4151 0.6419 0.3877 0.1465  -0.0716 -0.0758 144 HOH A O   
578 O  O   . HOH D .   ? 0.4579 0.4102 0.3445 -0.0506 0.0317  -0.0286 145 HOH A O   
579 O  O   . HOH D .   ? 0.3053 0.3926 0.4217 0.0015  -0.1303 -0.1112 146 HOH A O   
580 O  O   . HOH D .   ? 0.4123 0.3194 0.3618 0.0729  0.0052  -0.1108 147 HOH A O   
581 O  O   . HOH D .   ? 0.3559 0.3501 0.3476 -0.0488 0.0264  0.0391  148 HOH A O   
582 O  O   . HOH D .   ? 0.4535 0.3996 0.3124 0.0400  0.1135  -0.0910 149 HOH A O   
583 O  O   . HOH D .   ? 0.4318 0.5726 0.5724 0.1733  -0.0354 -0.2205 150 HOH A O   
584 O  O   . HOH D .   ? 0.5823 0.9127 0.2816 -0.0495 -0.0370 -0.1599 151 HOH A O   
585 O  O   . HOH D .   ? 0.3038 0.4497 0.4736 0.0144  0.0640  0.0233  152 HOH A O   
586 O  O   . HOH D .   ? 0.4159 0.5070 0.3077 0.1397  0.0287  -0.0396 153 HOH A O   
587 O  O   . HOH D .   ? 0.4162 0.5681 0.3822 0.0142  0.0510  -0.0555 154 HOH A O   
588 O  O   . HOH D .   ? 0.4417 0.4029 0.4554 0.0881  -0.1748 0.0728  155 HOH A O   
589 O  O   . HOH D .   ? 0.6361 0.4391 0.3372 0.0281  0.1067  -0.1864 156 HOH A O   
590 O  O   . HOH D .   ? 0.7876 0.5324 0.4295 -0.0842 0.1102  -0.1916 157 HOH A O   
591 O  O   . HOH D .   ? 0.4572 0.7796 0.4211 0.1322  0.0577  -0.0842 158 HOH A O   
592 O  O   . HOH D .   ? 0.7020 0.4159 0.7470 0.1204  -0.0682 0.0535  159 HOH A O   
593 O  O   . HOH D .   ? 0.3003 0.3415 0.3124 0.0592  -0.0067 -0.0078 160 HOH A O   
594 O  O   . HOH D .   ? 0.4511 0.3980 0.3601 0.0435  0.0678  -0.0820 161 HOH A O   
595 O  O   . HOH D .   ? 0.3290 0.3954 0.5083 0.0045  -0.0441 -0.1157 162 HOH A O   
596 O  O   . HOH D .   ? 0.6236 0.6197 0.5788 0.0816  0.0254  -0.1792 163 HOH A O   
597 O  O   . HOH D .   ? 0.5208 0.5131 0.4534 0.0852  0.0182  -0.1390 164 HOH A O   
598 O  O   . HOH D .   ? 0.3738 0.4446 0.7534 -0.0666 0.0072  0.0533  165 HOH A O   
599 O  O   . HOH D .   ? 0.4268 0.3230 0.7057 0.0216  -0.0822 0.0209  166 HOH A O   
600 O  O   . HOH D .   ? 0.7370 0.6526 0.3432 0.0963  0.0523  0.0629  167 HOH A O   
601 O  O   . HOH D .   ? 0.9498 0.5408 0.4900 -0.2270 -0.1341 0.0631  168 HOH A O   
602 O  O   . HOH D .   ? 0.7075 0.6752 0.3175 0.2003  0.0438  -0.0466 169 HOH A O   
603 O  O   . HOH D .   ? 0.3756 0.4906 0.5991 0.0989  -0.1518 -0.1745 170 HOH A O   
604 O  O   . HOH D .   ? 0.6805 0.5453 0.5205 0.1248  0.0358  -0.1686 171 HOH A O   
605 O  O   . HOH D .   ? 0.5766 0.6547 0.7725 0.0917  0.2226  0.0490  172 HOH A O   
606 O  O   . HOH D .   ? 0.6526 0.6944 0.6127 0.0778  0.0122  0.0617  173 HOH A O   
607 O  O   . HOH D .   ? 0.8027 0.8339 0.5844 -0.0465 0.0965  -0.0749 174 HOH A O   
608 O  O   . HOH D .   ? 0.5017 0.5133 0.4231 0.1031  -0.1126 -0.0729 175 HOH A O   
609 O  O   . HOH D .   ? 0.4624 0.4050 0.5724 0.0407  -0.0208 -0.0923 176 HOH A O   
610 O  O   . HOH D .   ? 0.8483 0.4378 0.9567 -0.0158 -0.0166 0.0377  177 HOH A O   
611 O  O   . HOH D .   ? 0.4542 0.4444 0.5177 -0.0392 -0.0335 -0.0079 178 HOH A O   
612 O  O   . HOH D .   ? 0.5480 0.8250 0.5026 0.1702  -0.1649 -0.0747 179 HOH A O   
613 O  O   . HOH D .   ? 0.5470 0.7686 0.5769 -0.0482 0.0216  0.1285  180 HOH A O   
614 O  O   . HOH D .   ? 0.6756 0.5993 0.4340 0.0317  -0.0370 0.1745  181 HOH A O   
615 O  O   . HOH D .   ? 0.3555 0.4912 0.4782 0.0400  0.0406  0.0024  182 HOH A O   
616 O  O   . HOH D .   ? 0.9225 0.6293 0.6499 0.1188  -0.1364 0.0835  183 HOH A O   
617 O  O   . HOH D .   ? 0.3108 0.7658 0.4877 -0.0342 0.0789  -0.0267 184 HOH A O   
618 O  O   . HOH D .   ? 0.5821 0.5986 0.7787 0.2633  0.1344  -0.1295 185 HOH A O   
619 O  O   . HOH D .   ? 0.6113 0.3995 0.6991 -0.0592 0.0301  -0.1230 186 HOH A O   
620 O  O   . HOH D .   ? 0.6710 0.6854 0.6309 0.0767  0.2264  -0.1718 187 HOH A O   
621 O  O   . HOH D .   ? 0.5243 0.3573 0.7825 0.1527  0.2096  0.0487  188 HOH A O   
622 O  O   . HOH D .   ? 1.0133 0.8398 0.6471 0.0150  0.0592  0.0022  189 HOH A O   
623 O  O   . HOH D .   ? 0.4419 0.5700 0.4107 0.2375  -0.0642 -0.0006 190 HOH A O   
624 O  O   . HOH D .   ? 0.5855 0.3220 0.9313 0.0671  -0.0716 -0.0783 191 HOH A O   
625 O  O   . HOH D .   ? 0.6656 0.2854 0.5231 -0.0569 0.0462  -0.1553 192 HOH A O   
626 O  O   . HOH D .   ? 0.6511 0.7806 0.3029 -0.1307 -0.0653 0.0474  193 HOH A O   
627 O  O   . HOH D .   ? 0.4096 0.7097 0.6229 -0.1513 -0.1102 0.0299  194 HOH A O   
628 O  O   . HOH D .   ? 0.4872 0.4804 0.5855 0.1385  -0.1583 -0.0394 195 HOH A O   
629 O  O   . HOH D .   ? 0.4570 0.8457 0.6477 0.2580  0.0527  0.1015  196 HOH A O   
630 O  O   . HOH D .   ? 0.5440 0.6042 0.5425 0.0017  -0.0399 0.0004  197 HOH A O   
631 O  O   . HOH D .   ? 0.7052 0.4132 0.6567 -0.0032 0.1358  -0.1254 198 HOH A O   
632 O  O   . HOH D .   ? 0.4940 0.6466 0.5944 -0.0521 0.1487  0.1312  199 HOH A O   
633 O  O   . HOH D .   ? 0.6135 0.6636 0.9091 0.2774  -0.1551 0.0247  200 HOH A O   
634 O  O   . HOH D .   ? 0.8227 0.7418 0.6609 0.0122  -0.0671 0.0143  201 HOH A O   
635 O  O   . HOH D .   ? 0.6487 0.6367 0.7592 0.0321  -0.0705 -0.0491 202 HOH A O   
636 O  O   . HOH D .   ? 0.5564 0.7910 0.4975 0.1252  -0.2371 0.0569  203 HOH A O   
637 O  O   . HOH D .   ? 0.8190 0.6112 0.6303 -0.0881 -0.0373 -0.0972 204 HOH A O   
638 O  O   . HOH D .   ? 0.5505 0.4432 0.7154 0.0695  -0.0859 -0.0436 205 HOH A O   
639 O  O   . HOH D .   ? 0.7169 0.6478 0.7250 0.0128  0.0319  -0.0400 206 HOH A O   
640 O  O   . HOH D .   ? 0.5209 0.3427 0.6311 0.0170  -0.1721 -0.0862 207 HOH A O   
641 O  O   . HOH D .   ? 0.6710 0.5775 0.6840 0.0464  -0.0468 -0.0760 208 HOH A O   
642 O  O   . HOH D .   ? 0.8521 0.7029 0.8787 0.1639  0.1111  -0.0745 209 HOH A O   
643 O  O   . HOH D .   ? 0.5798 0.7077 0.4297 -0.1053 -0.1715 0.1260  210 HOH A O   
644 O  O   . HOH D .   ? 0.6522 0.5990 0.8566 0.3448  0.0922  -0.1357 211 HOH A O   
645 O  O   . HOH D .   ? 0.5420 0.8361 0.4681 -0.0177 -0.0659 -0.0177 212 HOH A O   
646 O  O   . HOH D .   ? 0.9486 0.7151 0.7637 -0.1731 -0.0998 -0.2014 213 HOH A O   
647 O  O   . HOH D .   ? 0.9411 0.5101 0.5968 -0.0362 -0.0311 -0.1283 214 HOH A O   
648 O  O   . HOH D .   ? 0.7470 0.4824 0.7217 0.0170  -0.0952 -0.0176 215 HOH A O   
649 O  O   . HOH D .   ? 0.6064 0.4837 0.3547 0.1174  -0.0848 0.0715  216 HOH A O   
650 O  O   . HOH D .   ? 0.4127 0.4455 0.3282 0.1150  0.0021  -0.1847 217 HOH A O   
651 O  O   . HOH D .   ? 0.5106 0.4149 0.5303 -0.0909 -0.0120 -0.0888 218 HOH A O   
652 O  O   . HOH D .   ? 0.3539 0.4947 0.6086 -0.0190 0.1360  -0.0332 219 HOH A O   
653 O  O   . HOH D .   ? 0.5651 0.6745 0.6477 -0.1921 0.0673  0.0512  220 HOH A O   
654 O  O   . HOH D .   ? 1.2595 1.1787 1.2284 -0.1662 0.0771  -0.0309 221 HOH A O   
655 O  O   . HOH D .   ? 0.8275 0.6407 0.4745 -0.0758 0.0074  0.0890  222 HOH A O   
656 O  O   . HOH D .   ? 0.7454 0.8144 0.6843 -0.1309 0.1053  0.1571  223 HOH A O   
657 O  O   . HOH D .   ? 0.7848 0.7189 0.6251 -0.0507 0.1765  -0.0351 224 HOH A O   
658 O  O   . HOH D .   ? 0.9076 0.8181 0.7389 -0.0912 0.0936  0.0992  225 HOH A O   
659 O  O   . HOH D .   ? 0.7253 0.7262 0.8601 0.0202  -0.0713 -0.0820 226 HOH A O   
660 O  O   . HOH D .   ? 0.8869 0.7845 0.8307 0.0565  -0.0389 0.0718  227 HOH A O   
661 O  O   . HOH D .   ? 0.7906 0.6077 0.7177 0.1045  0.0322  -0.0010 228 HOH A O   
662 O  O   . HOH D .   ? 1.0068 0.9685 1.1133 -0.0833 0.1592  -0.0334 229 HOH A O   
663 O  O   . HOH D .   ? 0.7293 0.7559 0.6451 0.1067  0.0158  0.0673  230 HOH A O   
664 O  O   . HOH D .   ? 0.8935 0.8250 0.6652 -0.0324 -0.0240 -0.0964 231 HOH A O   
665 O  O   . HOH D .   ? 0.6198 0.8062 1.1342 0.0552  0.0467  -0.0194 232 HOH A O   
666 O  O   . HOH D .   ? 0.6322 0.6681 0.9677 0.0375  -0.1575 -0.0452 233 HOH A O   
667 O  O   . HOH D .   ? 1.0850 1.0638 0.7499 0.0245  -0.1214 -0.0785 234 HOH A O   
668 O  O   . HOH D .   ? 0.7513 0.7926 0.7272 -0.0695 -0.0113 0.0525  235 HOH A O   
669 O  O   . HOH D .   ? 0.9541 1.0671 0.8021 0.0100  -0.0559 -0.0309 236 HOH A O   
670 O  O   . HOH D .   ? 0.6697 0.8980 0.5406 0.0272  -0.0293 0.0527  237 HOH A O   
671 O  O   . HOH D .   ? 1.1668 0.9766 1.0056 0.1375  -0.1076 -0.0324 238 HOH A O   
672 O  O   . HOH D .   ? 0.8873 0.9183 0.6554 -0.0467 -0.1523 0.1382  239 HOH A O   
673 O  O   . HOH D .   ? 0.9332 0.8174 0.8858 -0.0404 0.0216  0.1038  240 HOH A O   
674 O  O   . HOH D .   ? 1.0240 0.8366 0.9551 0.0591  -0.1479 -0.2609 241 HOH A O   
675 O  O   . HOH D .   ? 0.7305 0.6290 0.9638 -0.0123 0.1899  0.0390  242 HOH A O   
676 O  O   . HOH D .   ? 0.7730 0.8900 0.6592 -0.1598 -0.0357 0.0868  243 HOH A O   
677 O  O   . HOH D .   ? 0.5771 0.7269 0.7571 -0.1346 0.1062  0.0579  244 HOH A O   
678 O  O   . HOH D .   ? 0.6250 0.8964 0.8784 0.0821  0.1725  0.0061  245 HOH A O   
679 O  O   . HOH D .   ? 0.8086 0.9585 0.8021 0.1277  0.0441  0.0987  246 HOH A O   
680 O  O   . HOH D .   ? 0.6235 0.3952 0.8857 0.0353  -0.1249 0.0075  247 HOH A O   
681 O  O   . HOH D .   ? 0.6672 0.6286 0.9014 -0.0274 0.0806  -0.1255 248 HOH A O   
682 O  O   . HOH D .   ? 1.2304 1.4462 1.3066 0.0144  0.0296  0.0105  249 HOH A O   
683 O  O   . HOH D .   ? 0.6258 0.8225 0.9675 -0.1113 0.1204  0.1998  250 HOH A O   
684 O  O   . HOH D .   ? 0.9777 0.9776 0.8022 -0.0179 -0.0100 0.0122  251 HOH A O   
685 O  O   . HOH D .   ? 1.3154 1.3063 1.2191 -0.0058 0.0032  -0.0320 252 HOH A O   
686 O  O   . HOH D .   ? 1.2942 1.1426 1.3419 0.0512  -0.0583 -0.0731 253 HOH A O   
687 O  O   . HOH D .   ? 0.9661 1.0753 0.7515 -0.0984 -0.0196 0.1369  254 HOH A O   
# 
